data_7YAQ
# 
_entry.id   7YAQ 
# 
_audit_conform.dict_name       mmcif_pdbx.dic 
_audit_conform.dict_version    5.391 
_audit_conform.dict_location   http://mmcif.pdb.org/dictionaries/ascii/mmcif_pdbx.dic 
# 
loop_
_database_2.database_id 
_database_2.database_code 
_database_2.pdbx_database_accession 
_database_2.pdbx_DOI 
PDB   7YAQ         pdb_00007yaq 10.2210/pdb7yaq/pdb 
WWPDB D_1300030588 ?            ?                   
# 
loop_
_pdbx_audit_revision_history.ordinal 
_pdbx_audit_revision_history.data_content_type 
_pdbx_audit_revision_history.major_revision 
_pdbx_audit_revision_history.minor_revision 
_pdbx_audit_revision_history.revision_date 
1 'Structure model' 1 0 2023-03-08 
2 'Structure model' 1 1 2024-05-08 
# 
_pdbx_audit_revision_details.ordinal             1 
_pdbx_audit_revision_details.revision_ordinal    1 
_pdbx_audit_revision_details.data_content_type   'Structure model' 
_pdbx_audit_revision_details.provider            repository 
_pdbx_audit_revision_details.type                'Initial release' 
_pdbx_audit_revision_details.description         ? 
_pdbx_audit_revision_details.details             ? 
# 
loop_
_pdbx_audit_revision_group.ordinal 
_pdbx_audit_revision_group.revision_ordinal 
_pdbx_audit_revision_group.data_content_type 
_pdbx_audit_revision_group.group 
1 2 'Structure model' 'Data collection'     
2 2 'Structure model' 'Database references' 
# 
loop_
_pdbx_audit_revision_category.ordinal 
_pdbx_audit_revision_category.revision_ordinal 
_pdbx_audit_revision_category.data_content_type 
_pdbx_audit_revision_category.category 
1 2 'Structure model' chem_comp_atom  
2 2 'Structure model' chem_comp_bond  
3 2 'Structure model' citation        
4 2 'Structure model' citation_author 
# 
loop_
_pdbx_audit_revision_item.ordinal 
_pdbx_audit_revision_item.revision_ordinal 
_pdbx_audit_revision_item.data_content_type 
_pdbx_audit_revision_item.item 
1 2 'Structure model' '_citation.page_first'              
2 2 'Structure model' '_citation.page_last'               
3 2 'Structure model' '_citation.pdbx_database_id_PubMed' 
4 2 'Structure model' '_citation_author.name'             
# 
_pdbx_database_status.status_code                     REL 
_pdbx_database_status.status_code_sf                  REL 
_pdbx_database_status.status_code_mr                  ? 
_pdbx_database_status.entry_id                        7YAQ 
_pdbx_database_status.recvd_initial_deposition_date   2022-06-28 
_pdbx_database_status.SG_entry                        N 
_pdbx_database_status.deposit_site                    PDBJ 
_pdbx_database_status.process_site                    PDBJ 
_pdbx_database_status.status_code_cs                  ? 
_pdbx_database_status.status_code_nmr_data            ? 
_pdbx_database_status.methods_development_category    ? 
_pdbx_database_status.pdb_format_compatible           Y 
# 
loop_
_pdbx_database_related.db_name 
_pdbx_database_related.details 
_pdbx_database_related.db_id 
_pdbx_database_related.content_type 
PDB . 7VS6 unspecified 
PDB . 7VUB unspecified 
PDB . 7VWB unspecified 
PDB . 7W4B unspecified 
# 
_pdbx_contact_author.id                 2 
_pdbx_contact_author.email              surolia@iisc.ac.in 
_pdbx_contact_author.name_first         Avadhesha 
_pdbx_contact_author.name_last          Surolia 
_pdbx_contact_author.name_mi            ? 
_pdbx_contact_author.role               'principal investigator/group leader' 
_pdbx_contact_author.identifier_ORCID   0000-0002-2466-2514 
# 
loop_
_audit_author.name 
_audit_author.pdbx_ordinal 
_audit_author.identifier_ORCID 
'Sivaji, N.'    1 ? 
'Bobbili, K.B.' 2 ? 
'Priya, B.'     3 ? 
'Suguna, K.'    4 ? 
'Surolia, A.'   5 ? 
# 
_citation.abstract                  ? 
_citation.abstract_id_CAS           ? 
_citation.book_id_ISBN              ? 
_citation.book_publisher            ? 
_citation.book_publisher_city       ? 
_citation.book_title                ? 
_citation.coordinate_linkage        ? 
_citation.country                   UK 
_citation.database_id_Medline       ? 
_citation.details                   ? 
_citation.id                        primary 
_citation.journal_abbrev            Structure 
_citation.journal_id_ASTM           STRUE6 
_citation.journal_id_CSD            2005 
_citation.journal_id_ISSN           0969-2126 
_citation.journal_full              ? 
_citation.journal_issue             ? 
_citation.journal_volume            31 
_citation.language                  ? 
_citation.page_first                464 
_citation.page_last                 ? 
_citation.title                     
'Structure and interactions of the phloem lectin (phloem protein 2) Cus17 from Cucumis sativus.' 
_citation.year                      2023 
_citation.database_id_CSD           ? 
_citation.pdbx_database_id_DOI      10.1016/j.str.2023.02.008 
_citation.pdbx_database_id_PubMed   36882058 
_citation.pdbx_database_id_patent   ? 
_citation.unpublished_flag          ? 
# 
loop_
_citation_author.citation_id 
_citation_author.name 
_citation_author.ordinal 
_citation_author.identifier_ORCID 
primary 'Bobbili, K.B.' 1 ? 
primary 'Sivaji, N.'    2 ? 
primary 'Priya, B.'     3 ? 
primary 'Suguna, K.'    4 ? 
primary 'Surolia, A.'   5 ? 
# 
loop_
_entity.id 
_entity.type 
_entity.src_method 
_entity.pdbx_description 
_entity.formula_weight 
_entity.pdbx_number_of_molecules 
_entity.pdbx_ec 
_entity.pdbx_mutation 
_entity.pdbx_fragment 
_entity.details 
1 polymer man '17 kDa phloem lectin' 17623.807 1  ? C34S ? ? 
2 water   nat water                  18.015    67 ? ?    ? ? 
# 
_entity_poly.entity_id                      1 
_entity_poly.type                           'polypeptide(L)' 
_entity_poly.nstd_linkage                   no 
_entity_poly.nstd_monomer                   no 
_entity_poly.pdbx_seq_one_letter_code       
;MAGQSTHYLAFPRASTITWGDDTRYWSWATVDFSSYAIEEARLLQVSWLDCRWSMDASDFKQDIWYNASVEVMLTSNASG
WNVPLHLEIELPDGSKQESQIVLAGRQPNVWFKIPIGKFILRGSLTSGTIRFGFYNHEGNWKRGLNIRTLAIQA
;
_entity_poly.pdbx_seq_one_letter_code_can   
;MAGQSTHYLAFPRASTITWGDDTRYWSWATVDFSSYAIEEARLLQVSWLDCRWSMDASDFKQDIWYNASVEVMLTSNASG
WNVPLHLEIELPDGSKQESQIVLAGRQPNVWFKIPIGKFILRGSLTSGTIRFGFYNHEGNWKRGLNIRTLAIQA
;
_entity_poly.pdbx_strand_id                 A 
_entity_poly.pdbx_target_identifier         ? 
# 
_pdbx_entity_nonpoly.entity_id   2 
_pdbx_entity_nonpoly.name        water 
_pdbx_entity_nonpoly.comp_id     HOH 
# 
loop_
_entity_poly_seq.entity_id 
_entity_poly_seq.num 
_entity_poly_seq.mon_id 
_entity_poly_seq.hetero 
1 1   MET n 
1 2   ALA n 
1 3   GLY n 
1 4   GLN n 
1 5   SER n 
1 6   THR n 
1 7   HIS n 
1 8   TYR n 
1 9   LEU n 
1 10  ALA n 
1 11  PHE n 
1 12  PRO n 
1 13  ARG n 
1 14  ALA n 
1 15  SER n 
1 16  THR n 
1 17  ILE n 
1 18  THR n 
1 19  TRP n 
1 20  GLY n 
1 21  ASP n 
1 22  ASP n 
1 23  THR n 
1 24  ARG n 
1 25  TYR n 
1 26  TRP n 
1 27  SER n 
1 28  TRP n 
1 29  ALA n 
1 30  THR n 
1 31  VAL n 
1 32  ASP n 
1 33  PHE n 
1 34  SER n 
1 35  SER n 
1 36  TYR n 
1 37  ALA n 
1 38  ILE n 
1 39  GLU n 
1 40  GLU n 
1 41  ALA n 
1 42  ARG n 
1 43  LEU n 
1 44  LEU n 
1 45  GLN n 
1 46  VAL n 
1 47  SER n 
1 48  TRP n 
1 49  LEU n 
1 50  ASP n 
1 51  CYS n 
1 52  ARG n 
1 53  TRP n 
1 54  SER n 
1 55  MET n 
1 56  ASP n 
1 57  ALA n 
1 58  SER n 
1 59  ASP n 
1 60  PHE n 
1 61  LYS n 
1 62  GLN n 
1 63  ASP n 
1 64  ILE n 
1 65  TRP n 
1 66  TYR n 
1 67  ASN n 
1 68  ALA n 
1 69  SER n 
1 70  VAL n 
1 71  GLU n 
1 72  VAL n 
1 73  MET n 
1 74  LEU n 
1 75  THR n 
1 76  SER n 
1 77  ASN n 
1 78  ALA n 
1 79  SER n 
1 80  GLY n 
1 81  TRP n 
1 82  ASN n 
1 83  VAL n 
1 84  PRO n 
1 85  LEU n 
1 86  HIS n 
1 87  LEU n 
1 88  GLU n 
1 89  ILE n 
1 90  GLU n 
1 91  LEU n 
1 92  PRO n 
1 93  ASP n 
1 94  GLY n 
1 95  SER n 
1 96  LYS n 
1 97  GLN n 
1 98  GLU n 
1 99  SER n 
1 100 GLN n 
1 101 ILE n 
1 102 VAL n 
1 103 LEU n 
1 104 ALA n 
1 105 GLY n 
1 106 ARG n 
1 107 GLN n 
1 108 PRO n 
1 109 ASN n 
1 110 VAL n 
1 111 TRP n 
1 112 PHE n 
1 113 LYS n 
1 114 ILE n 
1 115 PRO n 
1 116 ILE n 
1 117 GLY n 
1 118 LYS n 
1 119 PHE n 
1 120 ILE n 
1 121 LEU n 
1 122 ARG n 
1 123 GLY n 
1 124 SER n 
1 125 LEU n 
1 126 THR n 
1 127 SER n 
1 128 GLY n 
1 129 THR n 
1 130 ILE n 
1 131 ARG n 
1 132 PHE n 
1 133 GLY n 
1 134 PHE n 
1 135 TYR n 
1 136 ASN n 
1 137 HIS n 
1 138 GLU n 
1 139 GLY n 
1 140 ASN n 
1 141 TRP n 
1 142 LYS n 
1 143 ARG n 
1 144 GLY n 
1 145 LEU n 
1 146 ASN n 
1 147 ILE n 
1 148 ARG n 
1 149 THR n 
1 150 LEU n 
1 151 ALA n 
1 152 ILE n 
1 153 GLN n 
1 154 ALA n 
# 
_entity_src_gen.entity_id                          1 
_entity_src_gen.pdbx_src_id                        1 
_entity_src_gen.pdbx_alt_source_flag               sample 
_entity_src_gen.pdbx_seq_type                      'Biological sequence' 
_entity_src_gen.pdbx_beg_seq_num                   1 
_entity_src_gen.pdbx_end_seq_num                   154 
_entity_src_gen.gene_src_common_name               cucumber 
_entity_src_gen.gene_src_genus                     ? 
_entity_src_gen.pdbx_gene_src_gene                 Lec17-7 
_entity_src_gen.gene_src_species                   ? 
_entity_src_gen.gene_src_strain                    ? 
_entity_src_gen.gene_src_tissue                    ? 
_entity_src_gen.gene_src_tissue_fraction           ? 
_entity_src_gen.gene_src_details                   ? 
_entity_src_gen.pdbx_gene_src_fragment             ? 
_entity_src_gen.pdbx_gene_src_scientific_name      'Cucumis sativus' 
_entity_src_gen.pdbx_gene_src_ncbi_taxonomy_id     3659 
_entity_src_gen.pdbx_gene_src_variant              ? 
_entity_src_gen.pdbx_gene_src_cell_line            ? 
_entity_src_gen.pdbx_gene_src_atcc                 ? 
_entity_src_gen.pdbx_gene_src_organ                ? 
_entity_src_gen.pdbx_gene_src_organelle            ? 
_entity_src_gen.pdbx_gene_src_cell                 ? 
_entity_src_gen.pdbx_gene_src_cellular_location    ? 
_entity_src_gen.host_org_common_name               ? 
_entity_src_gen.pdbx_host_org_scientific_name      
;Escherichia coli 'BL21-Gold(DE3)pLysS AG'
;
_entity_src_gen.pdbx_host_org_ncbi_taxonomy_id     866768 
_entity_src_gen.host_org_genus                     ? 
_entity_src_gen.pdbx_host_org_gene                 ? 
_entity_src_gen.pdbx_host_org_organ                ? 
_entity_src_gen.host_org_species                   ? 
_entity_src_gen.pdbx_host_org_tissue               ? 
_entity_src_gen.pdbx_host_org_tissue_fraction      ? 
_entity_src_gen.pdbx_host_org_strain               ? 
_entity_src_gen.pdbx_host_org_variant              ? 
_entity_src_gen.pdbx_host_org_cell_line            ? 
_entity_src_gen.pdbx_host_org_atcc                 ? 
_entity_src_gen.pdbx_host_org_culture_collection   ? 
_entity_src_gen.pdbx_host_org_cell                 ? 
_entity_src_gen.pdbx_host_org_organelle            ? 
_entity_src_gen.pdbx_host_org_cellular_location    ? 
_entity_src_gen.pdbx_host_org_vector_type          ? 
_entity_src_gen.pdbx_host_org_vector               ? 
_entity_src_gen.host_org_details                   ? 
_entity_src_gen.expression_system_id               ? 
_entity_src_gen.plasmid_name                       ? 
_entity_src_gen.plasmid_details                    ? 
_entity_src_gen.pdbx_description                   ? 
# 
loop_
_chem_comp.id 
_chem_comp.type 
_chem_comp.mon_nstd_flag 
_chem_comp.name 
_chem_comp.pdbx_synonyms 
_chem_comp.formula 
_chem_comp.formula_weight 
ALA 'L-peptide linking' y ALANINE         ? 'C3 H7 N O2'     89.093  
ARG 'L-peptide linking' y ARGININE        ? 'C6 H15 N4 O2 1' 175.209 
ASN 'L-peptide linking' y ASPARAGINE      ? 'C4 H8 N2 O3'    132.118 
ASP 'L-peptide linking' y 'ASPARTIC ACID' ? 'C4 H7 N O4'     133.103 
CYS 'L-peptide linking' y CYSTEINE        ? 'C3 H7 N O2 S'   121.158 
GLN 'L-peptide linking' y GLUTAMINE       ? 'C5 H10 N2 O3'   146.144 
GLU 'L-peptide linking' y 'GLUTAMIC ACID' ? 'C5 H9 N O4'     147.129 
GLY 'peptide linking'   y GLYCINE         ? 'C2 H5 N O2'     75.067  
HIS 'L-peptide linking' y HISTIDINE       ? 'C6 H10 N3 O2 1' 156.162 
HOH non-polymer         . WATER           ? 'H2 O'           18.015  
ILE 'L-peptide linking' y ISOLEUCINE      ? 'C6 H13 N O2'    131.173 
LEU 'L-peptide linking' y LEUCINE         ? 'C6 H13 N O2'    131.173 
LYS 'L-peptide linking' y LYSINE          ? 'C6 H15 N2 O2 1' 147.195 
MET 'L-peptide linking' y METHIONINE      ? 'C5 H11 N O2 S'  149.211 
PHE 'L-peptide linking' y PHENYLALANINE   ? 'C9 H11 N O2'    165.189 
PRO 'L-peptide linking' y PROLINE         ? 'C5 H9 N O2'     115.130 
SER 'L-peptide linking' y SERINE          ? 'C3 H7 N O3'     105.093 
THR 'L-peptide linking' y THREONINE       ? 'C4 H9 N O3'     119.119 
TRP 'L-peptide linking' y TRYPTOPHAN      ? 'C11 H12 N2 O2'  204.225 
TYR 'L-peptide linking' y TYROSINE        ? 'C9 H11 N O3'    181.189 
VAL 'L-peptide linking' y VALINE          ? 'C5 H11 N O2'    117.146 
# 
loop_
_pdbx_poly_seq_scheme.asym_id 
_pdbx_poly_seq_scheme.entity_id 
_pdbx_poly_seq_scheme.seq_id 
_pdbx_poly_seq_scheme.mon_id 
_pdbx_poly_seq_scheme.ndb_seq_num 
_pdbx_poly_seq_scheme.pdb_seq_num 
_pdbx_poly_seq_scheme.auth_seq_num 
_pdbx_poly_seq_scheme.pdb_mon_id 
_pdbx_poly_seq_scheme.auth_mon_id 
_pdbx_poly_seq_scheme.pdb_strand_id 
_pdbx_poly_seq_scheme.pdb_ins_code 
_pdbx_poly_seq_scheme.hetero 
A 1 1   MET 1   1   ?   ?   ?   A . n 
A 1 2   ALA 2   2   ?   ?   ?   A . n 
A 1 3   GLY 3   3   ?   ?   ?   A . n 
A 1 4   GLN 4   4   ?   ?   ?   A . n 
A 1 5   SER 5   5   5   SER SER A . n 
A 1 6   THR 6   6   6   THR THR A . n 
A 1 7   HIS 7   7   7   HIS HIS A . n 
A 1 8   TYR 8   8   8   TYR TYR A . n 
A 1 9   LEU 9   9   9   LEU LEU A . n 
A 1 10  ALA 10  10  10  ALA ALA A . n 
A 1 11  PHE 11  11  11  PHE PHE A . n 
A 1 12  PRO 12  12  12  PRO PRO A . n 
A 1 13  ARG 13  13  13  ARG ARG A . n 
A 1 14  ALA 14  14  14  ALA ALA A . n 
A 1 15  SER 15  15  15  SER SER A . n 
A 1 16  THR 16  16  16  THR THR A . n 
A 1 17  ILE 17  17  17  ILE ILE A . n 
A 1 18  THR 18  18  18  THR THR A . n 
A 1 19  TRP 19  19  19  TRP TRP A . n 
A 1 20  GLY 20  20  20  GLY GLY A . n 
A 1 21  ASP 21  21  21  ASP ASP A . n 
A 1 22  ASP 22  22  22  ASP ASP A . n 
A 1 23  THR 23  23  23  THR THR A . n 
A 1 24  ARG 24  24  24  ARG ARG A . n 
A 1 25  TYR 25  25  25  TYR TYR A . n 
A 1 26  TRP 26  26  26  TRP TRP A . n 
A 1 27  SER 27  27  27  SER SER A . n 
A 1 28  TRP 28  28  28  TRP TRP A . n 
A 1 29  ALA 29  29  29  ALA ALA A . n 
A 1 30  THR 30  30  30  THR THR A . n 
A 1 31  VAL 31  31  31  VAL VAL A . n 
A 1 32  ASP 32  32  32  ASP ASP A . n 
A 1 33  PHE 33  33  33  PHE PHE A . n 
A 1 34  SER 34  34  34  SER SER A . n 
A 1 35  SER 35  35  35  SER SER A . n 
A 1 36  TYR 36  36  36  TYR TYR A . n 
A 1 37  ALA 37  37  37  ALA ALA A . n 
A 1 38  ILE 38  38  38  ILE ILE A . n 
A 1 39  GLU 39  39  39  GLU GLU A . n 
A 1 40  GLU 40  40  40  GLU GLU A . n 
A 1 41  ALA 41  41  41  ALA ALA A . n 
A 1 42  ARG 42  42  42  ARG ARG A . n 
A 1 43  LEU 43  43  43  LEU LEU A . n 
A 1 44  LEU 44  44  44  LEU LEU A . n 
A 1 45  GLN 45  45  45  GLN GLN A . n 
A 1 46  VAL 46  46  46  VAL VAL A . n 
A 1 47  SER 47  47  47  SER SER A . n 
A 1 48  TRP 48  48  48  TRP TRP A . n 
A 1 49  LEU 49  49  49  LEU LEU A . n 
A 1 50  ASP 50  50  50  ASP ASP A . n 
A 1 51  CYS 51  51  51  CYS CYS A . n 
A 1 52  ARG 52  52  52  ARG ARG A . n 
A 1 53  TRP 53  53  53  TRP TRP A . n 
A 1 54  SER 54  54  54  SER SER A . n 
A 1 55  MET 55  55  55  MET MET A . n 
A 1 56  ASP 56  56  56  ASP ASP A . n 
A 1 57  ALA 57  57  57  ALA ALA A . n 
A 1 58  SER 58  58  58  SER SER A . n 
A 1 59  ASP 59  59  59  ASP ASP A . n 
A 1 60  PHE 60  60  60  PHE PHE A . n 
A 1 61  LYS 61  61  61  LYS LYS A . n 
A 1 62  GLN 62  62  62  GLN GLN A . n 
A 1 63  ASP 63  63  63  ASP ASP A . n 
A 1 64  ILE 64  64  64  ILE ILE A . n 
A 1 65  TRP 65  65  65  TRP TRP A . n 
A 1 66  TYR 66  66  66  TYR TYR A . n 
A 1 67  ASN 67  67  67  ASN ASN A . n 
A 1 68  ALA 68  68  68  ALA ALA A . n 
A 1 69  SER 69  69  69  SER SER A . n 
A 1 70  VAL 70  70  70  VAL VAL A . n 
A 1 71  GLU 71  71  71  GLU GLU A . n 
A 1 72  VAL 72  72  72  VAL VAL A . n 
A 1 73  MET 73  73  73  MET MET A . n 
A 1 74  LEU 74  74  74  LEU LEU A . n 
A 1 75  THR 75  75  75  THR THR A . n 
A 1 76  SER 76  76  76  SER SER A . n 
A 1 77  ASN 77  77  77  ASN ASN A . n 
A 1 78  ALA 78  78  78  ALA ALA A . n 
A 1 79  SER 79  79  79  SER SER A . n 
A 1 80  GLY 80  80  80  GLY GLY A . n 
A 1 81  TRP 81  81  81  TRP TRP A . n 
A 1 82  ASN 82  82  82  ASN ASN A . n 
A 1 83  VAL 83  83  83  VAL VAL A . n 
A 1 84  PRO 84  84  84  PRO PRO A . n 
A 1 85  LEU 85  85  85  LEU LEU A . n 
A 1 86  HIS 86  86  86  HIS HIS A . n 
A 1 87  LEU 87  87  87  LEU LEU A . n 
A 1 88  GLU 88  88  88  GLU GLU A . n 
A 1 89  ILE 89  89  89  ILE ILE A . n 
A 1 90  GLU 90  90  90  GLU GLU A . n 
A 1 91  LEU 91  91  91  LEU LEU A . n 
A 1 92  PRO 92  92  92  PRO PRO A . n 
A 1 93  ASP 93  93  93  ASP ASP A . n 
A 1 94  GLY 94  94  94  GLY GLY A . n 
A 1 95  SER 95  95  95  SER SER A . n 
A 1 96  LYS 96  96  96  LYS LYS A . n 
A 1 97  GLN 97  97  97  GLN GLN A . n 
A 1 98  GLU 98  98  98  GLU GLU A . n 
A 1 99  SER 99  99  99  SER SER A . n 
A 1 100 GLN 100 100 100 GLN GLN A . n 
A 1 101 ILE 101 101 101 ILE ILE A . n 
A 1 102 VAL 102 102 102 VAL VAL A . n 
A 1 103 LEU 103 103 103 LEU LEU A . n 
A 1 104 ALA 104 104 104 ALA ALA A . n 
A 1 105 GLY 105 105 105 GLY GLY A . n 
A 1 106 ARG 106 106 106 ARG ARG A . n 
A 1 107 GLN 107 107 107 GLN GLN A . n 
A 1 108 PRO 108 108 108 PRO PRO A . n 
A 1 109 ASN 109 109 109 ASN ASN A . n 
A 1 110 VAL 110 110 110 VAL VAL A . n 
A 1 111 TRP 111 111 111 TRP TRP A . n 
A 1 112 PHE 112 112 112 PHE PHE A . n 
A 1 113 LYS 113 113 113 LYS LYS A . n 
A 1 114 ILE 114 114 114 ILE ILE A . n 
A 1 115 PRO 115 115 115 PRO PRO A . n 
A 1 116 ILE 116 116 116 ILE ILE A . n 
A 1 117 GLY 117 117 117 GLY GLY A . n 
A 1 118 LYS 118 118 118 LYS LYS A . n 
A 1 119 PHE 119 119 119 PHE PHE A . n 
A 1 120 ILE 120 120 120 ILE ILE A . n 
A 1 121 LEU 121 121 121 LEU LEU A . n 
A 1 122 ARG 122 122 122 ARG ARG A . n 
A 1 123 GLY 123 123 123 GLY GLY A . n 
A 1 124 SER 124 124 124 SER SER A . n 
A 1 125 LEU 125 125 125 LEU LEU A . n 
A 1 126 THR 126 126 126 THR THR A . n 
A 1 127 SER 127 127 127 SER SER A . n 
A 1 128 GLY 128 128 128 GLY GLY A . n 
A 1 129 THR 129 129 129 THR THR A . n 
A 1 130 ILE 130 130 130 ILE ILE A . n 
A 1 131 ARG 131 131 131 ARG ARG A . n 
A 1 132 PHE 132 132 132 PHE PHE A . n 
A 1 133 GLY 133 133 133 GLY GLY A . n 
A 1 134 PHE 134 134 134 PHE PHE A . n 
A 1 135 TYR 135 135 135 TYR TYR A . n 
A 1 136 ASN 136 136 136 ASN ASN A . n 
A 1 137 HIS 137 137 137 HIS HIS A . n 
A 1 138 GLU 138 138 138 GLU GLU A . n 
A 1 139 GLY 139 139 139 GLY GLY A . n 
A 1 140 ASN 140 140 140 ASN ASN A . n 
A 1 141 TRP 141 141 141 TRP TRP A . n 
A 1 142 LYS 142 142 142 LYS LYS A . n 
A 1 143 ARG 143 143 143 ARG ARG A . n 
A 1 144 GLY 144 144 144 GLY GLY A . n 
A 1 145 LEU 145 145 145 LEU LEU A . n 
A 1 146 ASN 146 146 146 ASN ASN A . n 
A 1 147 ILE 147 147 147 ILE ILE A . n 
A 1 148 ARG 148 148 148 ARG ARG A . n 
A 1 149 THR 149 149 149 THR THR A . n 
A 1 150 LEU 150 150 150 LEU LEU A . n 
A 1 151 ALA 151 151 151 ALA ALA A . n 
A 1 152 ILE 152 152 152 ILE ILE A . n 
A 1 153 GLN 153 153 153 GLN GLN A . n 
A 1 154 ALA 154 154 154 ALA ALA A . n 
# 
loop_
_pdbx_nonpoly_scheme.asym_id 
_pdbx_nonpoly_scheme.entity_id 
_pdbx_nonpoly_scheme.mon_id 
_pdbx_nonpoly_scheme.ndb_seq_num 
_pdbx_nonpoly_scheme.pdb_seq_num 
_pdbx_nonpoly_scheme.auth_seq_num 
_pdbx_nonpoly_scheme.pdb_mon_id 
_pdbx_nonpoly_scheme.auth_mon_id 
_pdbx_nonpoly_scheme.pdb_strand_id 
_pdbx_nonpoly_scheme.pdb_ins_code 
B 2 HOH 1  201 8  HOH HOH A . 
B 2 HOH 2  202 46 HOH HOH A . 
B 2 HOH 3  203 45 HOH HOH A . 
B 2 HOH 4  204 38 HOH HOH A . 
B 2 HOH 5  205 7  HOH HOH A . 
B 2 HOH 6  206 51 HOH HOH A . 
B 2 HOH 7  207 19 HOH HOH A . 
B 2 HOH 8  208 3  HOH HOH A . 
B 2 HOH 9  209 24 HOH HOH A . 
B 2 HOH 10 210 4  HOH HOH A . 
B 2 HOH 11 211 26 HOH HOH A . 
B 2 HOH 12 212 27 HOH HOH A . 
B 2 HOH 13 213 18 HOH HOH A . 
B 2 HOH 14 214 29 HOH HOH A . 
B 2 HOH 15 215 22 HOH HOH A . 
B 2 HOH 16 216 53 HOH HOH A . 
B 2 HOH 17 217 2  HOH HOH A . 
B 2 HOH 18 218 14 HOH HOH A . 
B 2 HOH 19 219 2  HOH HOH A . 
B 2 HOH 20 220 10 HOH HOH A . 
B 2 HOH 21 221 25 HOH HOH A . 
B 2 HOH 22 222 1  HOH HOH A . 
B 2 HOH 23 223 40 HOH HOH A . 
B 2 HOH 24 224 52 HOH HOH A . 
B 2 HOH 25 225 17 HOH HOH A . 
B 2 HOH 26 226 26 HOH HOH A . 
B 2 HOH 27 227 15 HOH HOH A . 
B 2 HOH 28 228 11 HOH HOH A . 
B 2 HOH 29 229 57 HOH HOH A . 
B 2 HOH 30 230 63 HOH HOH A . 
B 2 HOH 31 231 44 HOH HOH A . 
B 2 HOH 32 232 8  HOH HOH A . 
B 2 HOH 33 233 37 HOH HOH A . 
B 2 HOH 34 234 62 HOH HOH A . 
B 2 HOH 35 235 21 HOH HOH A . 
B 2 HOH 36 236 1  HOH HOH A . 
B 2 HOH 37 237 5  HOH HOH A . 
B 2 HOH 38 238 15 HOH HOH A . 
B 2 HOH 39 239 24 HOH HOH A . 
B 2 HOH 40 240 39 HOH HOH A . 
B 2 HOH 41 241 28 HOH HOH A . 
B 2 HOH 42 242 23 HOH HOH A . 
B 2 HOH 43 243 47 HOH HOH A . 
B 2 HOH 44 244 6  HOH HOH A . 
B 2 HOH 45 245 31 HOH HOH A . 
B 2 HOH 46 246 14 HOH HOH A . 
B 2 HOH 47 247 35 HOH HOH A . 
B 2 HOH 48 248 20 HOH HOH A . 
B 2 HOH 49 249 9  HOH HOH A . 
B 2 HOH 50 250 48 HOH HOH A . 
B 2 HOH 51 251 67 HOH HOH A . 
B 2 HOH 52 252 68 HOH HOH A . 
B 2 HOH 53 253 36 HOH HOH A . 
B 2 HOH 54 254 49 HOH HOH A . 
B 2 HOH 55 255 59 HOH HOH A . 
B 2 HOH 56 256 12 HOH HOH A . 
B 2 HOH 57 257 34 HOH HOH A . 
B 2 HOH 58 258 33 HOH HOH A . 
B 2 HOH 59 259 65 HOH HOH A . 
B 2 HOH 60 260 16 HOH HOH A . 
B 2 HOH 61 261 7  HOH HOH A . 
B 2 HOH 62 262 56 HOH HOH A . 
B 2 HOH 63 263 18 HOH HOH A . 
B 2 HOH 64 264 50 HOH HOH A . 
B 2 HOH 65 265 27 HOH HOH A . 
B 2 HOH 66 266 64 HOH HOH A . 
B 2 HOH 67 267 58 HOH HOH A . 
# 
loop_
_software.citation_id 
_software.classification 
_software.compiler_name 
_software.compiler_version 
_software.contact_author 
_software.contact_author_email 
_software.date 
_software.description 
_software.dependencies 
_software.hardware 
_software.language 
_software.location 
_software.mods 
_software.name 
_software.os 
_software.os_version 
_software.type 
_software.version 
_software.pdbx_ordinal 
? refinement       ? ? ? ? ? ? ? ? ? ? ? REFMAC  ? ? ? 5.8.0403 1 
? 'data reduction' ? ? ? ? ? ? ? ? ? ? ? iMOSFLM ? ? ? .        2 
? 'data scaling'   ? ? ? ? ? ? ? ? ? ? ? SCALA   ? ? ? .        3 
? phasing          ? ? ? ? ? ? ? ? ? ? ? PHASER  ? ? ? .        4 
# 
_cell.angle_alpha                  90.000 
_cell.angle_alpha_esd              ? 
_cell.angle_beta                   90.000 
_cell.angle_beta_esd               ? 
_cell.angle_gamma                  120.000 
_cell.angle_gamma_esd              ? 
_cell.entry_id                     7YAQ 
_cell.details                      ? 
_cell.formula_units_Z              ? 
_cell.length_a                     51.970 
_cell.length_a_esd                 ? 
_cell.length_b                     51.970 
_cell.length_b_esd                 ? 
_cell.length_c                     261.521 
_cell.length_c_esd                 ? 
_cell.volume                       ? 
_cell.volume_esd                   ? 
_cell.Z_PDB                        12 
_cell.reciprocal_angle_alpha       ? 
_cell.reciprocal_angle_beta        ? 
_cell.reciprocal_angle_gamma       ? 
_cell.reciprocal_angle_alpha_esd   ? 
_cell.reciprocal_angle_beta_esd    ? 
_cell.reciprocal_angle_gamma_esd   ? 
_cell.reciprocal_length_a          ? 
_cell.reciprocal_length_b          ? 
_cell.reciprocal_length_c          ? 
_cell.reciprocal_length_a_esd      ? 
_cell.reciprocal_length_b_esd      ? 
_cell.reciprocal_length_c_esd      ? 
_cell.pdbx_unique_axis             ? 
_cell.pdbx_esd_method              ? 
# 
_symmetry.entry_id                         7YAQ 
_symmetry.cell_setting                     ? 
_symmetry.Int_Tables_number                179 
_symmetry.space_group_name_Hall            ? 
_symmetry.space_group_name_H-M             'P 65 2 2' 
_symmetry.pdbx_full_space_group_name_H-M   ? 
# 
_exptl.absorpt_coefficient_mu     ? 
_exptl.absorpt_correction_T_max   ? 
_exptl.absorpt_correction_T_min   ? 
_exptl.absorpt_correction_type    ? 
_exptl.absorpt_process_details    ? 
_exptl.entry_id                   7YAQ 
_exptl.crystals_number            1 
_exptl.details                    ? 
_exptl.method                     'X-RAY DIFFRACTION' 
_exptl.method_details             ? 
# 
_exptl_crystal.colour                       ? 
_exptl_crystal.density_diffrn               ? 
_exptl_crystal.density_Matthews             2.89 
_exptl_crystal.density_method               ? 
_exptl_crystal.density_percent_sol          57.48 
_exptl_crystal.description                  ? 
_exptl_crystal.F_000                        ? 
_exptl_crystal.id                           1 
_exptl_crystal.preparation                  ? 
_exptl_crystal.size_max                     ? 
_exptl_crystal.size_mid                     ? 
_exptl_crystal.size_min                     ? 
_exptl_crystal.size_rad                     ? 
_exptl_crystal.colour_lustre                ? 
_exptl_crystal.colour_modifier              ? 
_exptl_crystal.colour_primary               ? 
_exptl_crystal.density_meas                 ? 
_exptl_crystal.density_meas_esd             ? 
_exptl_crystal.density_meas_gt              ? 
_exptl_crystal.density_meas_lt              ? 
_exptl_crystal.density_meas_temp            ? 
_exptl_crystal.density_meas_temp_esd        ? 
_exptl_crystal.density_meas_temp_gt         ? 
_exptl_crystal.density_meas_temp_lt         ? 
_exptl_crystal.pdbx_crystal_image_url       ? 
_exptl_crystal.pdbx_crystal_image_format    ? 
_exptl_crystal.pdbx_mosaicity               ? 
_exptl_crystal.pdbx_mosaicity_esd           ? 
_exptl_crystal.pdbx_mosaic_method           ? 
_exptl_crystal.pdbx_mosaic_block_size       ? 
_exptl_crystal.pdbx_mosaic_block_size_esd   ? 
# 
_exptl_crystal_grow.apparatus       ? 
_exptl_crystal_grow.atmosphere      ? 
_exptl_crystal_grow.crystal_id      1 
_exptl_crystal_grow.details         ? 
_exptl_crystal_grow.method          MICROBATCH 
_exptl_crystal_grow.method_ref      ? 
_exptl_crystal_grow.pH              7.5 
_exptl_crystal_grow.pressure        ? 
_exptl_crystal_grow.pressure_esd    ? 
_exptl_crystal_grow.seeding         ? 
_exptl_crystal_grow.seeding_ref     ? 
_exptl_crystal_grow.temp_details    ? 
_exptl_crystal_grow.temp_esd        ? 
_exptl_crystal_grow.time            ? 
_exptl_crystal_grow.pdbx_details    '18% 1,4 butanediol, 300 mM Zinc acetate and 0.1 M Imidazole-HCl pH 6-7' 
_exptl_crystal_grow.pdbx_pH_range   ? 
_exptl_crystal_grow.temp            295 
# 
_diffrn.ambient_environment              ? 
_diffrn.ambient_temp                     100 
_diffrn.ambient_temp_details             ? 
_diffrn.ambient_temp_esd                 ? 
_diffrn.crystal_id                       1 
_diffrn.crystal_support                  ? 
_diffrn.crystal_treatment                ? 
_diffrn.details                          ? 
_diffrn.id                               1 
_diffrn.ambient_pressure                 ? 
_diffrn.ambient_pressure_esd             ? 
_diffrn.ambient_pressure_gt              ? 
_diffrn.ambient_pressure_lt              ? 
_diffrn.ambient_temp_gt                  ? 
_diffrn.ambient_temp_lt                  ? 
_diffrn.pdbx_serial_crystal_experiment   N 
# 
_diffrn_detector.details                      ? 
_diffrn_detector.detector                     'IMAGE PLATE' 
_diffrn_detector.diffrn_id                    1 
_diffrn_detector.type                         'RIGAKU RAXIS IV' 
_diffrn_detector.area_resol_mean              ? 
_diffrn_detector.dtime                        ? 
_diffrn_detector.pdbx_frames_total            ? 
_diffrn_detector.pdbx_collection_time_total   ? 
_diffrn_detector.pdbx_collection_date         2022-01-01 
_diffrn_detector.pdbx_frequency               ? 
# 
_diffrn_radiation.collimation                      ? 
_diffrn_radiation.diffrn_id                        1 
_diffrn_radiation.filter_edge                      ? 
_diffrn_radiation.inhomogeneity                    ? 
_diffrn_radiation.monochromator                    'Cu K' 
_diffrn_radiation.polarisn_norm                    ? 
_diffrn_radiation.polarisn_ratio                   ? 
_diffrn_radiation.probe                            ? 
_diffrn_radiation.type                             ? 
_diffrn_radiation.xray_symbol                      ? 
_diffrn_radiation.wavelength_id                    1 
_diffrn_radiation.pdbx_monochromatic_or_laue_m_l   M 
_diffrn_radiation.pdbx_wavelength_list             ? 
_diffrn_radiation.pdbx_wavelength                  ? 
_diffrn_radiation.pdbx_diffrn_protocol             'SINGLE WAVELENGTH' 
_diffrn_radiation.pdbx_analyzer                    ? 
_diffrn_radiation.pdbx_scattering_type             x-ray 
# 
_diffrn_radiation_wavelength.id           1 
_diffrn_radiation_wavelength.wavelength   1.54 
_diffrn_radiation_wavelength.wt           1.0 
# 
_diffrn_source.current                     ? 
_diffrn_source.details                     ? 
_diffrn_source.diffrn_id                   1 
_diffrn_source.power                       ? 
_diffrn_source.size                        ? 
_diffrn_source.source                      'ROTATING ANODE' 
_diffrn_source.target                      ? 
_diffrn_source.type                        'RIGAKU FR-E+' 
_diffrn_source.voltage                     ? 
_diffrn_source.take-off_angle              ? 
_diffrn_source.pdbx_wavelength_list        1.54 
_diffrn_source.pdbx_wavelength             ? 
_diffrn_source.pdbx_synchrotron_beamline   ? 
_diffrn_source.pdbx_synchrotron_site       ? 
# 
_reflns.B_iso_Wilson_estimate                          16.8 
_reflns.entry_id                                       7YAQ 
_reflns.data_reduction_details                         ? 
_reflns.data_reduction_method                          ? 
_reflns.d_resolution_high                              1.85 
_reflns.d_resolution_low                               45.01 
_reflns.details                                        ? 
_reflns.limit_h_max                                    ? 
_reflns.limit_h_min                                    ? 
_reflns.limit_k_max                                    ? 
_reflns.limit_k_min                                    ? 
_reflns.limit_l_max                                    ? 
_reflns.limit_l_min                                    ? 
_reflns.number_all                                     ? 
_reflns.number_obs                                     18583 
_reflns.observed_criterion                             ? 
_reflns.observed_criterion_F_max                       ? 
_reflns.observed_criterion_F_min                       ? 
_reflns.observed_criterion_I_max                       ? 
_reflns.observed_criterion_I_min                       ? 
_reflns.observed_criterion_sigma_F                     ? 
_reflns.observed_criterion_sigma_I                     ? 
_reflns.percent_possible_obs                           98.7 
_reflns.R_free_details                                 ? 
_reflns.Rmerge_F_all                                   ? 
_reflns.Rmerge_F_obs                                   ? 
_reflns.Friedel_coverage                               ? 
_reflns.number_gt                                      ? 
_reflns.threshold_expression                           ? 
_reflns.pdbx_redundancy                                5.7 
_reflns.pdbx_netI_over_av_sigmaI                       ? 
_reflns.pdbx_netI_over_sigmaI                          6.2 
_reflns.pdbx_res_netI_over_av_sigmaI_2                 ? 
_reflns.pdbx_res_netI_over_sigmaI_2                    ? 
_reflns.pdbx_chi_squared                               ? 
_reflns.pdbx_scaling_rejects                           ? 
_reflns.pdbx_d_res_high_opt                            ? 
_reflns.pdbx_d_res_low_opt                             ? 
_reflns.pdbx_d_res_opt_method                          ? 
_reflns.phase_calculation_details                      ? 
_reflns.pdbx_Rrim_I_all                                ? 
_reflns.pdbx_Rpim_I_all                                ? 
_reflns.pdbx_d_opt                                     ? 
_reflns.pdbx_number_measured_all                       ? 
_reflns.pdbx_diffrn_id                                 1 
_reflns.pdbx_ordinal                                   1 
_reflns.pdbx_CC_half                                   0.944 
_reflns.pdbx_CC_star                                   ? 
_reflns.pdbx_R_split                                   ? 
_reflns.pdbx_Rmerge_I_obs                              0.210 
_reflns.pdbx_Rmerge_I_all                              ? 
_reflns.pdbx_Rsym_value                                ? 
_reflns.pdbx_CC_split_method                           ? 
_reflns.pdbx_aniso_diffraction_limit_axis_1_ortho[1]   ? 
_reflns.pdbx_aniso_diffraction_limit_axis_1_ortho[2]   ? 
_reflns.pdbx_aniso_diffraction_limit_axis_1_ortho[3]   ? 
_reflns.pdbx_aniso_diffraction_limit_axis_2_ortho[1]   ? 
_reflns.pdbx_aniso_diffraction_limit_axis_2_ortho[2]   ? 
_reflns.pdbx_aniso_diffraction_limit_axis_2_ortho[3]   ? 
_reflns.pdbx_aniso_diffraction_limit_axis_3_ortho[1]   ? 
_reflns.pdbx_aniso_diffraction_limit_axis_3_ortho[2]   ? 
_reflns.pdbx_aniso_diffraction_limit_axis_3_ortho[3]   ? 
_reflns.pdbx_aniso_diffraction_limit_1                 ? 
_reflns.pdbx_aniso_diffraction_limit_2                 ? 
_reflns.pdbx_aniso_diffraction_limit_3                 ? 
_reflns.pdbx_aniso_B_tensor_eigenvector_1_ortho[1]     ? 
_reflns.pdbx_aniso_B_tensor_eigenvector_1_ortho[2]     ? 
_reflns.pdbx_aniso_B_tensor_eigenvector_1_ortho[3]     ? 
_reflns.pdbx_aniso_B_tensor_eigenvector_2_ortho[1]     ? 
_reflns.pdbx_aniso_B_tensor_eigenvector_2_ortho[2]     ? 
_reflns.pdbx_aniso_B_tensor_eigenvector_2_ortho[3]     ? 
_reflns.pdbx_aniso_B_tensor_eigenvector_3_ortho[1]     ? 
_reflns.pdbx_aniso_B_tensor_eigenvector_3_ortho[2]     ? 
_reflns.pdbx_aniso_B_tensor_eigenvector_3_ortho[3]     ? 
_reflns.pdbx_aniso_B_tensor_eigenvalue_1               ? 
_reflns.pdbx_aniso_B_tensor_eigenvalue_2               ? 
_reflns.pdbx_aniso_B_tensor_eigenvalue_3               ? 
_reflns.pdbx_orthogonalization_convention              ? 
_reflns.pdbx_percent_possible_ellipsoidal              ? 
_reflns.pdbx_percent_possible_spherical                ? 
_reflns.pdbx_percent_possible_ellipsoidal_anomalous    ? 
_reflns.pdbx_percent_possible_spherical_anomalous      ? 
_reflns.pdbx_redundancy_anomalous                      ? 
_reflns.pdbx_CC_half_anomalous                         ? 
_reflns.pdbx_absDiff_over_sigma_anomalous              ? 
_reflns.pdbx_percent_possible_anomalous                ? 
_reflns.pdbx_observed_signal_threshold                 ? 
_reflns.pdbx_signal_type                               ? 
_reflns.pdbx_signal_details                            ? 
_reflns.pdbx_signal_software_id                        ? 
# 
_reflns_shell.d_res_high                                    1.85 
_reflns_shell.d_res_low                                     1.95 
_reflns_shell.meanI_over_sigI_all                           ? 
_reflns_shell.meanI_over_sigI_obs                           4.3 
_reflns_shell.number_measured_all                           ? 
_reflns_shell.number_measured_obs                           ? 
_reflns_shell.number_possible                               ? 
_reflns_shell.number_unique_all                             ? 
_reflns_shell.number_unique_obs                             2563 
_reflns_shell.percent_possible_obs                          ? 
_reflns_shell.Rmerge_F_all                                  ? 
_reflns_shell.Rmerge_F_obs                                  ? 
_reflns_shell.meanI_over_sigI_gt                            ? 
_reflns_shell.meanI_over_uI_all                             ? 
_reflns_shell.meanI_over_uI_gt                              ? 
_reflns_shell.number_measured_gt                            ? 
_reflns_shell.number_unique_gt                              ? 
_reflns_shell.percent_possible_gt                           ? 
_reflns_shell.Rmerge_F_gt                                   ? 
_reflns_shell.Rmerge_I_gt                                   ? 
_reflns_shell.pdbx_redundancy                               ? 
_reflns_shell.pdbx_chi_squared                              ? 
_reflns_shell.pdbx_netI_over_sigmaI_all                     ? 
_reflns_shell.pdbx_netI_over_sigmaI_obs                     ? 
_reflns_shell.pdbx_Rrim_I_all                               ? 
_reflns_shell.pdbx_Rpim_I_all                               ? 
_reflns_shell.pdbx_rejects                                  ? 
_reflns_shell.pdbx_ordinal                                  1 
_reflns_shell.pdbx_diffrn_id                                1 
_reflns_shell.pdbx_CC_half                                  0.855 
_reflns_shell.pdbx_CC_star                                  ? 
_reflns_shell.pdbx_R_split                                  ? 
_reflns_shell.percent_possible_all                          ? 
_reflns_shell.Rmerge_I_all                                  ? 
_reflns_shell.Rmerge_I_obs                                  0.248 
_reflns_shell.pdbx_Rsym_value                               ? 
_reflns_shell.pdbx_percent_possible_ellipsoidal             ? 
_reflns_shell.pdbx_percent_possible_spherical               ? 
_reflns_shell.pdbx_percent_possible_ellipsoidal_anomalous   ? 
_reflns_shell.pdbx_percent_possible_spherical_anomalous     ? 
_reflns_shell.pdbx_redundancy_anomalous                     ? 
_reflns_shell.pdbx_CC_half_anomalous                        ? 
_reflns_shell.pdbx_absDiff_over_sigma_anomalous             ? 
_reflns_shell.pdbx_percent_possible_anomalous               ? 
# 
_refine.aniso_B[1][1]                            0.129 
_refine.aniso_B[1][2]                            0.065 
_refine.aniso_B[1][3]                            0.000 
_refine.aniso_B[2][2]                            0.129 
_refine.aniso_B[2][3]                            -0.000 
_refine.aniso_B[3][3]                            -0.420 
_refine.B_iso_max                                ? 
_refine.B_iso_mean                               18.531 
_refine.B_iso_min                                ? 
_refine.correlation_coeff_Fo_to_Fc               0.879 
_refine.correlation_coeff_Fo_to_Fc_free          0.841 
_refine.details                                  'Hydrogens have been added in their riding positions' 
_refine.diff_density_max                         ? 
_refine.diff_density_max_esd                     ? 
_refine.diff_density_min                         ? 
_refine.diff_density_min_esd                     ? 
_refine.diff_density_rms                         ? 
_refine.diff_density_rms_esd                     ? 
_refine.entry_id                                 7YAQ 
_refine.pdbx_refine_id                           'X-RAY DIFFRACTION' 
_refine.ls_abs_structure_details                 ? 
_refine.ls_abs_structure_Flack                   ? 
_refine.ls_abs_structure_Flack_esd               ? 
_refine.ls_abs_structure_Rogers                  ? 
_refine.ls_abs_structure_Rogers_esd              ? 
_refine.ls_d_res_high                            1.853 
_refine.ls_d_res_low                             44.395 
_refine.ls_extinction_coef                       ? 
_refine.ls_extinction_coef_esd                   ? 
_refine.ls_extinction_expression                 ? 
_refine.ls_extinction_method                     ? 
_refine.ls_goodness_of_fit_all                   ? 
_refine.ls_goodness_of_fit_all_esd               ? 
_refine.ls_goodness_of_fit_obs                   ? 
_refine.ls_goodness_of_fit_obs_esd               ? 
_refine.ls_hydrogen_treatment                    ? 
_refine.ls_matrix_type                           ? 
_refine.ls_number_constraints                    ? 
_refine.ls_number_parameters                     ? 
_refine.ls_number_reflns_all                     ? 
_refine.ls_number_reflns_obs                     18583 
_refine.ls_number_reflns_R_free                  931 
_refine.ls_number_reflns_R_work                  17652 
_refine.ls_number_restraints                     ? 
_refine.ls_percent_reflns_obs                    98.136 
_refine.ls_percent_reflns_R_free                 5.010 
_refine.ls_R_factor_all                          0.267 
_refine.ls_R_factor_obs                          ? 
_refine.ls_R_factor_R_free                       0.3162 
_refine.ls_R_factor_R_free_error                 ? 
_refine.ls_R_factor_R_free_error_details         ? 
_refine.ls_R_factor_R_work                       0.2643 
_refine.ls_R_Fsqd_factor_obs                     ? 
_refine.ls_R_I_factor_obs                        ? 
_refine.ls_redundancy_reflns_all                 ? 
_refine.ls_redundancy_reflns_obs                 ? 
_refine.ls_restrained_S_all                      ? 
_refine.ls_restrained_S_obs                      ? 
_refine.ls_shift_over_esd_max                    ? 
_refine.ls_shift_over_esd_mean                   ? 
_refine.ls_structure_factor_coef                 ? 
_refine.ls_weighting_details                     ? 
_refine.ls_weighting_scheme                      ? 
_refine.ls_wR_factor_all                         ? 
_refine.ls_wR_factor_obs                         ? 
_refine.ls_wR_factor_R_free                      0.357 
_refine.ls_wR_factor_R_work                      0.278 
_refine.occupancy_max                            ? 
_refine.occupancy_min                            ? 
_refine.solvent_model_details                    'MASK BULK SOLVENT' 
_refine.solvent_model_param_bsol                 ? 
_refine.solvent_model_param_ksol                 ? 
_refine.pdbx_R_complete                          ? 
_refine.ls_R_factor_gt                           ? 
_refine.ls_goodness_of_fit_gt                    ? 
_refine.ls_goodness_of_fit_ref                   ? 
_refine.ls_shift_over_su_max                     ? 
_refine.ls_shift_over_su_max_lt                  ? 
_refine.ls_shift_over_su_mean                    ? 
_refine.ls_shift_over_su_mean_lt                 ? 
_refine.pdbx_ls_sigma_I                          ? 
_refine.pdbx_ls_sigma_F                          ? 
_refine.pdbx_ls_sigma_Fsqd                       ? 
_refine.pdbx_data_cutoff_high_absF               ? 
_refine.pdbx_data_cutoff_high_rms_absF           ? 
_refine.pdbx_data_cutoff_low_absF                ? 
_refine.pdbx_isotropic_thermal_model             ? 
_refine.pdbx_ls_cross_valid_method               THROUGHOUT 
_refine.pdbx_method_to_determine_struct          'MOLECULAR REPLACEMENT' 
_refine.pdbx_starting_model                      7VUB 
_refine.pdbx_stereochemistry_target_values       ? 
_refine.pdbx_R_Free_selection_details            ? 
_refine.pdbx_stereochem_target_val_spec_case     ? 
_refine.pdbx_overall_ESU_R                       0.161 
_refine.pdbx_overall_ESU_R_Free                  0.162 
_refine.pdbx_solvent_vdw_probe_radii             1.200 
_refine.pdbx_solvent_ion_probe_radii             0.800 
_refine.pdbx_solvent_shrinkage_radii             0.800 
_refine.pdbx_real_space_R                        ? 
_refine.pdbx_density_correlation                 ? 
_refine.pdbx_pd_number_of_powder_patterns        ? 
_refine.pdbx_pd_number_of_points                 ? 
_refine.pdbx_pd_meas_number_of_points            ? 
_refine.pdbx_pd_proc_ls_prof_R_factor            ? 
_refine.pdbx_pd_proc_ls_prof_wR_factor           ? 
_refine.pdbx_pd_Marquardt_correlation_coeff      ? 
_refine.pdbx_pd_Fsqrd_R_factor                   ? 
_refine.pdbx_pd_ls_matrix_band_width             ? 
_refine.pdbx_overall_phase_error                 ? 
_refine.pdbx_overall_SU_R_free_Cruickshank_DPI   ? 
_refine.pdbx_overall_SU_R_free_Blow_DPI          ? 
_refine.pdbx_overall_SU_R_Blow_DPI               ? 
_refine.pdbx_TLS_residual_ADP_flag               ? 
_refine.pdbx_diffrn_id                           1 
_refine.overall_SU_B                             ? 
_refine.overall_SU_ML                            ? 
_refine.overall_SU_R_Cruickshank_DPI             ? 
_refine.overall_SU_R_free                        ? 
_refine.overall_FOM_free_R_set                   ? 
_refine.overall_FOM_work_R_set                   ? 
_refine.pdbx_average_fsc_overall                 ? 
_refine.pdbx_average_fsc_work                    0.9423 
_refine.pdbx_average_fsc_free                    0.9133 
# 
_refine_hist.pdbx_refine_id                   'X-RAY DIFFRACTION' 
_refine_hist.cycle_id                         LAST 
_refine_hist.details                          ? 
_refine_hist.d_res_high                       1.853 
_refine_hist.d_res_low                        44.395 
_refine_hist.number_atoms_solvent             67 
_refine_hist.number_atoms_total               1287 
_refine_hist.number_reflns_all                ? 
_refine_hist.number_reflns_obs                ? 
_refine_hist.number_reflns_R_free             ? 
_refine_hist.number_reflns_R_work             ? 
_refine_hist.R_factor_all                     ? 
_refine_hist.R_factor_obs                     ? 
_refine_hist.R_factor_R_free                  ? 
_refine_hist.R_factor_R_work                  ? 
_refine_hist.pdbx_number_residues_total       ? 
_refine_hist.pdbx_B_iso_mean_ligand           ? 
_refine_hist.pdbx_B_iso_mean_solvent          ? 
_refine_hist.pdbx_number_atoms_protein        1220 
_refine_hist.pdbx_number_atoms_nucleic_acid   0 
_refine_hist.pdbx_number_atoms_ligand         0 
_refine_hist.pdbx_number_atoms_lipid          ? 
_refine_hist.pdbx_number_atoms_carb           ? 
_refine_hist.pdbx_pseudo_atom_details         ? 
# 
loop_
_refine_ls_restr.pdbx_refine_id 
_refine_ls_restr.criterion 
_refine_ls_restr.dev_ideal 
_refine_ls_restr.dev_ideal_target 
_refine_ls_restr.number 
_refine_ls_restr.rejects 
_refine_ls_restr.type 
_refine_ls_restr.weight 
_refine_ls_restr.pdbx_restraint_function 
'X-RAY DIFFRACTION' ? 0.010  0.011  1257 ? r_bond_refined_d               ? ? 
'X-RAY DIFFRACTION' ? 0.002  0.016  1142 ? r_bond_other_d                 ? ? 
'X-RAY DIFFRACTION' ? 1.774  1.630  1712 ? r_angle_refined_deg            ? ? 
'X-RAY DIFFRACTION' ? 0.982  1.566  2614 ? r_angle_other_deg              ? ? 
'X-RAY DIFFRACTION' ? 7.664  5.000  149  ? r_dihedral_angle_1_deg         ? ? 
'X-RAY DIFFRACTION' ? 7.747  5.000  9    ? r_dihedral_angle_2_deg         ? ? 
'X-RAY DIFFRACTION' ? 14.566 10.000 198  ? r_dihedral_angle_3_deg         ? ? 
'X-RAY DIFFRACTION' ? 17.234 10.000 61   ? r_dihedral_angle_6_deg         ? ? 
'X-RAY DIFFRACTION' ? 0.079  0.200  180  ? r_chiral_restr                 ? ? 
'X-RAY DIFFRACTION' ? 0.011  0.020  1482 ? r_gen_planes_refined           ? ? 
'X-RAY DIFFRACTION' ? 0.015  0.020  330  ? r_gen_planes_other             ? ? 
'X-RAY DIFFRACTION' ? 0.182  0.200  196  ? r_nbd_refined                  ? ? 
'X-RAY DIFFRACTION' ? 0.221  0.200  1074 ? r_symmetry_nbd_other           ? ? 
'X-RAY DIFFRACTION' ? 0.185  0.200  576  ? r_nbtor_refined                ? ? 
'X-RAY DIFFRACTION' ? 0.090  0.200  693  ? r_symmetry_nbtor_other         ? ? 
'X-RAY DIFFRACTION' ? 0.185  0.200  63   ? r_xyhbond_nbd_refined          ? ? 
'X-RAY DIFFRACTION' ? 0.165  0.200  21   ? r_symmetry_nbd_refined         ? ? 
'X-RAY DIFFRACTION' ? 0.306  0.200  82   ? r_nbd_other                    ? ? 
'X-RAY DIFFRACTION' ? 0.167  0.200  13   ? r_symmetry_xyhbond_nbd_refined ? ? 
'X-RAY DIFFRACTION' ? 2.122  1.827  599  ? r_mcbond_it                    ? ? 
'X-RAY DIFFRACTION' ? 2.094  1.825  599  ? r_mcbond_other                 ? ? 
'X-RAY DIFFRACTION' ? 3.079  3.278  747  ? r_mcangle_it                   ? ? 
'X-RAY DIFFRACTION' ? 3.088  3.278  748  ? r_mcangle_other                ? ? 
'X-RAY DIFFRACTION' ? 2.515  2.032  658  ? r_scbond_it                    ? ? 
'X-RAY DIFFRACTION' ? 2.513  2.031  659  ? r_scbond_other                 ? ? 
'X-RAY DIFFRACTION' ? 3.672  3.629  965  ? r_scangle_it                   ? ? 
'X-RAY DIFFRACTION' ? 3.670  3.627  966  ? r_scangle_other                ? ? 
'X-RAY DIFFRACTION' ? 5.040  23.179 5123 ? r_lrange_it                    ? ? 
'X-RAY DIFFRACTION' ? 5.021  23.153 5097 ? r_lrange_other                 ? ? 
# 
loop_
_refine_ls_shell.pdbx_refine_id 
_refine_ls_shell.d_res_high 
_refine_ls_shell.d_res_low 
_refine_ls_shell.number_reflns_all 
_refine_ls_shell.number_reflns_obs 
_refine_ls_shell.number_reflns_R_free 
_refine_ls_shell.number_reflns_R_work 
_refine_ls_shell.percent_reflns_obs 
_refine_ls_shell.percent_reflns_R_free 
_refine_ls_shell.R_factor_all 
_refine_ls_shell.R_factor_obs 
_refine_ls_shell.R_factor_R_free_error 
_refine_ls_shell.R_factor_R_work 
_refine_ls_shell.redundancy_reflns_all 
_refine_ls_shell.redundancy_reflns_obs 
_refine_ls_shell.wR_factor_all 
_refine_ls_shell.wR_factor_obs 
_refine_ls_shell.wR_factor_R_free 
_refine_ls_shell.wR_factor_R_work 
_refine_ls_shell.pdbx_R_complete 
_refine_ls_shell.pdbx_total_number_of_bins_used 
_refine_ls_shell.pdbx_phase_error 
_refine_ls_shell.pdbx_fsc_work 
_refine_ls_shell.pdbx_fsc_free 
_refine_ls_shell.R_factor_R_free 
'X-RAY DIFFRACTION' 1.853 1.901  1337 . 54 1221 95.3628 . 0.339 . . 0.337 . . . . . 0.321 . 20 . 0.927 0.881 0.384 
'X-RAY DIFFRACTION' 1.901 1.953  1326 . 63 1222 96.9080 . 0.265 . . 0.264 . . . . . 0.252 . 20 . 0.947 0.929 0.291 
'X-RAY DIFFRACTION' 1.953 2.010  1287 . 71 1176 96.8920 . 0.249 . . 0.245 . . . . . 0.239 . 20 . 0.952 0.928 0.312 
'X-RAY DIFFRACTION' 2.010 2.071  1240 . 67 1139 97.2581 . 0.263 . . 0.258 . . . . . 0.257 . 20 . 0.945 0.914 0.346 
'X-RAY DIFFRACTION' 2.071 2.139  1208 . 67 1111 97.5166 . 0.285 . . 0.280 . . . . . 0.279 . 20 . 0.932 0.858 0.371 
'X-RAY DIFFRACTION' 2.139 2.214  1185 . 45 1113 97.7215 . 0.278 . . 0.273 . . . . . 0.282 . 20 . 0.937 0.870 0.403 
'X-RAY DIFFRACTION' 2.214 2.297  1144 . 50 1073 98.1643 . 0.277 . . 0.275 . . . . . 0.283 . 20 . 0.934 0.894 0.324 
'X-RAY DIFFRACTION' 2.297 2.391  1101 . 57 1026 98.3651 . 0.281 . . 0.278 . . . . . 0.294 . 20 . 0.934 0.901 0.333 
'X-RAY DIFFRACTION' 2.391 2.497  1076 . 55 1007 98.6989 . 0.266 . . 0.262 . . . . . 0.278 . 20 . 0.944 0.904 0.348 
'X-RAY DIFFRACTION' 2.497 2.618  1014 . 48 950  98.4221 . 0.263 . . 0.263 . . . . . 0.277 . 20 . 0.943 0.911 0.279 
'X-RAY DIFFRACTION' 2.618 2.759  971  . 53 908  98.9701 . 0.264 . . 0.261 . . . . . 0.279 . 20 . 0.946 0.925 0.324 
'X-RAY DIFFRACTION' 2.759 2.926  937  . 66 865  99.3597 . 0.268 . . 0.267 . . . . . 0.287 . 20 . 0.946 0.940 0.281 
'X-RAY DIFFRACTION' 2.926 3.127  868  . 39 821  99.0783 . 0.282 . . 0.283 . . . . . 0.296 . 20 . 0.935 0.934 0.274 
'X-RAY DIFFRACTION' 3.127 3.376  820  . 31 784  99.3902 . 0.291 . . 0.288 . . . . . 0.306 . 20 . 0.939 0.904 0.370 
'X-RAY DIFFRACTION' 3.376 3.696  784  . 34 749  99.8724 . 0.275 . . 0.273 . . . . . 0.285 . 20 . 0.944 0.923 0.319 
'X-RAY DIFFRACTION' 3.696 4.129  693  . 33 659  99.8557 . 0.251 . . 0.251 . . . . . 0.260 . 20 . 0.949 0.962 0.251 
'X-RAY DIFFRACTION' 4.129 4.761  644  . 28 613  99.5342 . 0.224 . . 0.222 . . . . . 0.237 . 20 . 0.962 0.953 0.283 
'X-RAY DIFFRACTION' 4.761 5.814  551  . 32 512  98.7296 . 0.248 . . 0.248 . . . . . 0.273 . 20 . 0.961 0.956 0.261 
'X-RAY DIFFRACTION' 5.814 8.153  450  . 26 422  99.5556 . 0.275 . . 0.266 . . . . . 0.279 . 20 . 0.946 0.920 0.422 
'X-RAY DIFFRACTION' 8.153 44.395 299  . 12 281  97.9933 . 0.233 . . 0.230 . . . . . 0.346 . 20 . 0.953 0.925 0.342 
# 
_struct.entry_id                     7YAQ 
_struct.title                        'Phloem lectin (PP2)C34S mutant' 
_struct.pdbx_model_details           ? 
_struct.pdbx_formula_weight          ? 
_struct.pdbx_formula_weight_method   ? 
_struct.pdbx_model_type_details      ? 
_struct.pdbx_CASP_flag               N 
# 
_struct_keywords.entry_id        7YAQ 
_struct_keywords.text            'Phloem lectin, chitin-binding lectin, SUGAR BINDING PROTEIN' 
_struct_keywords.pdbx_keywords   'SUGAR BINDING PROTEIN' 
# 
loop_
_struct_asym.id 
_struct_asym.pdbx_blank_PDB_chainid_flag 
_struct_asym.pdbx_modified 
_struct_asym.entity_id 
_struct_asym.details 
A N N 1 ? 
B N N 2 ? 
# 
_struct_ref.id                         1 
_struct_ref.db_name                    UNP 
_struct_ref.db_code                    Q8LK69_CUCSA 
_struct_ref.pdbx_db_accession          Q8LK69 
_struct_ref.pdbx_db_isoform            ? 
_struct_ref.entity_id                  1 
_struct_ref.pdbx_seq_one_letter_code   
;MAGQSTHYLAFPRASTITWGDDTRYWSWATVDFCSYAIEEARLLQVSWLDCRWSMDASDFKQDIWYNASVEVMLTSNASG
WNVPLHLEIELPDGSKQESQIVLAGRQPNVWFKIPIGKFILRGSLTSGTIRFGFYNHEGNWKRGLNIRTLAIQA
;
_struct_ref.pdbx_align_begin           1 
# 
_struct_ref_seq.align_id                      1 
_struct_ref_seq.ref_id                        1 
_struct_ref_seq.pdbx_PDB_id_code              7YAQ 
_struct_ref_seq.pdbx_strand_id                A 
_struct_ref_seq.seq_align_beg                 1 
_struct_ref_seq.pdbx_seq_align_beg_ins_code   ? 
_struct_ref_seq.seq_align_end                 154 
_struct_ref_seq.pdbx_seq_align_end_ins_code   ? 
_struct_ref_seq.pdbx_db_accession             Q8LK69 
_struct_ref_seq.db_align_beg                  1 
_struct_ref_seq.pdbx_db_align_beg_ins_code    ? 
_struct_ref_seq.db_align_end                  154 
_struct_ref_seq.pdbx_db_align_end_ins_code    ? 
_struct_ref_seq.pdbx_auth_seq_align_beg       1 
_struct_ref_seq.pdbx_auth_seq_align_end       154 
# 
_struct_ref_seq_dif.align_id                     1 
_struct_ref_seq_dif.pdbx_pdb_id_code             7YAQ 
_struct_ref_seq_dif.mon_id                       SER 
_struct_ref_seq_dif.pdbx_pdb_strand_id           A 
_struct_ref_seq_dif.seq_num                      34 
_struct_ref_seq_dif.pdbx_pdb_ins_code            ? 
_struct_ref_seq_dif.pdbx_seq_db_name             UNP 
_struct_ref_seq_dif.pdbx_seq_db_accession_code   Q8LK69 
_struct_ref_seq_dif.db_mon_id                    CYS 
_struct_ref_seq_dif.pdbx_seq_db_seq_num          34 
_struct_ref_seq_dif.details                      'engineered mutation' 
_struct_ref_seq_dif.pdbx_auth_seq_num            34 
_struct_ref_seq_dif.pdbx_ordinal                 1 
# 
_pdbx_struct_assembly.id                   1 
_pdbx_struct_assembly.details              author_and_software_defined_assembly 
_pdbx_struct_assembly.method_details       PISA 
_pdbx_struct_assembly.oligomeric_details   dimeric 
_pdbx_struct_assembly.oligomeric_count     2 
# 
loop_
_pdbx_struct_assembly_prop.biol_id 
_pdbx_struct_assembly_prop.type 
_pdbx_struct_assembly_prop.value 
_pdbx_struct_assembly_prop.details 
1 'ABSA (A^2)' 2510  ? 
1 MORE         -5    ? 
1 'SSA (A^2)'  12950 ? 
# 
_pdbx_struct_assembly_gen.assembly_id       1 
_pdbx_struct_assembly_gen.oper_expression   1,2 
_pdbx_struct_assembly_gen.asym_id_list      A,B 
# 
_pdbx_struct_assembly_auth_evidence.id                     1 
_pdbx_struct_assembly_auth_evidence.assembly_id            1 
_pdbx_struct_assembly_auth_evidence.experimental_support   'gel filtration' 
_pdbx_struct_assembly_auth_evidence.details                ? 
# 
loop_
_pdbx_struct_oper_list.id 
_pdbx_struct_oper_list.type 
_pdbx_struct_oper_list.name 
_pdbx_struct_oper_list.symmetry_operation 
_pdbx_struct_oper_list.matrix[1][1] 
_pdbx_struct_oper_list.matrix[1][2] 
_pdbx_struct_oper_list.matrix[1][3] 
_pdbx_struct_oper_list.vector[1] 
_pdbx_struct_oper_list.matrix[2][1] 
_pdbx_struct_oper_list.matrix[2][2] 
_pdbx_struct_oper_list.matrix[2][3] 
_pdbx_struct_oper_list.vector[2] 
_pdbx_struct_oper_list.matrix[3][1] 
_pdbx_struct_oper_list.matrix[3][2] 
_pdbx_struct_oper_list.matrix[3][3] 
_pdbx_struct_oper_list.vector[3] 
1 'identity operation'         1_555  x,y,z        1.0000000000  0.0000000000  0.0000000000 0.0000000000 0.0000000000  1.0000000000  0.0000000000  0.0000000000   0.0000000000 0.0000000000  1.0000000000 0.0000000000   
2 'crystal symmetry operation' 12_554 x,x-y,-z-1/6 -0.6948759577 -0.3530681666 0.6264904414 8.7350343823 -0.3530681666 -0.5914542516 -0.7249308506 -19.2962491695 0.6264904414 -0.7249308506 0.2863302092 -15.1289783367 
# 
loop_
_struct_conf.conf_type_id 
_struct_conf.id 
_struct_conf.pdbx_PDB_helix_id 
_struct_conf.beg_label_comp_id 
_struct_conf.beg_label_asym_id 
_struct_conf.beg_label_seq_id 
_struct_conf.pdbx_beg_PDB_ins_code 
_struct_conf.end_label_comp_id 
_struct_conf.end_label_asym_id 
_struct_conf.end_label_seq_id 
_struct_conf.pdbx_end_PDB_ins_code 
_struct_conf.beg_auth_comp_id 
_struct_conf.beg_auth_asym_id 
_struct_conf.beg_auth_seq_id 
_struct_conf.end_auth_comp_id 
_struct_conf.end_auth_asym_id 
_struct_conf.end_auth_seq_id 
_struct_conf.pdbx_PDB_helix_class 
_struct_conf.details 
_struct_conf.pdbx_PDB_helix_length 
HELX_P HELX_P1 AA1 PHE A 11  ? SER A 15  ? PHE A 11  SER A 15  5 ? 5 
HELX_P HELX_P2 AA2 SER A 58  ? PHE A 60  ? SER A 58  PHE A 60  5 ? 3 
HELX_P HELX_P3 AA3 ARG A 122 ? SER A 127 ? ARG A 122 SER A 127 5 ? 6 
# 
_struct_conf_type.id          HELX_P 
_struct_conf_type.criteria    ? 
_struct_conf_type.reference   ? 
# 
loop_
_struct_sheet.id 
_struct_sheet.type 
_struct_sheet.number_strands 
_struct_sheet.details 
AA1 ? 3 ? 
AA2 ? 5 ? 
AA3 ? 5 ? 
# 
loop_
_struct_sheet_order.sheet_id 
_struct_sheet_order.range_id_1 
_struct_sheet_order.range_id_2 
_struct_sheet_order.offset 
_struct_sheet_order.sense 
AA1 1 2 ? anti-parallel 
AA1 2 3 ? anti-parallel 
AA2 1 2 ? anti-parallel 
AA2 2 3 ? anti-parallel 
AA2 3 4 ? anti-parallel 
AA2 4 5 ? anti-parallel 
AA3 1 2 ? anti-parallel 
AA3 2 3 ? anti-parallel 
AA3 3 4 ? anti-parallel 
AA3 4 5 ? anti-parallel 
# 
loop_
_struct_sheet_range.sheet_id 
_struct_sheet_range.id 
_struct_sheet_range.beg_label_comp_id 
_struct_sheet_range.beg_label_asym_id 
_struct_sheet_range.beg_label_seq_id 
_struct_sheet_range.pdbx_beg_PDB_ins_code 
_struct_sheet_range.end_label_comp_id 
_struct_sheet_range.end_label_asym_id 
_struct_sheet_range.end_label_seq_id 
_struct_sheet_range.pdbx_end_PDB_ins_code 
_struct_sheet_range.beg_auth_comp_id 
_struct_sheet_range.beg_auth_asym_id 
_struct_sheet_range.beg_auth_seq_id 
_struct_sheet_range.end_auth_comp_id 
_struct_sheet_range.end_auth_asym_id 
_struct_sheet_range.end_auth_seq_id 
AA1 1 THR A 6   ? ALA A 10  ? THR A 6   ALA A 10  
AA1 2 LYS A 142 ? GLN A 153 ? LYS A 142 GLN A 153 
AA1 3 GLN A 45  ? VAL A 46  ? GLN A 45  VAL A 46  
AA2 1 TRP A 26  ? PHE A 33  ? TRP A 26  PHE A 33  
AA2 2 TYR A 36  ? LEU A 43  ? TYR A 36  LEU A 43  
AA2 3 LYS A 142 ? GLN A 153 ? LYS A 142 GLN A 153 
AA2 4 TYR A 66  ? SER A 79  ? TYR A 66  SER A 79  
AA2 5 PHE A 112 ? PHE A 119 ? PHE A 112 PHE A 119 
AA3 1 THR A 16  ? ILE A 17  ? THR A 16  ILE A 17  
AA3 2 LEU A 49  ? ASP A 56  ? LEU A 49  ASP A 56  
AA3 3 THR A 129 ? ASN A 136 ? THR A 129 ASN A 136 
AA3 4 PRO A 84  ? GLU A 90  ? PRO A 84  GLU A 90  
AA3 5 LYS A 96  ? VAL A 102 ? LYS A 96  VAL A 102 
# 
loop_
_pdbx_struct_sheet_hbond.sheet_id 
_pdbx_struct_sheet_hbond.range_id_1 
_pdbx_struct_sheet_hbond.range_id_2 
_pdbx_struct_sheet_hbond.range_1_label_atom_id 
_pdbx_struct_sheet_hbond.range_1_label_comp_id 
_pdbx_struct_sheet_hbond.range_1_label_asym_id 
_pdbx_struct_sheet_hbond.range_1_label_seq_id 
_pdbx_struct_sheet_hbond.range_1_PDB_ins_code 
_pdbx_struct_sheet_hbond.range_1_auth_atom_id 
_pdbx_struct_sheet_hbond.range_1_auth_comp_id 
_pdbx_struct_sheet_hbond.range_1_auth_asym_id 
_pdbx_struct_sheet_hbond.range_1_auth_seq_id 
_pdbx_struct_sheet_hbond.range_2_label_atom_id 
_pdbx_struct_sheet_hbond.range_2_label_comp_id 
_pdbx_struct_sheet_hbond.range_2_label_asym_id 
_pdbx_struct_sheet_hbond.range_2_label_seq_id 
_pdbx_struct_sheet_hbond.range_2_PDB_ins_code 
_pdbx_struct_sheet_hbond.range_2_auth_atom_id 
_pdbx_struct_sheet_hbond.range_2_auth_comp_id 
_pdbx_struct_sheet_hbond.range_2_auth_asym_id 
_pdbx_struct_sheet_hbond.range_2_auth_seq_id 
AA1 1 2 N ALA A 10  ? N ALA A 10  O LEU A 150 ? O LEU A 150 
AA1 2 3 O LYS A 142 ? O LYS A 142 N VAL A 46  ? N VAL A 46  
AA2 1 2 N PHE A 33  ? N PHE A 33  O TYR A 36  ? O TYR A 36  
AA2 2 3 N LEU A 43  ? N LEU A 43  O LEU A 145 ? O LEU A 145 
AA2 3 4 O ARG A 148 ? O ARG A 148 N GLU A 71  ? N GLU A 71  
AA2 4 5 N ALA A 68  ? N ALA A 68  O ILE A 116 ? O ILE A 116 
AA3 1 2 N THR A 16  ? N THR A 16  O ARG A 52  ? O ARG A 52  
AA3 2 3 N LEU A 49  ? N LEU A 49  O ASN A 136 ? O ASN A 136 
AA3 3 4 O GLY A 133 ? O GLY A 133 N GLU A 88  ? N GLU A 88  
AA3 4 5 N LEU A 85  ? N LEU A 85  O ILE A 101 ? O ILE A 101 
# 
_pdbx_validate_torsion.id              1 
_pdbx_validate_torsion.PDB_model_num   1 
_pdbx_validate_torsion.auth_comp_id    SER 
_pdbx_validate_torsion.auth_asym_id    A 
_pdbx_validate_torsion.auth_seq_id     34 
_pdbx_validate_torsion.PDB_ins_code    ? 
_pdbx_validate_torsion.label_alt_id    ? 
_pdbx_validate_torsion.phi             58.96 
_pdbx_validate_torsion.psi             -128.28 
# 
_pdbx_struct_special_symmetry.id              1 
_pdbx_struct_special_symmetry.PDB_model_num   1 
_pdbx_struct_special_symmetry.auth_asym_id    A 
_pdbx_struct_special_symmetry.auth_comp_id    HOH 
_pdbx_struct_special_symmetry.auth_seq_id     261 
_pdbx_struct_special_symmetry.PDB_ins_code    ? 
_pdbx_struct_special_symmetry.label_asym_id   B 
_pdbx_struct_special_symmetry.label_comp_id   HOH 
_pdbx_struct_special_symmetry.label_seq_id    . 
# 
loop_
_pdbx_unobs_or_zero_occ_residues.id 
_pdbx_unobs_or_zero_occ_residues.PDB_model_num 
_pdbx_unobs_or_zero_occ_residues.polymer_flag 
_pdbx_unobs_or_zero_occ_residues.occupancy_flag 
_pdbx_unobs_or_zero_occ_residues.auth_asym_id 
_pdbx_unobs_or_zero_occ_residues.auth_comp_id 
_pdbx_unobs_or_zero_occ_residues.auth_seq_id 
_pdbx_unobs_or_zero_occ_residues.PDB_ins_code 
_pdbx_unobs_or_zero_occ_residues.label_asym_id 
_pdbx_unobs_or_zero_occ_residues.label_comp_id 
_pdbx_unobs_or_zero_occ_residues.label_seq_id 
1 1 Y 1 A MET 1 ? A MET 1 
2 1 Y 1 A ALA 2 ? A ALA 2 
3 1 Y 1 A GLY 3 ? A GLY 3 
4 1 Y 1 A GLN 4 ? A GLN 4 
# 
loop_
_chem_comp_atom.comp_id 
_chem_comp_atom.atom_id 
_chem_comp_atom.type_symbol 
_chem_comp_atom.pdbx_aromatic_flag 
_chem_comp_atom.pdbx_stereo_config 
_chem_comp_atom.pdbx_ordinal 
ALA N    N N N 1   
ALA CA   C N S 2   
ALA C    C N N 3   
ALA O    O N N 4   
ALA CB   C N N 5   
ALA OXT  O N N 6   
ALA H    H N N 7   
ALA H2   H N N 8   
ALA HA   H N N 9   
ALA HB1  H N N 10  
ALA HB2  H N N 11  
ALA HB3  H N N 12  
ALA HXT  H N N 13  
ARG N    N N N 14  
ARG CA   C N S 15  
ARG C    C N N 16  
ARG O    O N N 17  
ARG CB   C N N 18  
ARG CG   C N N 19  
ARG CD   C N N 20  
ARG NE   N N N 21  
ARG CZ   C N N 22  
ARG NH1  N N N 23  
ARG NH2  N N N 24  
ARG OXT  O N N 25  
ARG H    H N N 26  
ARG H2   H N N 27  
ARG HA   H N N 28  
ARG HB2  H N N 29  
ARG HB3  H N N 30  
ARG HG2  H N N 31  
ARG HG3  H N N 32  
ARG HD2  H N N 33  
ARG HD3  H N N 34  
ARG HE   H N N 35  
ARG HH11 H N N 36  
ARG HH12 H N N 37  
ARG HH21 H N N 38  
ARG HH22 H N N 39  
ARG HXT  H N N 40  
ASN N    N N N 41  
ASN CA   C N S 42  
ASN C    C N N 43  
ASN O    O N N 44  
ASN CB   C N N 45  
ASN CG   C N N 46  
ASN OD1  O N N 47  
ASN ND2  N N N 48  
ASN OXT  O N N 49  
ASN H    H N N 50  
ASN H2   H N N 51  
ASN HA   H N N 52  
ASN HB2  H N N 53  
ASN HB3  H N N 54  
ASN HD21 H N N 55  
ASN HD22 H N N 56  
ASN HXT  H N N 57  
ASP N    N N N 58  
ASP CA   C N S 59  
ASP C    C N N 60  
ASP O    O N N 61  
ASP CB   C N N 62  
ASP CG   C N N 63  
ASP OD1  O N N 64  
ASP OD2  O N N 65  
ASP OXT  O N N 66  
ASP H    H N N 67  
ASP H2   H N N 68  
ASP HA   H N N 69  
ASP HB2  H N N 70  
ASP HB3  H N N 71  
ASP HD2  H N N 72  
ASP HXT  H N N 73  
CYS N    N N N 74  
CYS CA   C N R 75  
CYS C    C N N 76  
CYS O    O N N 77  
CYS CB   C N N 78  
CYS SG   S N N 79  
CYS OXT  O N N 80  
CYS H    H N N 81  
CYS H2   H N N 82  
CYS HA   H N N 83  
CYS HB2  H N N 84  
CYS HB3  H N N 85  
CYS HG   H N N 86  
CYS HXT  H N N 87  
GLN N    N N N 88  
GLN CA   C N S 89  
GLN C    C N N 90  
GLN O    O N N 91  
GLN CB   C N N 92  
GLN CG   C N N 93  
GLN CD   C N N 94  
GLN OE1  O N N 95  
GLN NE2  N N N 96  
GLN OXT  O N N 97  
GLN H    H N N 98  
GLN H2   H N N 99  
GLN HA   H N N 100 
GLN HB2  H N N 101 
GLN HB3  H N N 102 
GLN HG2  H N N 103 
GLN HG3  H N N 104 
GLN HE21 H N N 105 
GLN HE22 H N N 106 
GLN HXT  H N N 107 
GLU N    N N N 108 
GLU CA   C N S 109 
GLU C    C N N 110 
GLU O    O N N 111 
GLU CB   C N N 112 
GLU CG   C N N 113 
GLU CD   C N N 114 
GLU OE1  O N N 115 
GLU OE2  O N N 116 
GLU OXT  O N N 117 
GLU H    H N N 118 
GLU H2   H N N 119 
GLU HA   H N N 120 
GLU HB2  H N N 121 
GLU HB3  H N N 122 
GLU HG2  H N N 123 
GLU HG3  H N N 124 
GLU HE2  H N N 125 
GLU HXT  H N N 126 
GLY N    N N N 127 
GLY CA   C N N 128 
GLY C    C N N 129 
GLY O    O N N 130 
GLY OXT  O N N 131 
GLY H    H N N 132 
GLY H2   H N N 133 
GLY HA2  H N N 134 
GLY HA3  H N N 135 
GLY HXT  H N N 136 
HIS N    N N N 137 
HIS CA   C N S 138 
HIS C    C N N 139 
HIS O    O N N 140 
HIS CB   C N N 141 
HIS CG   C Y N 142 
HIS ND1  N Y N 143 
HIS CD2  C Y N 144 
HIS CE1  C Y N 145 
HIS NE2  N Y N 146 
HIS OXT  O N N 147 
HIS H    H N N 148 
HIS H2   H N N 149 
HIS HA   H N N 150 
HIS HB2  H N N 151 
HIS HB3  H N N 152 
HIS HD1  H N N 153 
HIS HD2  H N N 154 
HIS HE1  H N N 155 
HIS HE2  H N N 156 
HIS HXT  H N N 157 
HOH O    O N N 158 
HOH H1   H N N 159 
HOH H2   H N N 160 
ILE N    N N N 161 
ILE CA   C N S 162 
ILE C    C N N 163 
ILE O    O N N 164 
ILE CB   C N S 165 
ILE CG1  C N N 166 
ILE CG2  C N N 167 
ILE CD1  C N N 168 
ILE OXT  O N N 169 
ILE H    H N N 170 
ILE H2   H N N 171 
ILE HA   H N N 172 
ILE HB   H N N 173 
ILE HG12 H N N 174 
ILE HG13 H N N 175 
ILE HG21 H N N 176 
ILE HG22 H N N 177 
ILE HG23 H N N 178 
ILE HD11 H N N 179 
ILE HD12 H N N 180 
ILE HD13 H N N 181 
ILE HXT  H N N 182 
LEU N    N N N 183 
LEU CA   C N S 184 
LEU C    C N N 185 
LEU O    O N N 186 
LEU CB   C N N 187 
LEU CG   C N N 188 
LEU CD1  C N N 189 
LEU CD2  C N N 190 
LEU OXT  O N N 191 
LEU H    H N N 192 
LEU H2   H N N 193 
LEU HA   H N N 194 
LEU HB2  H N N 195 
LEU HB3  H N N 196 
LEU HG   H N N 197 
LEU HD11 H N N 198 
LEU HD12 H N N 199 
LEU HD13 H N N 200 
LEU HD21 H N N 201 
LEU HD22 H N N 202 
LEU HD23 H N N 203 
LEU HXT  H N N 204 
LYS N    N N N 205 
LYS CA   C N S 206 
LYS C    C N N 207 
LYS O    O N N 208 
LYS CB   C N N 209 
LYS CG   C N N 210 
LYS CD   C N N 211 
LYS CE   C N N 212 
LYS NZ   N N N 213 
LYS OXT  O N N 214 
LYS H    H N N 215 
LYS H2   H N N 216 
LYS HA   H N N 217 
LYS HB2  H N N 218 
LYS HB3  H N N 219 
LYS HG2  H N N 220 
LYS HG3  H N N 221 
LYS HD2  H N N 222 
LYS HD3  H N N 223 
LYS HE2  H N N 224 
LYS HE3  H N N 225 
LYS HZ1  H N N 226 
LYS HZ2  H N N 227 
LYS HZ3  H N N 228 
LYS HXT  H N N 229 
MET N    N N N 230 
MET CA   C N S 231 
MET C    C N N 232 
MET O    O N N 233 
MET CB   C N N 234 
MET CG   C N N 235 
MET SD   S N N 236 
MET CE   C N N 237 
MET OXT  O N N 238 
MET H    H N N 239 
MET H2   H N N 240 
MET HA   H N N 241 
MET HB2  H N N 242 
MET HB3  H N N 243 
MET HG2  H N N 244 
MET HG3  H N N 245 
MET HE1  H N N 246 
MET HE2  H N N 247 
MET HE3  H N N 248 
MET HXT  H N N 249 
PHE N    N N N 250 
PHE CA   C N S 251 
PHE C    C N N 252 
PHE O    O N N 253 
PHE CB   C N N 254 
PHE CG   C Y N 255 
PHE CD1  C Y N 256 
PHE CD2  C Y N 257 
PHE CE1  C Y N 258 
PHE CE2  C Y N 259 
PHE CZ   C Y N 260 
PHE OXT  O N N 261 
PHE H    H N N 262 
PHE H2   H N N 263 
PHE HA   H N N 264 
PHE HB2  H N N 265 
PHE HB3  H N N 266 
PHE HD1  H N N 267 
PHE HD2  H N N 268 
PHE HE1  H N N 269 
PHE HE2  H N N 270 
PHE HZ   H N N 271 
PHE HXT  H N N 272 
PRO N    N N N 273 
PRO CA   C N S 274 
PRO C    C N N 275 
PRO O    O N N 276 
PRO CB   C N N 277 
PRO CG   C N N 278 
PRO CD   C N N 279 
PRO OXT  O N N 280 
PRO H    H N N 281 
PRO HA   H N N 282 
PRO HB2  H N N 283 
PRO HB3  H N N 284 
PRO HG2  H N N 285 
PRO HG3  H N N 286 
PRO HD2  H N N 287 
PRO HD3  H N N 288 
PRO HXT  H N N 289 
SER N    N N N 290 
SER CA   C N S 291 
SER C    C N N 292 
SER O    O N N 293 
SER CB   C N N 294 
SER OG   O N N 295 
SER OXT  O N N 296 
SER H    H N N 297 
SER H2   H N N 298 
SER HA   H N N 299 
SER HB2  H N N 300 
SER HB3  H N N 301 
SER HG   H N N 302 
SER HXT  H N N 303 
THR N    N N N 304 
THR CA   C N S 305 
THR C    C N N 306 
THR O    O N N 307 
THR CB   C N R 308 
THR OG1  O N N 309 
THR CG2  C N N 310 
THR OXT  O N N 311 
THR H    H N N 312 
THR H2   H N N 313 
THR HA   H N N 314 
THR HB   H N N 315 
THR HG1  H N N 316 
THR HG21 H N N 317 
THR HG22 H N N 318 
THR HG23 H N N 319 
THR HXT  H N N 320 
TRP N    N N N 321 
TRP CA   C N S 322 
TRP C    C N N 323 
TRP O    O N N 324 
TRP CB   C N N 325 
TRP CG   C Y N 326 
TRP CD1  C Y N 327 
TRP CD2  C Y N 328 
TRP NE1  N Y N 329 
TRP CE2  C Y N 330 
TRP CE3  C Y N 331 
TRP CZ2  C Y N 332 
TRP CZ3  C Y N 333 
TRP CH2  C Y N 334 
TRP OXT  O N N 335 
TRP H    H N N 336 
TRP H2   H N N 337 
TRP HA   H N N 338 
TRP HB2  H N N 339 
TRP HB3  H N N 340 
TRP HD1  H N N 341 
TRP HE1  H N N 342 
TRP HE3  H N N 343 
TRP HZ2  H N N 344 
TRP HZ3  H N N 345 
TRP HH2  H N N 346 
TRP HXT  H N N 347 
TYR N    N N N 348 
TYR CA   C N S 349 
TYR C    C N N 350 
TYR O    O N N 351 
TYR CB   C N N 352 
TYR CG   C Y N 353 
TYR CD1  C Y N 354 
TYR CD2  C Y N 355 
TYR CE1  C Y N 356 
TYR CE2  C Y N 357 
TYR CZ   C Y N 358 
TYR OH   O N N 359 
TYR OXT  O N N 360 
TYR H    H N N 361 
TYR H2   H N N 362 
TYR HA   H N N 363 
TYR HB2  H N N 364 
TYR HB3  H N N 365 
TYR HD1  H N N 366 
TYR HD2  H N N 367 
TYR HE1  H N N 368 
TYR HE2  H N N 369 
TYR HH   H N N 370 
TYR HXT  H N N 371 
VAL N    N N N 372 
VAL CA   C N S 373 
VAL C    C N N 374 
VAL O    O N N 375 
VAL CB   C N N 376 
VAL CG1  C N N 377 
VAL CG2  C N N 378 
VAL OXT  O N N 379 
VAL H    H N N 380 
VAL H2   H N N 381 
VAL HA   H N N 382 
VAL HB   H N N 383 
VAL HG11 H N N 384 
VAL HG12 H N N 385 
VAL HG13 H N N 386 
VAL HG21 H N N 387 
VAL HG22 H N N 388 
VAL HG23 H N N 389 
VAL HXT  H N N 390 
# 
loop_
_chem_comp_bond.comp_id 
_chem_comp_bond.atom_id_1 
_chem_comp_bond.atom_id_2 
_chem_comp_bond.value_order 
_chem_comp_bond.pdbx_aromatic_flag 
_chem_comp_bond.pdbx_stereo_config 
_chem_comp_bond.pdbx_ordinal 
ALA N   CA   sing N N 1   
ALA N   H    sing N N 2   
ALA N   H2   sing N N 3   
ALA CA  C    sing N N 4   
ALA CA  CB   sing N N 5   
ALA CA  HA   sing N N 6   
ALA C   O    doub N N 7   
ALA C   OXT  sing N N 8   
ALA CB  HB1  sing N N 9   
ALA CB  HB2  sing N N 10  
ALA CB  HB3  sing N N 11  
ALA OXT HXT  sing N N 12  
ARG N   CA   sing N N 13  
ARG N   H    sing N N 14  
ARG N   H2   sing N N 15  
ARG CA  C    sing N N 16  
ARG CA  CB   sing N N 17  
ARG CA  HA   sing N N 18  
ARG C   O    doub N N 19  
ARG C   OXT  sing N N 20  
ARG CB  CG   sing N N 21  
ARG CB  HB2  sing N N 22  
ARG CB  HB3  sing N N 23  
ARG CG  CD   sing N N 24  
ARG CG  HG2  sing N N 25  
ARG CG  HG3  sing N N 26  
ARG CD  NE   sing N N 27  
ARG CD  HD2  sing N N 28  
ARG CD  HD3  sing N N 29  
ARG NE  CZ   sing N N 30  
ARG NE  HE   sing N N 31  
ARG CZ  NH1  sing N N 32  
ARG CZ  NH2  doub N N 33  
ARG NH1 HH11 sing N N 34  
ARG NH1 HH12 sing N N 35  
ARG NH2 HH21 sing N N 36  
ARG NH2 HH22 sing N N 37  
ARG OXT HXT  sing N N 38  
ASN N   CA   sing N N 39  
ASN N   H    sing N N 40  
ASN N   H2   sing N N 41  
ASN CA  C    sing N N 42  
ASN CA  CB   sing N N 43  
ASN CA  HA   sing N N 44  
ASN C   O    doub N N 45  
ASN C   OXT  sing N N 46  
ASN CB  CG   sing N N 47  
ASN CB  HB2  sing N N 48  
ASN CB  HB3  sing N N 49  
ASN CG  OD1  doub N N 50  
ASN CG  ND2  sing N N 51  
ASN ND2 HD21 sing N N 52  
ASN ND2 HD22 sing N N 53  
ASN OXT HXT  sing N N 54  
ASP N   CA   sing N N 55  
ASP N   H    sing N N 56  
ASP N   H2   sing N N 57  
ASP CA  C    sing N N 58  
ASP CA  CB   sing N N 59  
ASP CA  HA   sing N N 60  
ASP C   O    doub N N 61  
ASP C   OXT  sing N N 62  
ASP CB  CG   sing N N 63  
ASP CB  HB2  sing N N 64  
ASP CB  HB3  sing N N 65  
ASP CG  OD1  doub N N 66  
ASP CG  OD2  sing N N 67  
ASP OD2 HD2  sing N N 68  
ASP OXT HXT  sing N N 69  
CYS N   CA   sing N N 70  
CYS N   H    sing N N 71  
CYS N   H2   sing N N 72  
CYS CA  C    sing N N 73  
CYS CA  CB   sing N N 74  
CYS CA  HA   sing N N 75  
CYS C   O    doub N N 76  
CYS C   OXT  sing N N 77  
CYS CB  SG   sing N N 78  
CYS CB  HB2  sing N N 79  
CYS CB  HB3  sing N N 80  
CYS SG  HG   sing N N 81  
CYS OXT HXT  sing N N 82  
GLN N   CA   sing N N 83  
GLN N   H    sing N N 84  
GLN N   H2   sing N N 85  
GLN CA  C    sing N N 86  
GLN CA  CB   sing N N 87  
GLN CA  HA   sing N N 88  
GLN C   O    doub N N 89  
GLN C   OXT  sing N N 90  
GLN CB  CG   sing N N 91  
GLN CB  HB2  sing N N 92  
GLN CB  HB3  sing N N 93  
GLN CG  CD   sing N N 94  
GLN CG  HG2  sing N N 95  
GLN CG  HG3  sing N N 96  
GLN CD  OE1  doub N N 97  
GLN CD  NE2  sing N N 98  
GLN NE2 HE21 sing N N 99  
GLN NE2 HE22 sing N N 100 
GLN OXT HXT  sing N N 101 
GLU N   CA   sing N N 102 
GLU N   H    sing N N 103 
GLU N   H2   sing N N 104 
GLU CA  C    sing N N 105 
GLU CA  CB   sing N N 106 
GLU CA  HA   sing N N 107 
GLU C   O    doub N N 108 
GLU C   OXT  sing N N 109 
GLU CB  CG   sing N N 110 
GLU CB  HB2  sing N N 111 
GLU CB  HB3  sing N N 112 
GLU CG  CD   sing N N 113 
GLU CG  HG2  sing N N 114 
GLU CG  HG3  sing N N 115 
GLU CD  OE1  doub N N 116 
GLU CD  OE2  sing N N 117 
GLU OE2 HE2  sing N N 118 
GLU OXT HXT  sing N N 119 
GLY N   CA   sing N N 120 
GLY N   H    sing N N 121 
GLY N   H2   sing N N 122 
GLY CA  C    sing N N 123 
GLY CA  HA2  sing N N 124 
GLY CA  HA3  sing N N 125 
GLY C   O    doub N N 126 
GLY C   OXT  sing N N 127 
GLY OXT HXT  sing N N 128 
HIS N   CA   sing N N 129 
HIS N   H    sing N N 130 
HIS N   H2   sing N N 131 
HIS CA  C    sing N N 132 
HIS CA  CB   sing N N 133 
HIS CA  HA   sing N N 134 
HIS C   O    doub N N 135 
HIS C   OXT  sing N N 136 
HIS CB  CG   sing N N 137 
HIS CB  HB2  sing N N 138 
HIS CB  HB3  sing N N 139 
HIS CG  ND1  sing Y N 140 
HIS CG  CD2  doub Y N 141 
HIS ND1 CE1  doub Y N 142 
HIS ND1 HD1  sing N N 143 
HIS CD2 NE2  sing Y N 144 
HIS CD2 HD2  sing N N 145 
HIS CE1 NE2  sing Y N 146 
HIS CE1 HE1  sing N N 147 
HIS NE2 HE2  sing N N 148 
HIS OXT HXT  sing N N 149 
HOH O   H1   sing N N 150 
HOH O   H2   sing N N 151 
ILE N   CA   sing N N 152 
ILE N   H    sing N N 153 
ILE N   H2   sing N N 154 
ILE CA  C    sing N N 155 
ILE CA  CB   sing N N 156 
ILE CA  HA   sing N N 157 
ILE C   O    doub N N 158 
ILE C   OXT  sing N N 159 
ILE CB  CG1  sing N N 160 
ILE CB  CG2  sing N N 161 
ILE CB  HB   sing N N 162 
ILE CG1 CD1  sing N N 163 
ILE CG1 HG12 sing N N 164 
ILE CG1 HG13 sing N N 165 
ILE CG2 HG21 sing N N 166 
ILE CG2 HG22 sing N N 167 
ILE CG2 HG23 sing N N 168 
ILE CD1 HD11 sing N N 169 
ILE CD1 HD12 sing N N 170 
ILE CD1 HD13 sing N N 171 
ILE OXT HXT  sing N N 172 
LEU N   CA   sing N N 173 
LEU N   H    sing N N 174 
LEU N   H2   sing N N 175 
LEU CA  C    sing N N 176 
LEU CA  CB   sing N N 177 
LEU CA  HA   sing N N 178 
LEU C   O    doub N N 179 
LEU C   OXT  sing N N 180 
LEU CB  CG   sing N N 181 
LEU CB  HB2  sing N N 182 
LEU CB  HB3  sing N N 183 
LEU CG  CD1  sing N N 184 
LEU CG  CD2  sing N N 185 
LEU CG  HG   sing N N 186 
LEU CD1 HD11 sing N N 187 
LEU CD1 HD12 sing N N 188 
LEU CD1 HD13 sing N N 189 
LEU CD2 HD21 sing N N 190 
LEU CD2 HD22 sing N N 191 
LEU CD2 HD23 sing N N 192 
LEU OXT HXT  sing N N 193 
LYS N   CA   sing N N 194 
LYS N   H    sing N N 195 
LYS N   H2   sing N N 196 
LYS CA  C    sing N N 197 
LYS CA  CB   sing N N 198 
LYS CA  HA   sing N N 199 
LYS C   O    doub N N 200 
LYS C   OXT  sing N N 201 
LYS CB  CG   sing N N 202 
LYS CB  HB2  sing N N 203 
LYS CB  HB3  sing N N 204 
LYS CG  CD   sing N N 205 
LYS CG  HG2  sing N N 206 
LYS CG  HG3  sing N N 207 
LYS CD  CE   sing N N 208 
LYS CD  HD2  sing N N 209 
LYS CD  HD3  sing N N 210 
LYS CE  NZ   sing N N 211 
LYS CE  HE2  sing N N 212 
LYS CE  HE3  sing N N 213 
LYS NZ  HZ1  sing N N 214 
LYS NZ  HZ2  sing N N 215 
LYS NZ  HZ3  sing N N 216 
LYS OXT HXT  sing N N 217 
MET N   CA   sing N N 218 
MET N   H    sing N N 219 
MET N   H2   sing N N 220 
MET CA  C    sing N N 221 
MET CA  CB   sing N N 222 
MET CA  HA   sing N N 223 
MET C   O    doub N N 224 
MET C   OXT  sing N N 225 
MET CB  CG   sing N N 226 
MET CB  HB2  sing N N 227 
MET CB  HB3  sing N N 228 
MET CG  SD   sing N N 229 
MET CG  HG2  sing N N 230 
MET CG  HG3  sing N N 231 
MET SD  CE   sing N N 232 
MET CE  HE1  sing N N 233 
MET CE  HE2  sing N N 234 
MET CE  HE3  sing N N 235 
MET OXT HXT  sing N N 236 
PHE N   CA   sing N N 237 
PHE N   H    sing N N 238 
PHE N   H2   sing N N 239 
PHE CA  C    sing N N 240 
PHE CA  CB   sing N N 241 
PHE CA  HA   sing N N 242 
PHE C   O    doub N N 243 
PHE C   OXT  sing N N 244 
PHE CB  CG   sing N N 245 
PHE CB  HB2  sing N N 246 
PHE CB  HB3  sing N N 247 
PHE CG  CD1  doub Y N 248 
PHE CG  CD2  sing Y N 249 
PHE CD1 CE1  sing Y N 250 
PHE CD1 HD1  sing N N 251 
PHE CD2 CE2  doub Y N 252 
PHE CD2 HD2  sing N N 253 
PHE CE1 CZ   doub Y N 254 
PHE CE1 HE1  sing N N 255 
PHE CE2 CZ   sing Y N 256 
PHE CE2 HE2  sing N N 257 
PHE CZ  HZ   sing N N 258 
PHE OXT HXT  sing N N 259 
PRO N   CA   sing N N 260 
PRO N   CD   sing N N 261 
PRO N   H    sing N N 262 
PRO CA  C    sing N N 263 
PRO CA  CB   sing N N 264 
PRO CA  HA   sing N N 265 
PRO C   O    doub N N 266 
PRO C   OXT  sing N N 267 
PRO CB  CG   sing N N 268 
PRO CB  HB2  sing N N 269 
PRO CB  HB3  sing N N 270 
PRO CG  CD   sing N N 271 
PRO CG  HG2  sing N N 272 
PRO CG  HG3  sing N N 273 
PRO CD  HD2  sing N N 274 
PRO CD  HD3  sing N N 275 
PRO OXT HXT  sing N N 276 
SER N   CA   sing N N 277 
SER N   H    sing N N 278 
SER N   H2   sing N N 279 
SER CA  C    sing N N 280 
SER CA  CB   sing N N 281 
SER CA  HA   sing N N 282 
SER C   O    doub N N 283 
SER C   OXT  sing N N 284 
SER CB  OG   sing N N 285 
SER CB  HB2  sing N N 286 
SER CB  HB3  sing N N 287 
SER OG  HG   sing N N 288 
SER OXT HXT  sing N N 289 
THR N   CA   sing N N 290 
THR N   H    sing N N 291 
THR N   H2   sing N N 292 
THR CA  C    sing N N 293 
THR CA  CB   sing N N 294 
THR CA  HA   sing N N 295 
THR C   O    doub N N 296 
THR C   OXT  sing N N 297 
THR CB  OG1  sing N N 298 
THR CB  CG2  sing N N 299 
THR CB  HB   sing N N 300 
THR OG1 HG1  sing N N 301 
THR CG2 HG21 sing N N 302 
THR CG2 HG22 sing N N 303 
THR CG2 HG23 sing N N 304 
THR OXT HXT  sing N N 305 
TRP N   CA   sing N N 306 
TRP N   H    sing N N 307 
TRP N   H2   sing N N 308 
TRP CA  C    sing N N 309 
TRP CA  CB   sing N N 310 
TRP CA  HA   sing N N 311 
TRP C   O    doub N N 312 
TRP C   OXT  sing N N 313 
TRP CB  CG   sing N N 314 
TRP CB  HB2  sing N N 315 
TRP CB  HB3  sing N N 316 
TRP CG  CD1  doub Y N 317 
TRP CG  CD2  sing Y N 318 
TRP CD1 NE1  sing Y N 319 
TRP CD1 HD1  sing N N 320 
TRP CD2 CE2  doub Y N 321 
TRP CD2 CE3  sing Y N 322 
TRP NE1 CE2  sing Y N 323 
TRP NE1 HE1  sing N N 324 
TRP CE2 CZ2  sing Y N 325 
TRP CE3 CZ3  doub Y N 326 
TRP CE3 HE3  sing N N 327 
TRP CZ2 CH2  doub Y N 328 
TRP CZ2 HZ2  sing N N 329 
TRP CZ3 CH2  sing Y N 330 
TRP CZ3 HZ3  sing N N 331 
TRP CH2 HH2  sing N N 332 
TRP OXT HXT  sing N N 333 
TYR N   CA   sing N N 334 
TYR N   H    sing N N 335 
TYR N   H2   sing N N 336 
TYR CA  C    sing N N 337 
TYR CA  CB   sing N N 338 
TYR CA  HA   sing N N 339 
TYR C   O    doub N N 340 
TYR C   OXT  sing N N 341 
TYR CB  CG   sing N N 342 
TYR CB  HB2  sing N N 343 
TYR CB  HB3  sing N N 344 
TYR CG  CD1  doub Y N 345 
TYR CG  CD2  sing Y N 346 
TYR CD1 CE1  sing Y N 347 
TYR CD1 HD1  sing N N 348 
TYR CD2 CE2  doub Y N 349 
TYR CD2 HD2  sing N N 350 
TYR CE1 CZ   doub Y N 351 
TYR CE1 HE1  sing N N 352 
TYR CE2 CZ   sing Y N 353 
TYR CE2 HE2  sing N N 354 
TYR CZ  OH   sing N N 355 
TYR OH  HH   sing N N 356 
TYR OXT HXT  sing N N 357 
VAL N   CA   sing N N 358 
VAL N   H    sing N N 359 
VAL N   H2   sing N N 360 
VAL CA  C    sing N N 361 
VAL CA  CB   sing N N 362 
VAL CA  HA   sing N N 363 
VAL C   O    doub N N 364 
VAL C   OXT  sing N N 365 
VAL CB  CG1  sing N N 366 
VAL CB  CG2  sing N N 367 
VAL CB  HB   sing N N 368 
VAL CG1 HG11 sing N N 369 
VAL CG1 HG12 sing N N 370 
VAL CG1 HG13 sing N N 371 
VAL CG2 HG21 sing N N 372 
VAL CG2 HG22 sing N N 373 
VAL CG2 HG23 sing N N 374 
VAL OXT HXT  sing N N 375 
# 
_pdbx_audit_support.funding_organization   'Department of Biotechnology (DBT, India)' 
_pdbx_audit_support.country                India 
_pdbx_audit_support.grant_number           ? 
_pdbx_audit_support.ordinal                1 
# 
_pdbx_initial_refinement_model.id               1 
_pdbx_initial_refinement_model.entity_id_list   ? 
_pdbx_initial_refinement_model.type             'experimental model' 
_pdbx_initial_refinement_model.source_name      PDB 
_pdbx_initial_refinement_model.accession_code   7VS6 
_pdbx_initial_refinement_model.details          ? 
# 
_atom_sites.entry_id                    7YAQ 
_atom_sites.Cartn_transf_matrix[1][1]   ? 
_atom_sites.Cartn_transf_matrix[1][2]   ? 
_atom_sites.Cartn_transf_matrix[1][3]   ? 
_atom_sites.Cartn_transf_matrix[2][1]   ? 
_atom_sites.Cartn_transf_matrix[2][2]   ? 
_atom_sites.Cartn_transf_matrix[2][3]   ? 
_atom_sites.Cartn_transf_matrix[3][1]   ? 
_atom_sites.Cartn_transf_matrix[3][2]   ? 
_atom_sites.Cartn_transf_matrix[3][3]   ? 
_atom_sites.Cartn_transf_vector[1]      ? 
_atom_sites.Cartn_transf_vector[2]      ? 
_atom_sites.Cartn_transf_vector[3]      ? 
_atom_sites.fract_transf_matrix[1][1]   -0.00867809 
_atom_sites.fract_transf_matrix[1][2]   0.01004210 
_atom_sites.fract_transf_matrix[1][3]   -0.01781885 
_atom_sites.fract_transf_matrix[2][1]   -0.02201999 
_atom_sites.fract_transf_matrix[2][2]   0.00031548 
_atom_sites.fract_transf_matrix[2][3]   -0.00295032 
_atom_sites.fract_transf_matrix[3][1]   -0.00021471 
_atom_sites.fract_transf_matrix[3][2]   0.00328046 
_atom_sites.fract_transf_matrix[3][3]   0.00195332 
_atom_sites.fract_transf_vector[1]      0.360924 
_atom_sites.fract_transf_vector[2]      0.257365 
_atom_sites.fract_transf_vector[3]      -0.035974 
_atom_sites.solution_primary            ? 
_atom_sites.solution_secondary          ? 
_atom_sites.solution_hydrogens          ? 
_atom_sites.special_details             ? 
# 
loop_
_atom_type.symbol 
_atom_type.pdbx_scat_Z 
_atom_type.pdbx_N_electrons 
_atom_type.scat_Cromer_Mann_a1 
_atom_type.scat_Cromer_Mann_b1 
_atom_type.scat_Cromer_Mann_a2 
_atom_type.scat_Cromer_Mann_b2 
_atom_type.scat_Cromer_Mann_a3 
_atom_type.scat_Cromer_Mann_b3 
_atom_type.scat_Cromer_Mann_a4 
_atom_type.scat_Cromer_Mann_b4 
_atom_type.scat_Cromer_Mann_c 
C 6  6  2.310  20.844 1.020 10.208 1.589 0.569  0.865 51.651 0.216   
H 1  1  0.493  10.511 0.323 26.126 0.140 3.142  0.041 57.800 0.003   
N 7  7  12.222 0.006  3.135 9.893  2.014 28.997 1.167 0.583  -11.538 
O 8  8  3.049  13.277 2.287 5.701  1.546 0.324  0.867 32.909 0.251   
S 16 16 6.905  1.468  5.203 22.215 1.438 0.254  1.586 56.172 1.184   
# 
loop_
_atom_site.group_PDB 
_atom_site.id 
_atom_site.type_symbol 
_atom_site.label_atom_id 
_atom_site.label_alt_id 
_atom_site.label_comp_id 
_atom_site.label_asym_id 
_atom_site.label_entity_id 
_atom_site.label_seq_id 
_atom_site.pdbx_PDB_ins_code 
_atom_site.Cartn_x 
_atom_site.Cartn_y 
_atom_site.Cartn_z 
_atom_site.occupancy 
_atom_site.B_iso_or_equiv 
_atom_site.pdbx_formal_charge 
_atom_site.auth_seq_id 
_atom_site.auth_comp_id 
_atom_site.auth_asym_id 
_atom_site.auth_atom_id 
_atom_site.pdbx_PDB_model_num 
_atom_site.calc_flag 
ATOM   1    N N   . SER A 1 5   ? 13.365  -0.598  -12.404 1.000 25.150 0 5   SER A N   1 ? 
ATOM   2    C CA  . SER A 1 5   ? 12.796  -1.805  -13.041 1.000 21.520 0 5   SER A CA  1 ? 
ATOM   3    C C   . SER A 1 5   ? 12.040  -2.598  -11.978 1.000 17.520 0 5   SER A C   1 ? 
ATOM   4    O O   . SER A 1 5   ? 12.580  -2.846  -10.907 1.000 17.260 0 5   SER A O   1 ? 
ATOM   5    C CB  . SER A 1 5   ? 13.922  -2.570  -13.693 1.000 22.180 0 5   SER A CB  1 ? 
ATOM   6    O OG  . SER A 1 5   ? 13.716  -3.969  -13.685 1.000 19.860 0 5   SER A OG  1 ? 
ATOM   7    N N   . THR A 1 6   ? 10.795  -2.958  -12.283 1.000 16.960 0 6   THR A N   1 ? 
ATOM   8    C CA  . THR A 1 6   ? 9.857   -3.499  -11.305 1.000 17.100 0 6   THR A CA  1 ? 
ATOM   9    C C   . THR A 1 6   ? 10.057  -4.998  -11.252 1.000 15.200 0 6   THR A C   1 ? 
ATOM   10   O O   . THR A 1 6   ? 10.110  -5.654  -12.290 1.000 14.010 0 6   THR A O   1 ? 
ATOM   11   C CB  . THR A 1 6   ? 8.384   -3.263  -11.650 1.000 19.110 0 6   THR A CB  1 ? 
ATOM   12   O OG1 . THR A 1 6   ? 8.078   -1.881  -11.729 1.000 19.670 0 6   THR A OG1 1 ? 
ATOM   13   C CG2 . THR A 1 6   ? 7.404   -3.945  -10.705 1.000 17.400 0 6   THR A CG2 1 ? 
ATOM   14   N N   . HIS A 1 7   ? 10.262  -5.476  -10.033 1.000 14.010 0 7   HIS A N   1 ? 
ATOM   15   C CA  . HIS A 1 7   ? 10.646  -6.825  -9.702  1.000 14.220 0 7   HIS A CA  1 ? 
ATOM   16   C C   . HIS A 1 7   ? 9.389   -7.626  -9.317  1.000 15.510 0 7   HIS A C   1 ? 
ATOM   17   O O   . HIS A 1 7   ? 9.191   -8.750  -9.811  1.000 17.550 0 7   HIS A O   1 ? 
ATOM   18   C CB  . HIS A 1 7   ? 11.765  -6.716  -8.660  1.000 14.460 0 7   HIS A CB  1 ? 
ATOM   19   C CG  . HIS A 1 7   ? 13.181  -6.676  -9.175  1.000 15.260 0 7   HIS A CG  1 ? 
ATOM   20   N ND1 . HIS A 1 7   ? 13.706  -5.749  -10.063 1.000 19.370 0 7   HIS A ND1 1 ? 
ATOM   21   C CD2 . HIS A 1 7   ? 14.219  -7.493  -8.841  1.000 15.940 0 7   HIS A CD2 1 ? 
ATOM   22   C CE1 . HIS A 1 7   ? 14.989  -6.029  -10.297 1.000 16.190 0 7   HIS A CE1 1 ? 
ATOM   23   N NE2 . HIS A 1 7   ? 15.326  -7.090  -9.560  1.000 19.310 0 7   HIS A NE2 1 ? 
ATOM   24   N N   . TYR A 1 8   ? 8.493   -7.018  -8.506  1.000 15.100 0 8   TYR A N   1 ? 
ATOM   25   C CA  . TYR A 1 8   ? 7.232   -7.651  -8.115  1.000 14.560 0 8   TYR A CA  1 ? 
ATOM   26   C C   . TYR A 1 8   ? 6.075   -6.657  -8.127  1.000 13.780 0 8   TYR A C   1 ? 
ATOM   27   O O   . TYR A 1 8   ? 6.241   -5.450  -7.872  1.000 12.760 0 8   TYR A O   1 ? 
ATOM   28   C CB  . TYR A 1 8   ? 7.276   -8.158  -6.677  1.000 14.060 0 8   TYR A CB  1 ? 
ATOM   29   C CG  . TYR A 1 8   ? 8.209   -9.314  -6.419  1.000 14.140 0 8   TYR A CG  1 ? 
ATOM   30   C CD1 . TYR A 1 8   ? 7.794   -10.623 -6.611  1.000 13.440 0 8   TYR A CD1 1 ? 
ATOM   31   C CD2 . TYR A 1 8   ? 9.512   -9.085  -6.023  1.000 13.590 0 8   TYR A CD2 1 ? 
ATOM   32   C CE1 . TYR A 1 8   ? 8.636   -11.690 -6.345  1.000 15.170 0 8   TYR A CE1 1 ? 
ATOM   33   C CE2 . TYR A 1 8   ? 10.357  -10.147 -5.720  1.000 14.440 0 8   TYR A CE2 1 ? 
ATOM   34   C CZ  . TYR A 1 8   ? 9.928   -11.447 -5.883  1.000 14.870 0 8   TYR A CZ  1 ? 
ATOM   35   O OH  . TYR A 1 8   ? 10.804  -12.449 -5.584  1.000 13.720 0 8   TYR A OH  1 ? 
ATOM   36   N N   . LEU A 1 9   ? 4.894   -7.175  -8.452  1.000 13.220 0 9   LEU A N   1 ? 
ATOM   37   C CA  . LEU A 1 9   ? 3.661   -6.477  -8.137  1.000 13.510 0 9   LEU A CA  1 ? 
ATOM   38   C C   . LEU A 1 9   ? 2.834   -7.324  -7.205  1.000 14.620 0 9   LEU A C   1 ? 
ATOM   39   O O   . LEU A 1 9   ? 2.730   -8.535  -7.437  1.000 14.340 0 9   LEU A O   1 ? 
ATOM   40   C CB  . LEU A 1 9   ? 2.876   -6.257  -9.419  1.000 13.050 0 9   LEU A CB  1 ? 
ATOM   41   C CG  . LEU A 1 9   ? 3.473   -5.216  -10.348 1.000 14.840 0 9   LEU A CG  1 ? 
ATOM   42   C CD1 . LEU A 1 9   ? 2.637   -5.146  -11.621 1.000 13.750 0 9   LEU A CD1 1 ? 
ATOM   43   C CD2 . LEU A 1 9   ? 3.558   -3.856  -9.690  1.000 13.420 0 9   LEU A CD2 1 ? 
ATOM   44   N N   . ALA A 1 10  ? 2.295   -6.668  -6.156  1.000 12.890 0 10  ALA A N   1 ? 
ATOM   45   C CA  . ALA A 1 10  ? 1.479   -7.331  -5.168  1.000 12.630 0 10  ALA A CA  1 ? 
ATOM   46   C C   . ALA A 1 10  ? 0.141   -6.603  -5.102  1.000 13.020 0 10  ALA A C   1 ? 
ATOM   47   O O   . ALA A 1 10  ? 0.095   -5.392  -4.803  1.000 12.630 0 10  ALA A O   1 ? 
ATOM   48   C CB  . ALA A 1 10  ? 2.198   -7.309  -3.829  1.000 11.520 0 10  ALA A CB  1 ? 
ATOM   49   N N   . PHE A 1 11  ? -0.914  -7.309  -5.533  1.000 12.630 0 11  PHE A N   1 ? 
ATOM   50   C CA  . PHE A 1 11  ? -2.253  -6.764  -5.662  1.000 12.620 0 11  PHE A CA  1 ? 
ATOM   51   C C   . PHE A 1 11  ? -2.902  -6.835  -4.278  1.000 12.310 0 11  PHE A C   1 ? 
ATOM   52   O O   . PHE A 1 11  ? -2.436  -7.588  -3.408  1.000 12.940 0 11  PHE A O   1 ? 
ATOM   53   C CB  . PHE A 1 11  ? -2.971  -7.493  -6.803  1.000 13.950 0 11  PHE A CB  1 ? 
ATOM   54   C CG  . PHE A 1 11  ? -2.276  -7.242  -8.135  1.000 13.850 0 11  PHE A CG  1 ? 
ATOM   55   C CD1 . PHE A 1 11  ? -2.444  -6.047  -8.814  1.000 14.680 0 11  PHE A CD1 1 ? 
ATOM   56   C CD2 . PHE A 1 11  ? -1.389  -8.155  -8.681  1.000 14.180 0 11  PHE A CD2 1 ? 
ATOM   57   C CE1 . PHE A 1 11  ? -1.788  -5.771  -10.005 1.000 16.200 0 11  PHE A CE1 1 ? 
ATOM   58   C CE2 . PHE A 1 11  ? -0.755  -7.902  -9.890  1.000 14.850 0 11  PHE A CE2 1 ? 
ATOM   59   C CZ  . PHE A 1 11  ? -0.903  -6.685  -10.540 1.000 14.780 0 11  PHE A CZ  1 ? 
ATOM   60   N N   . PRO A 1 12  ? -3.945  -6.027  -4.013  1.000 13.630 0 12  PRO A N   1 ? 
ATOM   61   C CA  . PRO A 1 12  ? -4.527  -5.917  -2.679  1.000 13.710 0 12  PRO A CA  1 ? 
ATOM   62   C C   . PRO A 1 12  ? -5.124  -7.176  -2.041  1.000 13.970 0 12  PRO A C   1 ? 
ATOM   63   O O   . PRO A 1 12  ? -5.131  -7.303  -0.804  1.000 13.860 0 12  PRO A O   1 ? 
ATOM   64   C CB  . PRO A 1 12  ? -5.670  -4.906  -2.887  1.000 14.280 0 12  PRO A CB  1 ? 
ATOM   65   C CG  . PRO A 1 12  ? -5.363  -4.157  -4.082  1.000 14.510 0 12  PRO A CG  1 ? 
ATOM   66   C CD  . PRO A 1 12  ? -4.501  -5.051  -4.946  1.000 13.480 0 12  PRO A CD  1 ? 
ATOM   67   N N   . ARG A 1 13  ? -5.636  -8.087  -2.866  1.000 14.950 0 13  ARG A N   1 ? 
ATOM   68   C CA  . ARG A 1 13  ? -6.090  -9.370  -2.385  1.000 17.130 0 13  ARG A CA  1 ? 
ATOM   69   C C   . ARG A 1 13  ? -4.979  -10.096 -1.619  1.000 19.610 0 13  ARG A C   1 ? 
ATOM   70   O O   . ARG A 1 13  ? -5.245  -10.803 -0.643  1.000 24.450 0 13  ARG A O   1 ? 
ATOM   71   C CB  . ARG A 1 13  ? -6.600  -10.199 -3.565  1.000 20.250 0 13  ARG A CB  1 ? 
ATOM   72   C CG  . ARG A 1 13  ? -7.994  -9.856  -4.041  1.000 18.450 0 13  ARG A CG  1 ? 
ATOM   73   C CD  . ARG A 1 13  ? -9.005  -10.379 -3.034  1.000 21.490 0 13  ARG A CD  1 ? 
ATOM   74   N NE  . ARG A 1 13  ? -10.395 -10.353 -3.526  1.000 23.070 0 13  ARG A NE  1 ? 
ATOM   75   C CZ  . ARG A 1 13  ? -11.490 -9.973  -2.825  1.000 22.810 0 13  ARG A CZ  1 ? 
ATOM   76   N NH1 . ARG A 1 13  ? -11.415 -9.680  -1.542  1.000 20.180 0 13  ARG A NH1 1 ? 
ATOM   77   N NH2 . ARG A 1 13  ? -12.682 -9.945  -3.398  1.000 21.830 0 13  ARG A NH2 1 ? 
ATOM   78   N N   . ALA A 1 14  ? -3.723  -9.899  -2.004  1.000 16.790 0 14  ALA A N   1 ? 
ATOM   79   C CA  . ALA A 1 14  ? -2.622  -10.483 -1.242  1.000 17.630 0 14  ALA A CA  1 ? 
ATOM   80   C C   . ALA A 1 14  ? -2.358  -9.763  0.083   1.000 15.530 0 14  ALA A C   1 ? 
ATOM   81   O O   . ALA A 1 14  ? -1.596  -10.306 0.867   1.000 16.050 0 14  ALA A O   1 ? 
ATOM   82   C CB  . ALA A 1 14  ? -1.361  -10.483 -2.071  1.000 15.250 0 14  ALA A CB  1 ? 
ATOM   83   N N   . SER A 1 15  ? -2.846  -8.508  0.274   1.000 16.540 0 15  SER A N   1 ? 
ATOM   84   C CA  . SER A 1 15  ? -2.627  -7.723  1.476   1.000 15.390 0 15  SER A CA  1 ? 
ATOM   85   C C   . SER A 1 15  ? -3.620  -8.112  2.555   1.000 16.030 0 15  SER A C   1 ? 
ATOM   86   O O   . SER A 1 15  ? -4.484  -8.953  2.327   1.000 13.710 0 15  SER A O   1 ? 
ATOM   87   C CB  . SER A 1 15  ? -2.753  -6.217  1.253   1.000 16.110 0 15  SER A CB  1 ? 
ATOM   88   O OG  . SER A 1 15  ? -4.092  -5.846  1.047   1.000 17.090 0 15  SER A OG  1 ? 
ATOM   89   N N   . THR A 1 16  ? -3.412  -7.536  3.741   1.000 14.720 0 16  THR A N   1 ? 
ATOM   90   C CA  . THR A 1 16  ? -4.399  -7.568  4.806   1.000 16.560 0 16  THR A CA  1 ? 
ATOM   91   C C   . THR A 1 16  ? -4.975  -6.162  4.956   1.000 15.950 0 16  THR A C   1 ? 
ATOM   92   O O   . THR A 1 16  ? -4.259  -5.266  5.365   1.000 15.830 0 16  THR A O   1 ? 
ATOM   93   C CB  . THR A 1 16  ? -3.817  -8.065  6.126   1.000 20.700 0 16  THR A CB  1 ? 
ATOM   94   O OG1 . THR A 1 16  ? -3.391  -9.440  6.087   1.000 21.770 0 16  THR A OG1 1 ? 
ATOM   95   C CG2 . THR A 1 16  ? -4.810  -7.931  7.262   1.000 18.400 0 16  THR A CG2 1 ? 
ATOM   96   N N   . ILE A 1 17  ? -6.258  -5.976  4.635   1.000 13.790 0 17  ILE A N   1 ? 
ATOM   97   C CA  . ILE A 1 17  ? -6.933  -4.677  4.758   1.000 13.570 0 17  ILE A CA  1 ? 
ATOM   98   C C   . ILE A 1 17  ? -7.965  -4.752  5.890   1.000 14.770 0 17  ILE A C   1 ? 
ATOM   99   O O   . ILE A 1 17  ? -8.861  -5.614  5.892   1.000 14.170 0 17  ILE A O   1 ? 
ATOM   100  C CB  . ILE A 1 17  ? -7.599  -4.314  3.425   1.000 14.000 0 17  ILE A CB  1 ? 
ATOM   101  C CG1 . ILE A 1 17  ? -6.549  -4.288  2.319   1.000 14.610 0 17  ILE A CG1 1 ? 
ATOM   102  C CG2 . ILE A 1 17  ? -8.417  -3.006  3.478   1.000 13.860 0 17  ILE A CG2 1 ? 
ATOM   103  C CD1 . ILE A 1 17  ? -7.020  -3.588  1.097   1.000 16.210 0 17  ILE A CD1 1 ? 
ATOM   104  N N   . THR A 1 18  ? -7.767  -3.957  6.925   1.000 15.480 0 18  THR A N   1 ? 
ATOM   105  C CA  . THR A 1 18  ? -8.736  -3.957  8.020   1.000 16.580 0 18  THR A CA  1 ? 
ATOM   106  C C   . THR A 1 18  ? -10.081 -3.486  7.485   1.000 19.790 0 18  THR A C   1 ? 
ATOM   107  O O   . THR A 1 18  ? -10.175 -2.435  6.845   1.000 18.510 0 18  THR A O   1 ? 
ATOM   108  C CB  . THR A 1 18  ? -8.226  -3.163  9.226   1.000 19.460 0 18  THR A CB  1 ? 
ATOM   109  O OG1 . THR A 1 18  ? -6.914  -3.692  9.471   1.000 22.070 0 18  THR A OG1 1 ? 
ATOM   110  C CG2 . THR A 1 18  ? -9.149  -3.299  10.413  1.000 19.820 0 18  THR A CG2 1 ? 
ATOM   111  N N   . TRP A 1 19  ? -11.096 -4.349  7.704   1.000 23.720 0 19  TRP A N   1 ? 
ATOM   112  C CA  . TRP A 1 19  ? -12.484 -4.170  7.281   1.000 22.370 0 19  TRP A CA  1 ? 
ATOM   113  C C   . TRP A 1 19  ? -12.653 -4.453  5.795   1.000 21.320 0 19  TRP A C   1 ? 
ATOM   114  O O   . TRP A 1 19  ? -13.670 -4.070  5.205   1.000 21.140 0 19  TRP A O   1 ? 
ATOM   115  C CB  . TRP A 1 19  ? -13.034 -2.786  7.633   1.000 25.880 0 19  TRP A CB  1 ? 
ATOM   116  C CG  . TRP A 1 19  ? -12.905 -2.474  9.084   1.000 26.980 0 19  TRP A CG  1 ? 
ATOM   117  C CD1 . TRP A 1 19  ? -12.183 -1.475  9.665   1.000 29.420 0 19  TRP A CD1 1 ? 
ATOM   118  C CD2 . TRP A 1 19  ? -13.571 -3.168  10.150  1.000 31.410 0 19  TRP A CD2 1 ? 
ATOM   119  N NE1 . TRP A 1 19  ? -12.352 -1.497  11.021  1.000 28.970 0 19  TRP A NE1 1 ? 
ATOM   120  C CE2 . TRP A 1 19  ? -13.185 -2.537  11.351  1.000 33.770 0 19  TRP A CE2 1 ? 
ATOM   121  C CE3 . TRP A 1 19  ? -14.411 -4.280  10.211  1.000 37.150 0 19  TRP A CE3 1 ? 
ATOM   122  C CZ2 . TRP A 1 19  ? -13.632 -2.978  12.595  1.000 39.530 0 19  TRP A CZ2 1 ? 
ATOM   123  C CZ3 . TRP A 1 19  ? -14.875 -4.696  11.444  1.000 43.650 0 19  TRP A CZ3 1 ? 
ATOM   124  C CH2 . TRP A 1 19  ? -14.478 -4.060  12.620  1.000 39.940 0 19  TRP A CH2 1 ? 
ATOM   125  N N   . GLY A 1 20  ? -11.658 -5.130  5.203   1.000 19.160 0 20  GLY A N   1 ? 
ATOM   126  C CA  . GLY A 1 20  ? -11.619 -5.296  3.774   1.000 19.270 0 20  GLY A CA  1 ? 
ATOM   127  C C   . GLY A 1 20  ? -12.663 -6.280  3.241   1.000 19.480 0 20  GLY A C   1 ? 
ATOM   128  O O   . GLY A 1 20  ? -12.998 -6.171  2.096   1.000 22.980 0 20  GLY A O   1 ? 
ATOM   129  N N   . ASP A 1 21  ? -13.186 -7.183  4.069   1.000 21.700 0 21  ASP A N   1 ? 
ATOM   130  C CA  . ASP A 1 21  ? -14.288 -8.057  3.688   1.000 26.650 0 21  ASP A CA  1 ? 
ATOM   131  C C   . ASP A 1 21  ? -15.633 -7.541  4.196   1.000 26.380 0 21  ASP A C   1 ? 
ATOM   132  O O   . ASP A 1 21  ? -16.636 -8.248  4.050   1.000 25.300 0 21  ASP A O   1 ? 
ATOM   133  C CB  . ASP A 1 21  ? -14.080 -9.471  4.218   1.000 26.490 0 21  ASP A CB  1 ? 
ATOM   134  C CG  . ASP A 1 21  ? -12.717 -10.014 3.838   1.000 31.060 0 21  ASP A CG  1 ? 
ATOM   135  O OD1 . ASP A 1 21  ? -12.066 -9.384  2.982   1.000 37.720 0 21  ASP A OD1 1 ? 
ATOM   136  O OD2 . ASP A 1 21  ? -12.277 -10.980 4.467   1.000 35.370 0 21  ASP A OD2 1 ? 
ATOM   137  N N   . ASP A 1 22  ? -15.677 -6.326  4.765   1.000 21.280 0 22  ASP A N   1 ? 
ATOM   138  C CA  . ASP A 1 22  ? -16.971 -5.772  5.154   1.000 22.260 0 22  ASP A CA  1 ? 
ATOM   139  C C   . ASP A 1 22  ? -17.459 -4.831  4.051   1.000 19.650 0 22  ASP A C   1 ? 
ATOM   140  O O   . ASP A 1 22  ? -16.917 -3.767  3.817   1.000 20.920 0 22  ASP A O   1 ? 
ATOM   141  C CB  . ASP A 1 22  ? -16.891 -5.178  6.566   1.000 22.070 0 22  ASP A CB  1 ? 
ATOM   142  C CG  . ASP A 1 22  ? -18.185 -4.693  7.199   1.000 23.850 0 22  ASP A CG  1 ? 
ATOM   143  O OD1 . ASP A 1 22  ? -19.151 -4.414  6.451   1.000 27.960 0 22  ASP A OD1 1 ? 
ATOM   144  O OD2 . ASP A 1 22  ? -18.205 -4.598  8.450   1.000 22.960 0 22  ASP A OD2 1 ? 
ATOM   145  N N   . THR A 1 23  ? -18.561 -5.198  3.402   1.000 19.640 0 23  THR A N   1 ? 
ATOM   146  C CA  . THR A 1 23  ? -19.085 -4.437  2.276   1.000 22.270 0 23  THR A CA  1 ? 
ATOM   147  C C   . THR A 1 23  ? -19.687 -3.090  2.692   1.000 21.210 0 23  THR A C   1 ? 
ATOM   148  O O   . THR A 1 23  ? -19.937 -2.236  1.837   1.000 23.310 0 23  THR A O   1 ? 
ATOM   149  C CB  . THR A 1 23  ? -20.080 -5.280  1.459   1.000 22.910 0 23  THR A CB  1 ? 
ATOM   150  O OG1 . THR A 1 23  ? -21.072 -5.751  2.373   1.000 25.490 0 23  THR A OG1 1 ? 
ATOM   151  C CG2 . THR A 1 23  ? -19.407 -6.450  0.768   1.000 25.110 0 23  THR A CG2 1 ? 
ATOM   152  N N   . ARG A 1 24  ? -19.845 -2.820  3.983   1.000 21.250 0 24  ARG A N   1 ? 
ATOM   153  C CA  . ARG A 1 24  ? -20.247 -1.482  4.393   1.000 23.760 0 24  ARG A CA  1 ? 
ATOM   154  C C   . ARG A 1 24  ? -19.115 -0.458  4.186   1.000 24.620 0 24  ARG A C   1 ? 
ATOM   155  O O   . ARG A 1 24  ? -19.352 0.765   4.181   1.000 20.470 0 24  ARG A O   1 ? 
ATOM   156  C CB  . ARG A 1 24  ? -20.670 -1.482  5.866   1.000 29.270 0 24  ARG A CB  1 ? 
ATOM   157  C CG  . ARG A 1 24  ? -21.951 -2.263  6.137   1.000 36.120 0 24  ARG A CG  1 ? 
ATOM   158  C CD  . ARG A 1 24  ? -22.292 -2.304  7.614   1.000 36.830 0 24  ARG A CD  1 ? 
ATOM   159  N NE  . ARG A 1 24  ? -21.230 -2.987  8.324   1.000 42.070 0 24  ARG A NE  1 ? 
ATOM   160  C CZ  . ARG A 1 24  ? -21.134 -3.086  9.648   1.000 42.790 0 24  ARG A CZ  1 ? 
ATOM   161  N NH1 . ARG A 1 24  ? -22.121 -2.686  10.438  1.000 38.380 0 24  ARG A NH1 1 ? 
ATOM   162  N NH2 . ARG A 1 24  ? -20.064 -3.662  10.167  1.000 39.120 0 24  ARG A NH2 1 ? 
ATOM   163  N N   . TYR A 1 25  ? -17.866 -0.953  4.120   1.000 20.660 0 25  TYR A N   1 ? 
ATOM   164  C CA  . TYR A 1 25  ? -16.703 -0.083  4.252   1.000 19.490 0 25  TYR A CA  1 ? 
ATOM   165  C C   . TYR A 1 25  ? -15.816 -0.135  3.004   1.000 16.430 0 25  TYR A C   1 ? 
ATOM   166  O O   . TYR A 1 25  ? -15.287 0.904   2.579   1.000 17.370 0 25  TYR A O   1 ? 
ATOM   167  C CB  . TYR A 1 25  ? -15.931 -0.480  5.516   1.000 17.550 0 25  TYR A CB  1 ? 
ATOM   168  C CG  . TYR A 1 25  ? -16.709 -0.296  6.789   1.000 17.330 0 25  TYR A CG  1 ? 
ATOM   169  C CD1 . TYR A 1 25  ? -17.379 0.889   7.042   1.000 18.480 0 25  TYR A CD1 1 ? 
ATOM   170  C CD2 . TYR A 1 25  ? -16.897 -1.345  7.675   1.000 17.880 0 25  TYR A CD2 1 ? 
ATOM   171  C CE1 . TYR A 1 25  ? -18.152 1.043   8.180   1.000 20.320 0 25  TYR A CE1 1 ? 
ATOM   172  C CE2 . TYR A 1 25  ? -17.660 -1.199  8.832   1.000 17.220 0 25  TYR A CE2 1 ? 
ATOM   173  C CZ  . TYR A 1 25  ? -18.318 -0.010  9.062   1.000 19.070 0 25  TYR A CZ  1 ? 
ATOM   174  O OH  . TYR A 1 25  ? -19.036 0.220   10.214  1.000 18.610 0 25  TYR A OH  1 ? 
ATOM   175  N N   . TRP A 1 26  ? -15.639 -1.356  2.473   1.000 19.000 0 26  TRP A N   1 ? 
ATOM   176  C CA  . TRP A 1 26  ? -14.841 -1.657  1.285   1.000 18.830 0 26  TRP A CA  1 ? 
ATOM   177  C C   . TRP A 1 26  ? -15.663 -2.450  0.261   1.000 18.630 0 26  TRP A C   1 ? 
ATOM   178  O O   . TRP A 1 26  ? -16.536 -3.259  0.608   1.000 18.810 0 26  TRP A O   1 ? 
ATOM   179  C CB  . TRP A 1 26  ? -13.550 -2.416  1.669   1.000 19.050 0 26  TRP A CB  1 ? 
ATOM   180  C CG  . TRP A 1 26  ? -12.525 -1.657  2.486   1.000 18.680 0 26  TRP A CG  1 ? 
ATOM   181  C CD1 . TRP A 1 26  ? -12.493 -1.511  3.839   1.000 19.480 0 26  TRP A CD1 1 ? 
ATOM   182  C CD2 . TRP A 1 26  ? -11.323 -1.025  2.002   1.000 18.260 0 26  TRP A CD2 1 ? 
ATOM   183  N NE1 . TRP A 1 26  ? -11.383 -0.799  4.223   1.000 18.030 0 26  TRP A NE1 1 ? 
ATOM   184  C CE2 . TRP A 1 26  ? -10.634 -0.514  3.123   1.000 18.130 0 26  TRP A CE2 1 ? 
ATOM   185  C CE3 . TRP A 1 26  ? -10.731 -0.902  0.739   1.000 18.320 0 26  TRP A CE3 1 ? 
ATOM   186  C CZ2 . TRP A 1 26  ? -9.439  0.180   3.010   1.000 17.810 0 26  TRP A CZ2 1 ? 
ATOM   187  C CZ3 . TRP A 1 26  ? -9.559  -0.198  0.620   1.000 18.430 0 26  TRP A CZ3 1 ? 
ATOM   188  C CH2 . TRP A 1 26  ? -8.921  0.343   1.747   1.000 18.400 0 26  TRP A CH2 1 ? 
ATOM   189  N N   . SER A 1 27  ? -15.366 -2.197  -1.025  1.000 19.920 0 27  SER A N   1 ? 
ATOM   190  C CA  . SER A 1 27  ? -15.794 -3.054  -2.121  1.000 21.060 0 27  SER A CA  1 ? 
ATOM   191  C C   . SER A 1 27  ? -14.597 -3.516  -2.957  1.000 19.450 0 27  SER A C   1 ? 
ATOM   192  O O   . SER A 1 27  ? -13.474 -3.027  -2.795  1.000 17.390 0 27  SER A O   1 ? 
ATOM   193  C CB  . SER A 1 27  ? -16.829 -2.393  -2.975  1.000 23.440 0 27  SER A CB  1 ? 
ATOM   194  O OG  . SER A 1 27  ? -16.419 -1.128  -3.410  1.000 25.970 0 27  SER A OG  1 ? 
ATOM   195  N N   . TRP A 1 28  ? -14.849 -4.510  -3.816  1.000 18.550 0 28  TRP A N   1 ? 
ATOM   196  C CA  . TRP A 1 28  ? -13.841 -5.083  -4.689  1.000 17.910 0 28  TRP A CA  1 ? 
ATOM   197  C C   . TRP A 1 28  ? -14.407 -5.194  -6.103  1.000 21.430 0 28  TRP A C   1 ? 
ATOM   198  O O   . TRP A 1 28  ? -15.594 -5.444  -6.300  1.000 22.260 0 28  TRP A O   1 ? 
ATOM   199  C CB  . TRP A 1 28  ? -13.375 -6.452  -4.170  1.000 16.520 0 28  TRP A CB  1 ? 
ATOM   200  C CG  . TRP A 1 28  ? -12.678 -6.398  -2.856  1.000 18.080 0 28  TRP A CG  1 ? 
ATOM   201  C CD1 . TRP A 1 28  ? -13.265 -6.363  -1.620  1.000 17.970 0 28  TRP A CD1 1 ? 
ATOM   202  C CD2 . TRP A 1 28  ? -11.269 -6.458  -2.637  1.000 16.760 0 28  TRP A CD2 1 ? 
ATOM   203  N NE1 . TRP A 1 28  ? -12.329 -6.374  -0.648  1.000 17.960 0 28  TRP A NE1 1 ? 
ATOM   204  C CE2 . TRP A 1 28  ? -11.091 -6.427  -1.241  1.000 17.380 0 28  TRP A CE2 1 ? 
ATOM   205  C CE3 . TRP A 1 28  ? -10.152 -6.503  -3.479  1.000 15.590 0 28  TRP A CE3 1 ? 
ATOM   206  C CZ2 . TRP A 1 28  ? -9.825  -6.455  -0.671  1.000 18.800 0 28  TRP A CZ2 1 ? 
ATOM   207  C CZ3 . TRP A 1 28  ? -8.906  -6.492  -2.904  1.000 15.720 0 28  TRP A CZ3 1 ? 
ATOM   208  C CH2 . TRP A 1 28  ? -8.738  -6.465  -1.518  1.000 14.810 0 28  TRP A CH2 1 ? 
ATOM   209  N N   . ALA A 1 29  ? -13.538 -4.918  -7.073  1.000 23.820 0 29  ALA A N   1 ? 
ATOM   210  C CA  . ALA A 1 29  ? -13.948 -4.773  -8.452  1.000 19.970 0 29  ALA A CA  1 ? 
ATOM   211  C C   . ALA A 1 29  ? -12.854 -5.382  -9.318  1.000 20.060 0 29  ALA A C   1 ? 
ATOM   212  O O   . ALA A 1 29  ? -11.679 -5.026  -9.188  1.000 19.640 0 29  ALA A O   1 ? 
ATOM   213  C CB  . ALA A 1 29  ? -14.175 -3.331  -8.780  1.000 19.710 0 29  ALA A CB  1 ? 
ATOM   214  N N   . THR A 1 30  ? -13.269 -6.239  -10.236 1.000 18.900 0 30  THR A N   1 ? 
ATOM   215  C CA  . THR A 1 30  ? -12.361 -6.932  -11.125 1.000 22.780 0 30  THR A CA  1 ? 
ATOM   216  C C   . THR A 1 30  ? -12.061 -6.041  -12.333 1.000 25.020 0 30  THR A C   1 ? 
ATOM   217  O O   . THR A 1 30  ? -12.972 -5.470  -12.927 1.000 26.530 0 30  THR A O   1 ? 
ATOM   218  C CB  . THR A 1 30  ? -12.897 -8.325  -11.471 1.000 23.890 0 30  THR A CB  1 ? 
ATOM   219  O OG1 . THR A 1 30  ? -13.264 -8.979  -10.253 1.000 25.090 0 30  THR A OG1 1 ? 
ATOM   220  C CG2 . THR A 1 30  ? -11.854 -9.176  -12.157 1.000 25.480 0 30  THR A CG2 1 ? 
ATOM   221  N N   . VAL A 1 31  ? -10.767 -5.944  -12.705 1.000 24.230 0 31  VAL A N   1 ? 
ATOM   222  C CA  . VAL A 1 31  ? -10.347 -5.148  -13.843 1.000 24.390 0 31  VAL A CA  1 ? 
ATOM   223  C C   . VAL A 1 31  ? -9.199  -5.855  -14.564 1.000 22.090 0 31  VAL A C   1 ? 
ATOM   224  O O   . VAL A 1 31  ? -8.503  -6.679  -14.001 1.000 20.430 0 31  VAL A O   1 ? 
ATOM   225  C CB  . VAL A 1 31  ? -10.009 -3.705  -13.417 1.000 26.370 0 31  VAL A CB  1 ? 
ATOM   226  C CG1 . VAL A 1 31  ? -11.153 -3.062  -12.608 1.000 27.230 0 31  VAL A CG1 1 ? 
ATOM   227  C CG2 . VAL A 1 31  ? -8.708  -3.602  -12.625 1.000 23.750 0 31  VAL A CG2 1 ? 
ATOM   228  N N   . ASP A 1 32  ? -8.996  -5.547  -15.834 1.000 20.950 0 32  ASP A N   1 ? 
ATOM   229  C CA  . ASP A 1 32  ? -7.880  -6.119  -16.558 1.000 22.120 0 32  ASP A CA  1 ? 
ATOM   230  C C   . ASP A 1 32  ? -6.601  -5.315  -16.310 1.000 23.390 0 32  ASP A C   1 ? 
ATOM   231  O O   . ASP A 1 32  ? -6.588  -4.085  -16.323 1.000 25.390 0 32  ASP A O   1 ? 
ATOM   232  C CB  . ASP A 1 32  ? -8.175  -6.317  -18.045 1.000 24.640 0 32  ASP A CB  1 ? 
ATOM   233  C CG  . ASP A 1 32  ? -7.091  -7.139  -18.733 1.000 27.280 0 32  ASP A CG  1 ? 
ATOM   234  O OD1 . ASP A 1 32  ? -7.049  -8.394  -18.532 1.000 23.820 0 32  ASP A OD1 1 ? 
ATOM   235  O OD2 . ASP A 1 32  ? -6.250  -6.505  -19.456 1.000 34.170 0 32  ASP A OD2 1 ? 
ATOM   236  N N   . PHE A 1 33  ? -5.526  -6.058  -16.037 1.000 22.350 0 33  PHE A N   1 ? 
ATOM   237  C CA  . PHE A 1 33  ? -4.193  -5.445  -15.830 1.000 20.860 0 33  PHE A CA  1 ? 
ATOM   238  C C   . PHE A 1 33  ? -3.263  -6.182  -16.788 1.000 17.920 0 33  PHE A C   1 ? 
ATOM   239  O O   . PHE A 1 33  ? -2.806  -7.283  -16.433 1.000 19.860 0 33  PHE A O   1 ? 
ATOM   240  C CB  . PHE A 1 33  ? -3.763  -5.598  -14.372 1.000 22.580 0 33  PHE A CB  1 ? 
ATOM   241  C CG  . PHE A 1 33  ? -2.553  -4.802  -13.957 1.000 23.050 0 33  PHE A CG  1 ? 
ATOM   242  C CD1 . PHE A 1 33  ? -2.685  -3.506  -13.487 1.000 25.610 0 33  PHE A CD1 1 ? 
ATOM   243  C CD2 . PHE A 1 33  ? -1.285  -5.357  -14.012 1.000 24.140 0 33  PHE A CD2 1 ? 
ATOM   244  C CE1 . PHE A 1 33  ? -1.575  -2.777  -13.094 1.000 30.680 0 33  PHE A CE1 1 ? 
ATOM   245  C CE2 . PHE A 1 33  ? -0.176  -4.627  -13.618 1.000 27.040 0 33  PHE A CE2 1 ? 
ATOM   246  C CZ  . PHE A 1 33  ? -0.322  -3.339  -13.160 1.000 28.840 0 33  PHE A CZ  1 ? 
ATOM   247  N N   . SER A 1 34  ? -3.012  -5.601  -17.960 0.500 17.920 0 34  SER A N   1 ? 
ATOM   248  C CA  . SER A 1 34  ? -2.234  -6.339  -18.988 0.500 19.230 0 34  SER A CA  1 ? 
ATOM   249  C C   . SER A 1 34  ? -3.011  -7.627  -19.289 0.500 20.890 0 34  SER A C   1 ? 
ATOM   250  O O   . SER A 1 34  ? -4.169  -7.519  -19.628 0.500 23.530 0 34  SER A O   1 ? 
ATOM   251  C CB  . SER A 1 34  ? -0.807  -6.557  -18.578 1.000 18.630 0 34  SER A CB  1 ? 
ATOM   252  O OG  . SER A 1 34  ? -0.116  -5.320  -18.558 1.000 23.940 0 34  SER A OG  1 ? 
ATOM   253  N N   . SER A 1 35  ? -2.405  -8.799  -19.243 1.000 24.200 0 35  SER A N   1 ? 
ATOM   254  C CA  . SER A 1 35  ? -3.215  -9.996  -19.606 1.000 23.080 0 35  SER A CA  1 ? 
ATOM   255  C C   . SER A 1 35  ? -4.022  -10.518 -18.400 1.000 22.330 0 35  SER A C   1 ? 
ATOM   256  O O   . SER A 1 35  ? -4.901  -11.370 -18.604 1.000 21.290 0 35  SER A O   1 ? 
ATOM   257  C CB  . SER A 1 35  ? -2.316  -11.046 -20.176 1.000 21.170 0 35  SER A CB  1 ? 
ATOM   258  O OG  . SER A 1 35  ? -0.967  -10.793 -19.825 1.000 18.870 0 35  SER A OG  1 ? 
ATOM   259  N N   . TYR A 1 36  ? -3.726  -10.048 -17.186 1.000 21.220 0 36  TYR A N   1 ? 
ATOM   260  C CA  . TYR A 1 36  ? -4.400  -10.562 -15.955 1.000 18.530 0 36  TYR A CA  1 ? 
ATOM   261  C C   . TYR A 1 36  ? -5.653  -9.872  -15.388 1.000 19.370 0 36  TYR A C   1 ? 
ATOM   262  O O   . TYR A 1 36  ? -5.843  -8.671  -15.631 1.000 20.870 0 36  TYR A O   1 ? 
ATOM   263  C CB  . TYR A 1 36  ? -3.291  -10.576 -14.900 1.000 16.800 0 36  TYR A CB  1 ? 
ATOM   264  C CG  . TYR A 1 36  ? -2.065  -11.268 -15.439 1.000 15.550 0 36  TYR A CG  1 ? 
ATOM   265  C CD1 . TYR A 1 36  ? -1.959  -12.646 -15.398 1.000 17.160 0 36  TYR A CD1 1 ? 
ATOM   266  C CD2 . TYR A 1 36  ? -1.060  -10.561 -16.079 1.000 15.590 0 36  TYR A CD2 1 ? 
ATOM   267  C CE1 . TYR A 1 36  ? -0.864  -13.304 -15.927 1.000 17.280 0 36  TYR A CE1 1 ? 
ATOM   268  C CE2 . TYR A 1 36  ? 0.042   -11.203 -16.618 1.000 17.910 0 36  TYR A CE2 1 ? 
ATOM   269  C CZ  . TYR A 1 36  ? 0.141   -12.581 -16.541 1.000 17.500 0 36  TYR A CZ  1 ? 
ATOM   270  O OH  . TYR A 1 36  ? 1.225   -13.239 -17.066 1.000 14.100 0 36  TYR A OH  1 ? 
ATOM   271  N N   . ALA A 1 37  ? -6.480  -10.641 -14.650 1.000 19.300 0 37  ALA A N   1 ? 
ATOM   272  C CA  . ALA A 1 37  ? -7.647  -10.133 -13.939 1.000 17.050 0 37  ALA A CA  1 ? 
ATOM   273  C C   . ALA A 1 37  ? -7.129  -9.780  -12.582 1.000 16.850 0 37  ALA A C   1 ? 
ATOM   274  O O   . ALA A 1 37  ? -6.590  -10.659 -11.924 1.000 17.580 0 37  ALA A O   1 ? 
ATOM   275  C CB  . ALA A 1 37  ? -8.745  -11.146 -13.758 1.000 17.300 0 37  ALA A CB  1 ? 
ATOM   276  N N   . ILE A 1 38  ? -7.289  -8.531  -12.197 1.000 14.980 0 38  ILE A N   1 ? 
ATOM   277  C CA  . ILE A 1 38  ? -7.026  -8.201  -10.788 1.000 17.130 0 38  ILE A CA  1 ? 
ATOM   278  C C   . ILE A 1 38  ? -8.292  -7.610  -10.180 1.000 18.820 0 38  ILE A C   1 ? 
ATOM   279  O O   . ILE A 1 38  ? -9.258  -7.390  -10.904 1.000 22.690 0 38  ILE A O   1 ? 
ATOM   280  C CB  . ILE A 1 38  ? -5.789  -7.303  -10.630 1.000 17.650 0 38  ILE A CB  1 ? 
ATOM   281  C CG1 . ILE A 1 38  ? -6.015  -5.898  -11.186 1.000 20.270 0 38  ILE A CG1 1 ? 
ATOM   282  C CG2 . ILE A 1 38  ? -4.572  -7.959  -11.260 1.000 18.440 0 38  ILE A CG2 1 ? 
ATOM   283  C CD1 . ILE A 1 38  ? -4.822  -5.007  -11.074 1.000 20.890 0 38  ILE A CD1 1 ? 
ATOM   284  N N   . GLU A 1 39  ? -8.306  -7.497  -8.834  1.000 17.170 0 39  GLU A N   1 ? 
ATOM   285  C CA  . GLU A 1 39  ? -9.353  -6.802  -8.118  1.000 15.910 0 39  GLU A CA  1 ? 
ATOM   286  C C   . GLU A 1 39  ? -8.750  -5.625  -7.363  1.000 16.550 0 39  GLU A C   1 ? 
ATOM   287  O O   . GLU A 1 39  ? -7.864  -5.799  -6.528  1.000 15.280 0 39  GLU A O   1 ? 
ATOM   288  C CB  . GLU A 1 39  ? -10.040 -7.755  -7.161  1.000 17.600 0 39  GLU A CB  1 ? 
ATOM   289  C CG  . GLU A 1 39  ? -10.398 -9.094  -7.802  1.000 17.070 0 39  GLU A CG  1 ? 
ATOM   290  C CD  . GLU A 1 39  ? -10.982 -10.037 -6.779  1.000 18.610 0 39  GLU A CD  1 ? 
ATOM   291  O OE1 . GLU A 1 39  ? -10.263 -10.898 -6.334  1.000 17.270 0 39  GLU A OE1 1 ? 
ATOM   292  O OE2 . GLU A 1 39  ? -12.113 -9.821  -6.374  1.000 19.100 0 39  GLU A OE2 1 ? 
ATOM   293  N N   . GLU A 1 40  ? -9.234  -4.436  -7.726  1.000 15.540 0 40  GLU A N   1 ? 
ATOM   294  C CA  . GLU A 1 40  ? -8.950  -3.221  -6.993  1.000 17.440 0 40  GLU A CA  1 ? 
ATOM   295  C C   . GLU A 1 40  ? -9.762  -3.270  -5.705  1.000 16.090 0 40  GLU A C   1 ? 
ATOM   296  O O   . GLU A 1 40  ? -10.950 -3.640  -5.713  1.000 18.970 0 40  GLU A O   1 ? 
ATOM   297  C CB  . GLU A 1 40  ? -9.333  -1.996  -7.824  1.000 17.870 0 40  GLU A CB  1 ? 
ATOM   298  C CG  . GLU A 1 40  ? -8.553  -1.810  -9.102  1.000 20.550 0 40  GLU A CG  1 ? 
ATOM   299  C CD  . GLU A 1 40  ? -9.106  -0.662  -9.919  1.000 19.980 0 40  GLU A CD  1 ? 
ATOM   300  O OE1 . GLU A 1 40  ? -9.953  0.105   -9.399  1.000 26.380 0 40  GLU A OE1 1 ? 
ATOM   301  O OE2 . GLU A 1 40  ? -8.666  -0.496  -11.045 1.000 28.720 0 40  GLU A OE2 1 ? 
ATOM   302  N N   . ALA A 1 41  ? -9.159  -2.778  -4.631  1.000 14.350 0 41  ALA A N   1 ? 
ATOM   303  C CA  . ALA A 1 41  ? -9.856  -2.554  -3.385  1.000 15.640 0 41  ALA A CA  1 ? 
ATOM   304  C C   . ALA A 1 41  ? -10.366 -1.119  -3.355  1.000 17.020 0 41  ALA A C   1 ? 
ATOM   305  O O   . ALA A 1 41  ? -9.567  -0.209  -3.497  1.000 18.850 0 41  ALA A O   1 ? 
ATOM   306  C CB  . ALA A 1 41  ? -8.928  -2.822  -2.224  1.000 15.580 0 41  ALA A CB  1 ? 
ATOM   307  N N   . ARG A 1 42  ? -11.676 -0.931  -3.145  1.000 15.890 0 42  ARG A N   1 ? 
ATOM   308  C CA  . ARG A 1 42  ? -12.276 0.402   -3.243  1.000 16.330 0 42  ARG A CA  1 ? 
ATOM   309  C C   . ARG A 1 42  ? -12.808 0.858   -1.901  1.000 14.450 0 42  ARG A C   1 ? 
ATOM   310  O O   . ARG A 1 42  ? -13.766 0.297   -1.405  1.000 14.280 0 42  ARG A O   1 ? 
ATOM   311  C CB  . ARG A 1 42  ? -13.393 0.394   -4.280  1.000 16.800 0 42  ARG A CB  1 ? 
ATOM   312  C CG  . ARG A 1 42  ? -12.881 0.278   -5.699  1.000 21.970 0 42  ARG A CG  1 ? 
ATOM   313  C CD  . ARG A 1 42  ? -13.983 -0.104  -6.655  1.000 23.610 0 42  ARG A CD  1 ? 
ATOM   314  N NE  . ARG A 1 42  ? -13.318 -0.282  -7.944  1.000 30.080 0 42  ARG A NE  1 ? 
ATOM   315  C CZ  . ARG A 1 42  ? -13.778 0.145   -9.102  1.000 30.150 0 42  ARG A CZ  1 ? 
ATOM   316  N NH1 . ARG A 1 42  ? -14.965 0.722   -9.170  1.000 31.650 0 42  ARG A NH1 1 ? 
ATOM   317  N NH2 . ARG A 1 42  ? -13.043 -0.018  -10.183 1.000 30.610 0 42  ARG A NH2 1 ? 
ATOM   318  N N   . LEU A 1 43  ? -12.109 1.794   -1.243  1.000 16.050 0 43  LEU A N   1 ? 
ATOM   319  C CA  . LEU A 1 43  ? -12.531 2.243   0.069   1.000 15.830 0 43  LEU A CA  1 ? 
ATOM   320  C C   . LEU A 1 43  ? -13.777 3.104   -0.111  1.000 17.830 0 43  LEU A C   1 ? 
ATOM   321  O O   . LEU A 1 43  ? -13.816 3.968   -0.975  1.000 20.650 0 43  LEU A O   1 ? 
ATOM   322  C CB  . LEU A 1 43  ? -11.398 2.981   0.784   1.000 15.120 0 43  LEU A CB  1 ? 
ATOM   323  C CG  . LEU A 1 43  ? -11.797 3.778   2.026   1.000 18.150 0 43  LEU A CG  1 ? 
ATOM   324  C CD1 . LEU A 1 43  ? -12.112 2.888   3.193   1.000 19.840 0 43  LEU A CD1 1 ? 
ATOM   325  C CD2 . LEU A 1 43  ? -10.682 4.720   2.428   1.000 17.630 0 43  LEU A CD2 1 ? 
ATOM   326  N N   . LEU A 1 44  ? -14.836 2.766   0.620   1.000 16.890 0 44  LEU A N   1 ? 
ATOM   327  C CA  . LEU A 1 44  ? -16.029 3.608   0.631   1.000 17.220 0 44  LEU A CA  1 ? 
ATOM   328  C C   . LEU A 1 44  ? -15.820 4.662   1.706   1.000 16.910 0 44  LEU A C   1 ? 
ATOM   329  O O   . LEU A 1 44  ? -15.790 5.858   1.389   1.000 18.810 0 44  LEU A O   1 ? 
ATOM   330  C CB  . LEU A 1 44  ? -17.250 2.714   0.875   1.000 17.080 0 44  LEU A CB  1 ? 
ATOM   331  C CG  . LEU A 1 44  ? -17.382 1.538   -0.105  1.000 19.630 0 44  LEU A CG  1 ? 
ATOM   332  C CD1 . LEU A 1 44  ? -18.766 0.924   -0.021  1.000 20.540 0 44  LEU A CD1 1 ? 
ATOM   333  C CD2 . LEU A 1 44  ? -17.095 1.972   -1.539  1.000 21.200 0 44  LEU A CD2 1 ? 
ATOM   334  N N   . GLN A 1 45  ? -15.680 4.185   2.948   1.000 16.820 0 45  GLN A N   1 ? 
ATOM   335  C CA  . GLN A 1 45  ? -15.457 5.002   4.130   1.000 18.280 0 45  GLN A CA  1 ? 
ATOM   336  C C   . GLN A 1 45  ? -14.981 4.145   5.318   1.000 15.760 0 45  GLN A C   1 ? 
ATOM   337  O O   . GLN A 1 45  ? -15.544 3.075   5.600   1.000 17.320 0 45  GLN A O   1 ? 
ATOM   338  C CB  . GLN A 1 45  ? -16.730 5.772   4.506   1.000 22.870 0 45  GLN A CB  1 ? 
ATOM   339  C CG  . GLN A 1 45  ? -17.825 4.881   5.031   1.000 26.740 0 45  GLN A CG  1 ? 
ATOM   340  C CD  . GLN A 1 45  ? -19.135 5.150   4.337   1.000 39.900 0 45  GLN A CD  1 ? 
ATOM   341  O OE1 . GLN A 1 45  ? -19.176 5.388   3.125   1.000 47.870 0 45  GLN A OE1 1 ? 
ATOM   342  N NE2 . GLN A 1 45  ? -20.216 5.124   5.105   1.000 42.030 0 45  GLN A NE2 1 ? 
ATOM   343  N N   . VAL A 1 46  ? -13.933 4.615   6.016   1.000 14.430 0 46  VAL A N   1 ? 
ATOM   344  C CA  . VAL A 1 46  ? -13.550 4.088   7.333   1.000 13.100 0 46  VAL A CA  1 ? 
ATOM   345  C C   . VAL A 1 46  ? -12.989 5.211   8.202   1.000 14.170 0 46  VAL A C   1 ? 
ATOM   346  O O   . VAL A 1 46  ? -12.566 6.254   7.693   1.000 15.410 0 46  VAL A O   1 ? 
ATOM   347  C CB  . VAL A 1 46  ? -12.518 2.934   7.297   1.000 14.350 0 46  VAL A CB  1 ? 
ATOM   348  C CG1 . VAL A 1 46  ? -12.868 1.779   6.363   1.000 14.900 0 46  VAL A CG1 1 ? 
ATOM   349  C CG2 . VAL A 1 46  ? -11.143 3.444   6.926   1.000 14.400 0 46  VAL A CG2 1 ? 
ATOM   350  N N   . SER A 1 47  ? -12.984 5.008   9.551   1.000 13.790 0 47  SER A N   1 ? 
ATOM   351  C CA  . SER A 1 47  ? -12.055 5.747   10.396  1.000 12.740 0 47  SER A CA  1 ? 
ATOM   352  C C   . SER A 1 47  ? -10.716 5.001   10.480  1.000 14.290 0 47  SER A C   1 ? 
ATOM   353  O O   . SER A 1 47  ? -9.689  5.640   10.497  1.000 15.950 0 47  SER A O   1 ? 
ATOM   354  C CB  . SER A 1 47  ? -12.659 6.032   11.780  1.000 13.530 0 47  SER A CB  1 ? 
ATOM   355  O OG  . SER A 1 47  ? -12.762 4.832   12.576  1.000 12.320 0 47  SER A OG  1 ? 
ATOM   356  N N   . TRP A 1 48  ? -10.722 3.659   10.471  1.000 14.490 0 48  TRP A N   1 ? 
ATOM   357  C CA  . TRP A 1 48  ? -9.502  2.868   10.656  1.000 15.010 0 48  TRP A CA  1 ? 
ATOM   358  C C   . TRP A 1 48  ? -8.965  2.374   9.321   1.000 15.490 0 48  TRP A C   1 ? 
ATOM   359  O O   . TRP A 1 48  ? -9.497  1.407   8.752   1.000 15.850 0 48  TRP A O   1 ? 
ATOM   360  C CB  . TRP A 1 48  ? -9.752  1.687   11.589  1.000 15.120 0 48  TRP A CB  1 ? 
ATOM   361  C CG  . TRP A 1 48  ? -8.531  0.929   11.996  1.000 15.640 0 48  TRP A CG  1 ? 
ATOM   362  C CD1 . TRP A 1 48  ? -7.898  -0.078  11.327  1.000 15.820 0 48  TRP A CD1 1 ? 
ATOM   363  C CD2 . TRP A 1 48  ? -7.761  1.158   13.188  1.000 18.080 0 48  TRP A CD2 1 ? 
ATOM   364  N NE1 . TRP A 1 48  ? -6.813  -0.508  12.045  1.000 17.310 0 48  TRP A NE1 1 ? 
ATOM   365  C CE2 . TRP A 1 48  ? -6.692  0.239   13.184  1.000 18.750 0 48  TRP A CE2 1 ? 
ATOM   366  C CE3 . TRP A 1 48  ? -7.886  2.039   14.265  1.000 19.610 0 48  TRP A CE3 1 ? 
ATOM   367  C CZ2 . TRP A 1 48  ? -5.773  0.157   14.232  1.000 19.140 0 48  TRP A CZ2 1 ? 
ATOM   368  C CZ3 . TRP A 1 48  ? -6.955  1.990   15.281  1.000 19.840 0 48  TRP A CZ3 1 ? 
ATOM   369  C CH2 . TRP A 1 48  ? -5.936  1.033   15.275  1.000 19.920 0 48  TRP A CH2 1 ? 
ATOM   370  N N   . LEU A 1 49  ? -7.979  3.082   8.777   1.000 14.550 0 49  LEU A N   1 ? 
ATOM   371  C CA  . LEU A 1 49  ? -7.472  2.726   7.468   1.000 16.260 0 49  LEU A CA  1 ? 
ATOM   372  C C   . LEU A 1 49  ? -6.139  2.007   7.621   1.000 15.660 0 49  LEU A C   1 ? 
ATOM   373  O O   . LEU A 1 49  ? -5.204  2.556   8.176   1.000 18.420 0 49  LEU A O   1 ? 
ATOM   374  C CB  . LEU A 1 49  ? -7.313  3.965   6.612   1.000 15.340 0 49  LEU A CB  1 ? 
ATOM   375  C CG  . LEU A 1 49  ? -6.535  3.751   5.336   1.000 16.770 0 49  LEU A CG  1 ? 
ATOM   376  C CD1 . LEU A 1 49  ? -7.307  2.783   4.410   1.000 17.720 0 49  LEU A CD1 1 ? 
ATOM   377  C CD2 . LEU A 1 49  ? -6.183  5.076   4.651   1.000 15.330 0 49  LEU A CD2 1 ? 
ATOM   378  N N   . ASP A 1 50  ? -6.086  0.780   7.143   1.000 15.020 0 50  ASP A N   1 ? 
ATOM   379  C CA  . ASP A 1 50  ? -4.898  -0.036  7.356   1.000 14.250 0 50  ASP A CA  1 ? 
ATOM   380  C C   . ASP A 1 50  ? -4.796  -1.108  6.287   1.000 14.550 0 50  ASP A C   1 ? 
ATOM   381  O O   . ASP A 1 50  ? -5.569  -2.036  6.298   1.000 16.170 0 50  ASP A O   1 ? 
ATOM   382  C CB  . ASP A 1 50  ? -4.943  -0.596  8.772   1.000 13.500 0 50  ASP A CB  1 ? 
ATOM   383  C CG  . ASP A 1 50  ? -3.584  -1.034  9.250   1.000 15.180 0 50  ASP A CG  1 ? 
ATOM   384  O OD1 . ASP A 1 50  ? -3.110  -2.034  8.670   1.000 18.190 0 50  ASP A OD1 1 ? 
ATOM   385  O OD2 . ASP A 1 50  ? -3.000  -0.381  10.174  1.000 14.290 0 50  ASP A OD2 1 ? 
ATOM   386  N N   . CYS A 1 51  ? -3.715  -1.039  5.494   1.000 16.820 0 51  CYS A N   1 ? 
ATOM   387  C CA  . CYS A 1 51  ? -3.422  -1.975  4.416   1.000 16.650 0 51  CYS A CA  1 ? 
ATOM   388  C C   . CYS A 1 51  ? -1.961  -2.462  4.578   1.000 16.660 0 51  CYS A C   1 ? 
ATOM   389  O O   . CYS A 1 51  ? -1.052  -1.628  4.712   1.000 14.400 0 51  CYS A O   1 ? 
ATOM   390  C CB  . CYS A 1 51  ? -3.710  -1.327  3.063   1.000 15.620 0 51  CYS A CB  1 ? 
ATOM   391  S SG  . CYS A 1 51  ? -3.087  -2.294  1.648   1.000 14.900 0 51  CYS A SG  1 ? 
ATOM   392  N N   . ARG A 1 52  ? -1.744  -3.792  4.629   1.000 16.350 0 52  ARG A N   1 ? 
ATOM   393  C CA  . ARG A 1 52  ? -0.411  -4.342  4.873   1.000 16.110 0 52  ARG A CA  1 ? 
ATOM   394  C C   . ARG A 1 52  ? -0.162  -5.614  4.081   1.000 19.970 0 52  ARG A C   1 ? 
ATOM   395  O O   . ARG A 1 52  ? -0.889  -6.628  4.245   1.000 20.120 0 52  ARG A O   1 ? 
ATOM   396  C CB  . ARG A 1 52  ? -0.275  -4.605  6.371   1.000 18.590 0 52  ARG A CB  1 ? 
ATOM   397  C CG  . ARG A 1 52  ? 0.800   -5.603  6.770   1.000 21.340 0 52  ARG A CG  1 ? 
ATOM   398  C CD  . ARG A 1 52  ? 1.522   -5.405  8.082   1.000 22.200 0 52  ARG A CD  1 ? 
ATOM   399  N NE  . ARG A 1 52  ? 0.845   -4.661  9.139   1.000 23.680 0 52  ARG A NE  1 ? 
ATOM   400  C CZ  . ARG A 1 52  ? 0.882   -4.944  10.443  1.000 25.750 0 52  ARG A CZ  1 ? 
ATOM   401  N NH1 . ARG A 1 52  ? 0.461   -4.068  11.319  1.000 25.710 0 52  ARG A NH1 1 ? 
ATOM   402  N NH2 . ARG A 1 52  ? 1.445   -6.040  10.891  1.000 27.390 0 52  ARG A NH2 1 ? 
ATOM   403  N N   . TRP A 1 53  ? 0.829   -5.515  3.178   1.000 16.060 0 53  TRP A N   1 ? 
ATOM   404  C CA  . TRP A 1 53  ? 1.440   -6.651  2.513   1.000 15.430 0 53  TRP A CA  1 ? 
ATOM   405  C C   . TRP A 1 53  ? 2.612   -7.175  3.344   1.000 14.290 0 53  TRP A C   1 ? 
ATOM   406  O O   . TRP A 1 53  ? 3.296   -6.387  3.994   1.000 13.480 0 53  TRP A O   1 ? 
ATOM   407  C CB  . TRP A 1 53  ? 1.924   -6.259  1.117   1.000 16.230 0 53  TRP A CB  1 ? 
ATOM   408  C CG  . TRP A 1 53  ? 0.860   -5.943  0.105   1.000 15.320 0 53  TRP A CG  1 ? 
ATOM   409  C CD1 . TRP A 1 53  ? 0.232   -6.839  -0.700  1.000 15.180 0 53  TRP A CD1 1 ? 
ATOM   410  C CD2 . TRP A 1 53  ? 0.355   -4.647  -0.266  1.000 15.280 0 53  TRP A CD2 1 ? 
ATOM   411  N NE1 . TRP A 1 53  ? -0.627  -6.192  -1.549  1.000 16.210 0 53  TRP A NE1 1 ? 
ATOM   412  C CE2 . TRP A 1 53  ? -0.558  -4.839  -1.324  1.000 14.180 0 53  TRP A CE2 1 ? 
ATOM   413  C CE3 . TRP A 1 53  ? 0.553   -3.338  0.216   1.000 15.560 0 53  TRP A CE3 1 ? 
ATOM   414  C CZ2 . TRP A 1 53  ? -1.300  -3.785  -1.887  1.000 15.830 0 53  TRP A CZ2 1 ? 
ATOM   415  C CZ3 . TRP A 1 53  ? -0.139  -2.293  -0.374  1.000 13.500 0 53  TRP A CZ3 1 ? 
ATOM   416  C CH2 . TRP A 1 53  ? -1.035  -2.502  -1.432  1.000 12.850 0 53  TRP A CH2 1 ? 
ATOM   417  N N   . SER A 1 54  ? 2.793   -8.502  3.362   1.000 14.240 0 54  SER A N   1 ? 
ATOM   418  C CA  . SER A 1 54  ? 3.968   -9.143  3.956   1.000 15.120 0 54  SER A CA  1 ? 
ATOM   419  C C   . SER A 1 54  ? 4.593   -10.052 2.892   1.000 15.460 0 54  SER A C   1 ? 
ATOM   420  O O   . SER A 1 54  ? 3.861   -10.807 2.228   1.000 12.280 0 54  SER A O   1 ? 
ATOM   421  C CB  . SER A 1 54  ? 3.628   -9.891  5.242   1.000 15.440 0 54  SER A CB  1 ? 
ATOM   422  O OG  . SER A 1 54  ? 2.756   -9.106  6.079   1.000 16.800 0 54  SER A OG  1 ? 
ATOM   423  N N   . MET A 1 55  ? 5.929   -9.971  2.756   1.000 15.940 0 55  MET A N   1 ? 
ATOM   424  C CA  . MET A 1 55  ? 6.707   -10.728 1.775   1.000 17.240 0 55  MET A CA  1 ? 
ATOM   425  C C   . MET A 1 55  ? 8.046   -10.981 2.440   1.000 18.710 0 55  MET A C   1 ? 
ATOM   426  O O   . MET A 1 55  ? 8.444   -10.164 3.274   1.000 24.940 0 55  MET A O   1 ? 
ATOM   427  C CB  . MET A 1 55  ? 6.982   -9.970  0.478   1.000 16.670 0 55  MET A CB  1 ? 
ATOM   428  C CG  . MET A 1 55  ? 5.776   -9.704  -0.406  1.000 17.420 0 55  MET A CG  1 ? 
ATOM   429  S SD  . MET A 1 55  ? 6.292   -8.798  -1.899  1.000 17.380 0 55  MET A SD  1 ? 
ATOM   430  C CE  . MET A 1 55  ? 7.141   -10.070 -2.835  1.000 16.960 0 55  MET A CE  1 ? 
ATOM   431  N N   . ASP A 1 56  ? 8.663   -12.131 2.213   1.000 20.410 0 56  ASP A N   1 ? 
ATOM   432  C CA  . ASP A 1 56  ? 9.892   -12.467 2.917   1.000 19.900 0 56  ASP A CA  1 ? 
ATOM   433  C C   . ASP A 1 56  ? 11.092  -11.792 2.267   1.000 19.060 0 56  ASP A C   1 ? 
ATOM   434  O O   . ASP A 1 56  ? 11.188  -11.850 1.032   1.000 18.810 0 56  ASP A O   1 ? 
ATOM   435  C CB  . ASP A 1 56  ? 10.183  -13.970 2.875   1.000 20.340 0 56  ASP A CB  1 ? 
ATOM   436  C CG  . ASP A 1 56  ? 11.163  -14.366 3.955   1.000 20.510 0 56  ASP A CG  1 ? 
ATOM   437  O OD1 . ASP A 1 56  ? 10.680  -14.496 5.122   1.000 17.900 0 56  ASP A OD1 1 ? 
ATOM   438  O OD2 . ASP A 1 56  ? 12.391  -14.564 3.628   1.000 19.600 0 56  ASP A OD2 1 ? 
ATOM   439  N N   . ALA A 1 57  ? 12.083  -11.355 3.089   1.000 17.260 0 57  ALA A N   1 ? 
ATOM   440  C CA  . ALA A 1 57  ? 13.339  -10.799 2.573   1.000 18.080 0 57  ALA A CA  1 ? 
ATOM   441  C C   . ALA A 1 57  ? 14.052  -11.727 1.590   1.000 19.220 0 57  ALA A C   1 ? 
ATOM   442  O O   . ALA A 1 57  ? 14.810  -11.240 0.764   1.000 19.570 0 57  ALA A O   1 ? 
ATOM   443  C CB  . ALA A 1 57  ? 14.332  -10.416 3.678   1.000 18.480 0 57  ALA A CB  1 ? 
ATOM   444  N N   . SER A 1 58  ? 13.865  -13.048 1.721   1.000 19.890 0 58  SER A N   1 ? 
ATOM   445  C CA  . SER A 1 58  ? 14.461  -14.046 0.851   1.000 20.740 0 58  SER A CA  1 ? 
ATOM   446  C C   . SER A 1 58  ? 13.868  -13.997 -0.557  1.000 18.550 0 58  SER A C   1 ? 
ATOM   447  O O   . SER A 1 58  ? 14.456  -14.538 -1.480  1.000 19.720 0 58  SER A O   1 ? 
ATOM   448  C CB  . SER A 1 58  ? 14.328  -15.435 1.466   1.000 23.210 0 58  SER A CB  1 ? 
ATOM   449  O OG  . SER A 1 58  ? 12.953  -15.826 1.496   1.000 23.560 0 58  SER A OG  1 ? 
ATOM   450  N N   . ASP A 1 59  ? 12.791  -13.213 -0.743  1.000 17.590 0 59  ASP A N   1 ? 
ATOM   451  C CA  . ASP A 1 59  ? 12.141  -13.059 -2.028  1.000 17.420 0 59  ASP A CA  1 ? 
ATOM   452  C C   . ASP A 1 59  ? 12.956  -12.137 -2.922  1.000 19.680 0 59  ASP A C   1 ? 
ATOM   453  O O   . ASP A 1 59  ? 12.814  -12.174 -4.153  1.000 17.990 0 59  ASP A O   1 ? 
ATOM   454  C CB  . ASP A 1 59  ? 10.754  -12.445 -1.871  1.000 18.110 0 59  ASP A CB  1 ? 
ATOM   455  C CG  . ASP A 1 59  ? 9.766   -13.297 -1.095  1.000 19.970 0 59  ASP A CG  1 ? 
ATOM   456  O OD1 . ASP A 1 59  ? 10.053  -14.537 -0.826  1.000 20.810 0 59  ASP A OD1 1 ? 
ATOM   457  O OD2 . ASP A 1 59  ? 8.714   -12.712 -0.733  1.000 22.410 0 59  ASP A OD2 1 ? 
ATOM   458  N N   . PHE A 1 60  ? 13.839  -11.375 -2.262  1.000 16.040 0 60  PHE A N   1 ? 
ATOM   459  C CA  . PHE A 1 60  ? 14.649  -10.345 -2.860  1.000 16.150 0 60  PHE A CA  1 ? 
ATOM   460  C C   . PHE A 1 60  ? 16.155  -10.644 -2.863  1.000 16.170 0 60  PHE A C   1 ? 
ATOM   461  O O   . PHE A 1 60  ? 16.639  -11.385 -2.035  1.000 18.400 0 60  PHE A O   1 ? 
ATOM   462  C CB  . PHE A 1 60  ? 14.439  -9.123  -1.977  1.000 15.220 0 60  PHE A CB  1 ? 
ATOM   463  C CG  . PHE A 1 60  ? 12.981  -8.759  -1.881  1.000 13.610 0 60  PHE A CG  1 ? 
ATOM   464  C CD1 . PHE A 1 60  ? 12.328  -8.266  -2.988  1.000 13.030 0 60  PHE A CD1 1 ? 
ATOM   465  C CD2 . PHE A 1 60  ? 12.258  -8.998  -0.717  1.000 13.750 0 60  PHE A CD2 1 ? 
ATOM   466  C CE1 . PHE A 1 60  ? 10.970  -7.948  -2.923  1.000 14.090 0 60  PHE A CE1 1 ? 
ATOM   467  C CE2 . PHE A 1 60  ? 10.910  -8.682  -0.649  1.000 16.220 0 60  PHE A CE2 1 ? 
ATOM   468  C CZ  . PHE A 1 60  ? 10.263  -8.152  -1.759  1.000 14.290 0 60  PHE A CZ  1 ? 
ATOM   469  N N   . LYS A 1 61  ? 16.896  -9.952  -3.723  1.000 16.630 0 61  LYS A N   1 ? 
ATOM   470  C CA  . LYS A 1 61  ? 18.335  -10.101 -3.825  1.000 19.810 0 61  LYS A CA  1 ? 
ATOM   471  C C   . LYS A 1 61  ? 19.011  -9.273  -2.740  1.000 18.800 0 61  LYS A C   1 ? 
ATOM   472  O O   . LYS A 1 61  ? 18.452  -8.279  -2.299  1.000 18.910 0 61  LYS A O   1 ? 
ATOM   473  C CB  . LYS A 1 61  ? 18.798  -9.678  -5.214  1.000 21.820 0 61  LYS A CB  1 ? 
ATOM   474  C CG  . LYS A 1 61  ? 17.959  -10.162 -6.393  1.000 26.380 0 61  LYS A CG  1 ? 
ATOM   475  C CD  . LYS A 1 61  ? 18.321  -11.522 -6.961  1.000 27.560 0 61  LYS A CD  1 ? 
ATOM   476  C CE  . LYS A 1 61  ? 17.618  -11.788 -8.278  1.000 27.060 0 61  LYS A CE  1 ? 
ATOM   477  N NZ  . LYS A 1 61  ? 17.489  -13.233 -8.577  1.000 33.490 0 61  LYS A NZ  1 ? 
ATOM   478  N N   . GLN A 1 62  ? 20.151  -9.753  -2.242  1.000 20.600 0 62  GLN A N   1 ? 
ATOM   479  C CA  . GLN A 1 62  ? 20.827  -9.071  -1.148  1.000 25.280 0 62  GLN A CA  1 ? 
ATOM   480  C C   . GLN A 1 62  ? 21.787  -8.045  -1.745  1.000 22.970 0 62  GLN A C   1 ? 
ATOM   481  O O   . GLN A 1 62  ? 22.092  -8.124  -2.916  1.000 19.530 0 62  GLN A O   1 ? 
ATOM   482  C CB  . GLN A 1 62  ? 21.471  -10.064 -0.171  1.000 30.050 0 62  GLN A CB  1 ? 
ATOM   483  C CG  . GLN A 1 62  ? 22.973  -10.247 -0.307  1.000 35.650 0 62  GLN A CG  1 ? 
ATOM   484  C CD  . GLN A 1 62  ? 23.511  -11.333 0.606   1.000 43.190 0 62  GLN A CD  1 ? 
ATOM   485  O OE1 . GLN A 1 62  ? 22.930  -12.408 0.742   1.000 35.160 0 62  GLN A OE1 1 ? 
ATOM   486  N NE2 . GLN A 1 62  ? 24.628  -11.059 1.268   1.000 46.100 0 62  GLN A NE2 1 ? 
ATOM   487  N N   . ASP A 1 63  ? 22.219  -7.090  -0.921  1.000 23.820 0 63  ASP A N   1 ? 
ATOM   488  C CA  . ASP A 1 63  ? 23.141  -6.027  -1.291  1.000 27.700 0 63  ASP A CA  1 ? 
ATOM   489  C C   . ASP A 1 63  ? 22.633  -5.164  -2.461  1.000 25.940 0 63  ASP A C   1 ? 
ATOM   490  O O   . ASP A 1 63  ? 23.450  -4.668  -3.237  1.000 24.700 0 63  ASP A O   1 ? 
ATOM   491  C CB  . ASP A 1 63  ? 24.535  -6.628  -1.535  1.000 36.140 0 63  ASP A CB  1 ? 
ATOM   492  C CG  . ASP A 1 63  ? 25.110  -7.322  -0.311  1.000 40.260 0 63  ASP A CG  1 ? 
ATOM   493  O OD1 . ASP A 1 63  ? 24.464  -7.289  0.753   1.000 46.170 0 63  ASP A OD1 1 ? 
ATOM   494  O OD2 . ASP A 1 63  ? 26.182  -7.912  -0.427  1.000 50.020 0 63  ASP A OD2 1 ? 
ATOM   495  N N   . ILE A 1 64  ? 21.302  -4.955  -2.562  1.000 23.580 0 64  ILE A N   1 ? 
ATOM   496  C CA  . ILE A 1 64  ? 20.652  -4.226  -3.664  1.000 21.540 0 64  ILE A CA  1 ? 
ATOM   497  C C   . ILE A 1 64  ? 19.565  -3.301  -3.088  1.000 19.510 0 64  ILE A C   1 ? 
ATOM   498  O O   . ILE A 1 64  ? 18.684  -3.782  -2.376  1.000 20.870 0 64  ILE A O   1 ? 
ATOM   499  C CB  . ILE A 1 64  ? 19.992  -5.232  -4.644  1.000 21.390 0 64  ILE A CB  1 ? 
ATOM   500  C CG1 . ILE A 1 64  ? 21.022  -6.009  -5.485  1.000 23.730 0 64  ILE A CG1 1 ? 
ATOM   501  C CG2 . ILE A 1 64  ? 18.933  -4.563  -5.515  1.000 20.470 0 64  ILE A CG2 1 ? 
ATOM   502  C CD1 . ILE A 1 64  ? 21.886  -5.163  -6.397  1.000 21.200 0 64  ILE A CD1 1 ? 
ATOM   503  N N   . TRP A 1 65  ? 19.596  -2.000  -3.437  1.000 18.700 0 65  TRP A N   1 ? 
ATOM   504  C CA  . TRP A 1 65  ? 18.600  -1.048  -2.961  1.000 18.040 0 65  TRP A CA  1 ? 
ATOM   505  C C   . TRP A 1 65  ? 17.327  -1.208  -3.750  1.000 17.310 0 65  TRP A C   1 ? 
ATOM   506  O O   . TRP A 1 65  ? 17.309  -1.034  -4.962  1.000 14.720 0 65  TRP A O   1 ? 
ATOM   507  C CB  . TRP A 1 65  ? 19.105  0.386   -3.059  1.000 17.330 0 65  TRP A CB  1 ? 
ATOM   508  C CG  . TRP A 1 65  ? 20.117  0.654   -1.999  1.000 16.750 0 65  TRP A CG  1 ? 
ATOM   509  C CD1 . TRP A 1 65  ? 21.481  0.637   -2.071  1.000 16.700 0 65  TRP A CD1 1 ? 
ATOM   510  C CD2 . TRP A 1 65  ? 19.779  1.023   -0.662  1.000 17.530 0 65  TRP A CD2 1 ? 
ATOM   511  N NE1 . TRP A 1 65  ? 22.015  0.972   -0.847  1.000 15.730 0 65  TRP A NE1 1 ? 
ATOM   512  C CE2 . TRP A 1 65  ? 20.989  1.231   0.029   1.000 16.090 0 65  TRP A CE2 1 ? 
ATOM   513  C CE3 . TRP A 1 65  ? 18.561  1.224   -0.009  1.000 15.660 0 65  TRP A CE3 1 ? 
ATOM   514  C CZ2 . TRP A 1 65  ? 20.999  1.559   1.382   1.000 16.870 0 65  TRP A CZ2 1 ? 
ATOM   515  C CZ3 . TRP A 1 65  ? 18.561  1.577   1.330   1.000 18.320 0 65  TRP A CZ3 1 ? 
ATOM   516  C CH2 . TRP A 1 65  ? 19.780  1.767   2.006   1.000 18.920 0 65  TRP A CH2 1 ? 
ATOM   517  N N   . TYR A 1 66  ? 16.271  -1.550  -3.016  1.000 19.290 0 66  TYR A N   1 ? 
ATOM   518  C CA  . TYR A 1 66  ? 14.934  -1.605  -3.528  1.000 18.030 0 66  TYR A CA  1 ? 
ATOM   519  C C   . TYR A 1 66  ? 14.181  -0.394  -3.013  1.000 18.760 0 66  TYR A C   1 ? 
ATOM   520  O O   . TYR A 1 66  ? 14.430  0.099   -1.912  1.000 17.390 0 66  TYR A O   1 ? 
ATOM   521  C CB  . TYR A 1 66  ? 14.225  -2.861  -3.027  1.000 18.940 0 66  TYR A CB  1 ? 
ATOM   522  C CG  . TYR A 1 66  ? 14.732  -4.179  -3.550  1.000 18.960 0 66  TYR A CG  1 ? 
ATOM   523  C CD1 . TYR A 1 66  ? 15.805  -4.833  -2.972  1.000 20.920 0 66  TYR A CD1 1 ? 
ATOM   524  C CD2 . TYR A 1 66  ? 14.156  -4.733  -4.683  1.000 18.410 0 66  TYR A CD2 1 ? 
ATOM   525  C CE1 . TYR A 1 66  ? 16.261  -6.039  -3.477  1.000 19.610 0 66  TYR A CE1 1 ? 
ATOM   526  C CE2 . TYR A 1 66  ? 14.575  -5.953  -5.183  1.000 20.370 0 66  TYR A CE2 1 ? 
ATOM   527  C CZ  . TYR A 1 66  ? 15.645  -6.594  -4.596  1.000 21.120 0 66  TYR A CZ  1 ? 
ATOM   528  O OH  . TYR A 1 66  ? 16.029  -7.784  -5.152  1.000 20.680 0 66  TYR A OH  1 ? 
ATOM   529  N N   . ASN A 1 67  ? 13.223  0.047   -3.823  1.000 19.930 0 67  ASN A N   1 ? 
ATOM   530  C CA  . ASN A 1 67  ? 12.234  1.021   -3.410  1.000 17.480 0 67  ASN A CA  1 ? 
ATOM   531  C C   . ASN A 1 67  ? 10.839  0.475   -3.680  1.000 16.970 0 67  ASN A C   1 ? 
ATOM   532  O O   . ASN A 1 67  ? 10.615  -0.212  -4.659  1.000 19.780 0 67  ASN A O   1 ? 
ATOM   533  C CB  . ASN A 1 67  ? 12.376  2.340   -4.164  1.000 20.030 0 67  ASN A CB  1 ? 
ATOM   534  C CG  . ASN A 1 67  ? 12.027  2.161   -5.631  1.000 22.940 0 67  ASN A CG  1 ? 
ATOM   535  O OD1 . ASN A 1 67  ? 10.873  2.359   -6.016  1.000 20.950 0 67  ASN A OD1 1 ? 
ATOM   536  N ND2 . ASN A 1 67  ? 12.988  1.677   -6.421  1.000 22.250 0 67  ASN A ND2 1 ? 
ATOM   537  N N   . ALA A 1 68  ? 9.872   0.861   -2.830  1.000 17.920 0 68  ALA A N   1 ? 
ATOM   538  C CA  . ALA A 1 68  ? 8.516   0.355   -2.914  1.000 14.580 0 68  ALA A CA  1 ? 
ATOM   539  C C   . ALA A 1 68  ? 7.538   1.513   -2.986  1.000 14.000 0 68  ALA A C   1 ? 
ATOM   540  O O   . ALA A 1 68  ? 7.790   2.524   -2.324  1.000 13.880 0 68  ALA A O   1 ? 
ATOM   541  C CB  . ALA A 1 68  ? 8.190   -0.467  -1.711  1.000 15.190 0 68  ALA A CB  1 ? 
ATOM   542  N N   . SER A 1 69  ? 6.475   1.313   -3.787  1.000 13.650 0 69  SER A N   1 ? 
ATOM   543  C CA  . SER A 1 69  ? 5.457   2.313   -4.031  1.000 15.440 0 69  SER A CA  1 ? 
ATOM   544  C C   . SER A 1 69  ? 4.096   1.623   -4.080  1.000 15.600 0 69  SER A C   1 ? 
ATOM   545  O O   . SER A 1 69  ? 3.979   0.412   -4.310  1.000 10.640 0 69  SER A O   1 ? 
ATOM   546  C CB  . SER A 1 69  ? 5.690   3.098   -5.290  1.000 15.680 0 69  SER A CB  1 ? 
ATOM   547  O OG  . SER A 1 69  ? 5.624   2.210   -6.379  1.000 17.940 0 69  SER A OG  1 ? 
ATOM   548  N N   . VAL A 1 70  ? 3.078   2.412   -3.765  1.000 16.020 0 70  VAL A N   1 ? 
ATOM   549  C CA  . VAL A 1 70  ? 1.712   1.954   -3.916  1.000 16.120 0 70  VAL A CA  1 ? 
ATOM   550  C C   . VAL A 1 70  ? 1.006   2.862   -4.897  1.000 16.640 0 70  VAL A C   1 ? 
ATOM   551  O O   . VAL A 1 70  ? 1.069   4.088   -4.684  1.000 14.050 0 70  VAL A O   1 ? 
ATOM   552  C CB  . VAL A 1 70  ? 0.969   1.985   -2.563  1.000 17.520 0 70  VAL A CB  1 ? 
ATOM   553  C CG1 . VAL A 1 70  ? -0.458  1.488   -2.755  1.000 19.790 0 70  VAL A CG1 1 ? 
ATOM   554  C CG2 . VAL A 1 70  ? 1.687   1.102   -1.548  1.000 18.560 0 70  VAL A CG2 1 ? 
ATOM   555  N N   . GLU A 1 71  ? 0.272   2.210   -5.824  1.000 15.830 0 71  GLU A N   1 ? 
ATOM   556  C CA  . GLU A 1 71  ? -0.572  2.872   -6.810  1.000 15.580 0 71  GLU A CA  1 ? 
ATOM   557  C C   . GLU A 1 71  ? -2.038  2.978   -6.351  1.000 13.810 0 71  GLU A C   1 ? 
ATOM   558  O O   . GLU A 1 71  ? -2.694  2.000   -5.939  1.000 15.800 0 71  GLU A O   1 ? 
ATOM   559  C CB  . GLU A 1 71  ? -0.400  2.128   -8.121  1.000 16.650 0 71  GLU A CB  1 ? 
ATOM   560  C CG  . GLU A 1 71  ? -1.046  2.877   -9.256  1.000 20.500 0 71  GLU A CG  1 ? 
ATOM   561  C CD  . GLU A 1 71  ? -0.743  2.302   -10.633 1.000 24.530 0 71  GLU A CD  1 ? 
ATOM   562  O OE1 . GLU A 1 71  ? -0.361  1.128   -10.705 1.000 33.900 0 71  GLU A OE1 1 ? 
ATOM   563  O OE2 . GLU A 1 71  ? -0.824  3.055   -11.608 1.000 26.950 0 71  GLU A OE2 1 ? 
ATOM   564  N N   . VAL A 1 72  ? -2.547  4.199   -6.343  1.000 15.920 0 72  VAL A N   1 ? 
ATOM   565  C CA  . VAL A 1 72  ? -3.874  4.478   -5.796  1.000 14.480 0 72  VAL A CA  1 ? 
ATOM   566  C C   . VAL A 1 72  ? -4.552  5.529   -6.677  1.000 15.870 0 72  VAL A C   1 ? 
ATOM   567  O O   . VAL A 1 72  ? -3.894  6.197   -7.503  1.000 15.350 0 72  VAL A O   1 ? 
ATOM   568  C CB  . VAL A 1 72  ? -3.853  4.957   -4.312  1.000 14.590 0 72  VAL A CB  1 ? 
ATOM   569  C CG1 . VAL A 1 72  ? -3.248  3.913   -3.388  1.000 12.830 0 72  VAL A CG1 1 ? 
ATOM   570  C CG2 . VAL A 1 72  ? -3.199  6.316   -4.090  1.000 15.390 0 72  VAL A CG2 1 ? 
ATOM   571  N N   . MET A 1 73  ? -5.863  5.690   -6.420  1.000 16.970 0 73  MET A N   1 ? 
ATOM   572  C CA  . MET A 1 73  ? -6.678  6.747   -6.993  1.000 18.870 0 73  MET A CA  1 ? 
ATOM   573  C C   . MET A 1 73  ? -7.690  7.248   -5.952  1.000 16.340 0 73  MET A C   1 ? 
ATOM   574  O O   . MET A 1 73  ? -8.182  6.512   -5.101  1.000 17.000 0 73  MET A O   1 ? 
ATOM   575  C CB  . MET A 1 73  ? -7.388  6.196   -8.229  1.000 22.150 0 73  MET A CB  1 ? 
ATOM   576  C CG  . MET A 1 73  ? -8.485  7.056   -8.805  1.000 24.530 0 73  MET A CG  1 ? 
ATOM   577  S SD  . MET A 1 73  ? -9.310  6.121   -10.118 1.000 26.690 0 73  MET A SD  1 ? 
ATOM   578  C CE  . MET A 1 73  ? -8.063  6.191   -11.396 1.000 25.910 0 73  MET A CE  1 ? 
ATOM   579  N N   . LEU A 1 74  ? -7.935  8.557   -5.974  1.000 14.330 0 74  LEU A N   1 ? 
ATOM   580  C CA  . LEU A 1 74  ? -9.009  9.143   -5.179  1.000 15.790 0 74  LEU A CA  1 ? 
ATOM   581  C C   . LEU A 1 74  ? -10.251 9.223   -6.054  1.000 15.770 0 74  LEU A C   1 ? 
ATOM   582  O O   . LEU A 1 74  ? -10.130 9.560   -7.239  1.000 17.060 0 74  LEU A O   1 ? 
ATOM   583  C CB  . LEU A 1 74  ? -8.584  10.510  -4.655  1.000 15.710 0 74  LEU A CB  1 ? 
ATOM   584  C CG  . LEU A 1 74  ? -7.418  10.512  -3.657  1.000 17.430 0 74  LEU A CG  1 ? 
ATOM   585  C CD1 . LEU A 1 74  ? -6.851  11.916  -3.498  1.000 18.460 0 74  LEU A CD1 1 ? 
ATOM   586  C CD2 . LEU A 1 74  ? -7.843  10.001  -2.289  1.000 16.450 0 74  LEU A CD2 1 ? 
ATOM   587  N N   . THR A 1 75  ? -11.387 8.820   -5.482  1.000 17.510 0 75  THR A N   1 ? 
ATOM   588  C CA  . THR A 1 75  ? -12.653 8.755   -6.195  1.000 18.760 0 75  THR A CA  1 ? 
ATOM   589  C C   . THR A 1 75  ? -13.331 10.137  -6.156  1.000 20.740 0 75  THR A C   1 ? 
ATOM   590  O O   . THR A 1 75  ? -12.908 11.028  -5.422  1.000 17.840 0 75  THR A O   1 ? 
ATOM   591  C CB  . THR A 1 75  ? -13.558 7.686   -5.585  1.000 19.340 0 75  THR A CB  1 ? 
ATOM   592  O OG1 . THR A 1 75  ? -13.999 8.177   -4.313  1.000 17.780 0 75  THR A OG1 1 ? 
ATOM   593  C CG2 . THR A 1 75  ? -12.879 6.323   -5.467  1.000 19.060 0 75  THR A CG2 1 ? 
ATOM   594  N N   . SER A 1 76  ? -14.394 10.289  -6.945  1.000 20.590 0 76  SER A N   1 ? 
ATOM   595  C CA  . SER A 1 76  ? -15.238 11.468  -6.902  1.000 17.430 0 76  SER A CA  1 ? 
ATOM   596  C C   . SER A 1 76  ? -15.817 11.710  -5.510  1.000 19.510 0 76  SER A C   1 ? 
ATOM   597  O O   . SER A 1 76  ? -16.309 12.803  -5.262  1.000 18.130 0 76  SER A O   1 ? 
ATOM   598  C CB  . SER A 1 76  ? -16.345 11.331  -7.915  1.000 19.660 0 76  SER A CB  1 ? 
ATOM   599  O OG  . SER A 1 76  ? -15.828 11.261  -9.247  1.000 18.990 0 76  SER A OG  1 ? 
ATOM   600  N N   . ASN A 1 77  ? -15.872 10.684  -4.653  1.000 20.370 0 77  ASN A N   1 ? 
ATOM   601  C CA  . ASN A 1 77  ? -16.449 10.823  -3.332  1.000 22.840 0 77  ASN A CA  1 ? 
ATOM   602  C C   . ASN A 1 77  ? -15.365 11.053  -2.278  1.000 23.030 0 77  ASN A C   1 ? 
ATOM   603  O O   . ASN A 1 77  ? -15.684 11.158  -1.082  1.000 26.550 0 77  ASN A O   1 ? 
ATOM   604  C CB  . ASN A 1 77  ? -17.308 9.616   -2.976  1.000 26.110 0 77  ASN A CB  1 ? 
ATOM   605  C CG  . ASN A 1 77  ? -18.306 9.955   -1.889  1.000 35.600 0 77  ASN A CG  1 ? 
ATOM   606  O OD1 . ASN A 1 77  ? -19.206 10.767  -2.109  1.000 40.350 0 77  ASN A OD1 1 ? 
ATOM   607  N ND2 . ASN A 1 77  ? -18.141 9.359   -0.713  1.000 34.320 0 77  ASN A ND2 1 ? 
ATOM   608  N N   . ALA A 1 78  ? -14.126 11.289  -2.717  1.000 18.310 0 78  ALA A N   1 ? 
ATOM   609  C CA  . ALA A 1 78  ? -12.995 11.416  -1.810  1.000 18.310 0 78  ALA A CA  1 ? 
ATOM   610  C C   . ALA A 1 78  ? -13.181 12.529  -0.768  1.000 18.930 0 78  ALA A C   1 ? 
ATOM   611  O O   . ALA A 1 78  ? -13.378 13.695  -1.103  1.000 18.040 0 78  ALA A O   1 ? 
ATOM   612  C CB  . ALA A 1 78  ? -11.752 11.664  -2.616  1.000 18.540 0 78  ALA A CB  1 ? 
ATOM   613  N N   . SER A 1 79  ? -13.023 12.175  0.506   1.000 19.640 0 79  SER A N   1 ? 
ATOM   614  C CA  . SER A 1 79  ? -12.857 13.157  1.565   1.000 19.900 0 79  SER A CA  1 ? 
ATOM   615  C C   . SER A 1 79  ? -12.089 12.560  2.748   1.000 19.950 0 79  SER A C   1 ? 
ATOM   616  O O   . SER A 1 79  ? -11.961 11.343  2.888   1.000 18.660 0 79  SER A O   1 ? 
ATOM   617  C CB  . SER A 1 79  ? -14.203 13.680  2.000   1.000 23.150 0 79  SER A CB  1 ? 
ATOM   618  O OG  . SER A 1 79  ? -15.077 12.597  2.289   1.000 23.300 0 79  SER A OG  1 ? 
ATOM   619  N N   . GLY A 1 80  ? -11.591 13.438  3.637   1.000 19.510 0 80  GLY A N   1 ? 
ATOM   620  C CA  . GLY A 1 80  ? -10.945 12.996  4.868   1.000 19.510 0 80  GLY A CA  1 ? 
ATOM   621  C C   . GLY A 1 80  ? -9.432  12.823  4.735   1.000 18.760 0 80  GLY A C   1 ? 
ATOM   622  O O   . GLY A 1 80  ? -8.831  12.202  5.595   1.000 16.390 0 80  GLY A O   1 ? 
ATOM   623  N N   . TRP A 1 81  ? -8.837  13.442  3.700   1.000 19.260 0 81  TRP A N   1 ? 
ATOM   624  C CA  . TRP A 1 81  ? -7.445  13.205  3.334   1.000 19.000 0 81  TRP A CA  1 ? 
ATOM   625  C C   . TRP A 1 81  ? -6.536  14.286  3.890   1.000 20.130 0 81  TRP A C   1 ? 
ATOM   626  O O   . TRP A 1 81  ? -5.331  14.171  3.754   1.000 18.840 0 81  TRP A O   1 ? 
ATOM   627  C CB  . TRP A 1 81  ? -7.346  12.996  1.810   1.000 16.080 0 81  TRP A CB  1 ? 
ATOM   628  C CG  . TRP A 1 81  ? -8.088  11.745  1.472   1.000 15.650 0 81  TRP A CG  1 ? 
ATOM   629  C CD1 . TRP A 1 81  ? -9.304  11.670  0.851   1.000 16.250 0 81  TRP A CD1 1 ? 
ATOM   630  C CD2 . TRP A 1 81  ? -7.747  10.386  1.852   1.000 15.550 0 81  TRP A CD2 1 ? 
ATOM   631  N NE1 . TRP A 1 81  ? -9.736  10.377  0.824   1.000 17.950 0 81  TRP A NE1 1 ? 
ATOM   632  C CE2 . TRP A 1 81  ? -8.792  9.561   1.382   1.000 14.690 0 81  TRP A CE2 1 ? 
ATOM   633  C CE3 . TRP A 1 81  ? -6.666  9.782   2.519   1.000 13.970 0 81  TRP A CE3 1 ? 
ATOM   634  C CZ2 . TRP A 1 81  ? -8.791  8.183   1.573   1.000 16.340 0 81  TRP A CZ2 1 ? 
ATOM   635  C CZ3 . TRP A 1 81  ? -6.670  8.411   2.721   1.000 14.840 0 81  TRP A CZ3 1 ? 
ATOM   636  C CH2 . TRP A 1 81  ? -7.715  7.623   2.231   1.000 13.660 0 81  TRP A CH2 1 ? 
ATOM   637  N N   . ASN A 1 82  ? -7.113  15.286  4.588   1.000 23.200 0 82  ASN A N   1 ? 
ATOM   638  C CA  . ASN A 1 82  ? -6.343  16.409  5.110   1.000 25.010 0 82  ASN A CA  1 ? 
ATOM   639  C C   . ASN A 1 82  ? -5.459  15.958  6.277   1.000 29.390 0 82  ASN A C   1 ? 
ATOM   640  O O   . ASN A 1 82  ? -4.767  16.787  6.854   1.000 43.840 0 82  ASN A O   1 ? 
ATOM   641  C CB  . ASN A 1 82  ? -7.244  17.614  5.425   1.000 27.430 0 82  ASN A CB  1 ? 
ATOM   642  C CG  . ASN A 1 82  ? -8.563  17.283  6.122   1.000 34.200 0 82  ASN A CG  1 ? 
ATOM   643  O OD1 . ASN A 1 82  ? -9.189  16.233  5.900   1.000 30.260 0 82  ASN A OD1 1 ? 
ATOM   644  N ND2 . ASN A 1 82  ? -9.019  18.199  6.972   1.000 38.590 0 82  ASN A ND2 1 ? 
ATOM   645  N N   . VAL A 1 83  ? -5.387  14.641  6.549   1.000 21.410 0 83  VAL A N   1 ? 
ATOM   646  C CA  . VAL A 1 83  ? -4.612  14.081  7.641   1.000 18.080 0 83  VAL A CA  1 ? 
ATOM   647  C C   . VAL A 1 83  ? -3.352  13.427  7.061   1.000 15.820 0 83  VAL A C   1 ? 
ATOM   648  O O   . VAL A 1 83  ? -3.214  13.245  5.842   1.000 17.550 0 83  VAL A O   1 ? 
ATOM   649  C CB  . VAL A 1 83  ? -5.465  13.090  8.457   1.000 17.060 0 83  VAL A CB  1 ? 
ATOM   650  C CG1 . VAL A 1 83  ? -6.667  13.767  9.103   1.000 17.970 0 83  VAL A CG1 1 ? 
ATOM   651  C CG2 . VAL A 1 83  ? -5.944  11.934  7.606   1.000 17.550 0 83  VAL A CG2 1 ? 
ATOM   652  N N   . PRO A 1 84  ? -2.338  13.105  7.880   1.000 16.000 0 84  PRO A N   1 ? 
ATOM   653  C CA  . PRO A 1 84  ? -1.156  12.402  7.371   1.000 15.800 0 84  PRO A CA  1 ? 
ATOM   654  C C   . PRO A 1 84  ? -1.450  10.923  7.176   1.000 17.610 0 84  PRO A C   1 ? 
ATOM   655  O O   . PRO A 1 84  ? -1.957  10.265  8.067   1.000 19.450 0 84  PRO A O   1 ? 
ATOM   656  C CB  . PRO A 1 84  ? -0.112  12.570  8.495   1.000 17.320 0 84  PRO A CB  1 ? 
ATOM   657  C CG  . PRO A 1 84  ? -0.920  12.749  9.736   1.000 16.730 0 84  PRO A CG  1 ? 
ATOM   658  C CD  . PRO A 1 84  ? -2.226  13.401  9.334   1.000 14.580 0 84  PRO A CD  1 ? 
ATOM   659  N N   . LEU A 1 85  ? -1.162  10.414  5.965   1.000 15.370 0 85  LEU A N   1 ? 
ATOM   660  C CA  . LEU A 1 85  ? -1.276  9.007   5.735   1.000 15.110 0 85  LEU A CA  1 ? 
ATOM   661  C C   . LEU A 1 85  ? 0.110   8.420   6.013   1.000 13.610 0 85  LEU A C   1 ? 
ATOM   662  O O   . LEU A 1 85  ? 1.059   8.812   5.316   1.000 12.810 0 85  LEU A O   1 ? 
ATOM   663  C CB  . LEU A 1 85  ? -1.691  8.846   4.273   1.000 16.270 0 85  LEU A CB  1 ? 
ATOM   664  C CG  . LEU A 1 85  ? -1.767  7.423   3.750   1.000 14.930 0 85  LEU A CG  1 ? 
ATOM   665  C CD1 . LEU A 1 85  ? -2.955  6.691   4.344   1.000 14.840 0 85  LEU A CD1 1 ? 
ATOM   666  C CD2 . LEU A 1 85  ? -1.856  7.433   2.245   1.000 14.360 0 85  LEU A CD2 1 ? 
ATOM   667  N N   . HIS A 1 86  ? 0.193   7.466   6.948   1.000 13.730 0 86  HIS A N   1 ? 
ATOM   668  C CA  . HIS A 1 86  ? 1.463   6.854   7.325   1.000 14.200 0 86  HIS A CA  1 ? 
ATOM   669  C C   . HIS A 1 86  ? 1.882   5.797   6.286   1.000 13.430 0 86  HIS A C   1 ? 
ATOM   670  O O   . HIS A 1 86  ? 1.081   4.956   5.830   1.000 12.090 0 86  HIS A O   1 ? 
ATOM   671  C CB  . HIS A 1 86  ? 1.417   6.480   8.810   1.000 15.240 0 86  HIS A CB  1 ? 
ATOM   672  C CG  . HIS A 1 86  ? 1.032   7.567   9.721   1.000 16.550 0 86  HIS A CG  1 ? 
ATOM   673  N ND1 . HIS A 1 86  ? 1.806   8.665   10.094  1.000 17.370 0 86  HIS A ND1 1 ? 
ATOM   674  C CD2 . HIS A 1 86  ? -0.158  7.741   10.316  1.000 17.620 0 86  HIS A CD2 1 ? 
ATOM   675  C CE1 . HIS A 1 86  ? 1.103   9.432   10.923  1.000 18.520 0 86  HIS A CE1 1 ? 
ATOM   676  N NE2 . HIS A 1 86  ? -0.096  8.889   11.074  1.000 19.640 0 86  HIS A NE2 1 ? 
ATOM   677  N N   . LEU A 1 87  ? 3.168   5.822   5.925   1.000 15.770 0 87  LEU A N   1 ? 
ATOM   678  C CA  . LEU A 1 87  ? 3.810   4.912   4.987   1.000 15.860 0 87  LEU A CA  1 ? 
ATOM   679  C C   . LEU A 1 87  ? 4.945   4.191   5.728   1.000 15.620 0 87  LEU A C   1 ? 
ATOM   680  O O   . LEU A 1 87  ? 5.775   4.849   6.382   1.000 14.360 0 87  LEU A O   1 ? 
ATOM   681  C CB  . LEU A 1 87  ? 4.386   5.714   3.822   1.000 15.660 0 87  LEU A CB  1 ? 
ATOM   682  C CG  . LEU A 1 87  ? 3.505   6.870   3.337   1.000 16.500 0 87  LEU A CG  1 ? 
ATOM   683  C CD1 . LEU A 1 87  ? 4.238   7.780   2.345   1.000 16.350 0 87  LEU A CD1 1 ? 
ATOM   684  C CD2 . LEU A 1 87  ? 2.240   6.299   2.701   1.000 18.200 0 87  LEU A CD2 1 ? 
ATOM   685  N N   . GLU A 1 88  ? 4.931   2.864   5.660   1.000 12.830 0 88  GLU A N   1 ? 
ATOM   686  C CA  . GLU A 1 88  ? 5.826   2.047   6.472   1.000 15.120 0 88  GLU A CA  1 ? 
ATOM   687  C C   . GLU A 1 88  ? 6.337   0.822   5.692   1.000 14.140 0 88  GLU A C   1 ? 
ATOM   688  O O   . GLU A 1 88  ? 5.579   0.186   4.931   1.000 13.520 0 88  GLU A O   1 ? 
ATOM   689  C CB  . GLU A 1 88  ? 5.097   1.681   7.765   1.000 17.810 0 88  GLU A CB  1 ? 
ATOM   690  C CG  . GLU A 1 88  ? 6.007   1.110   8.853   1.000 21.580 0 88  GLU A CG  1 ? 
ATOM   691  C CD  . GLU A 1 88  ? 5.220   0.578   10.046  1.000 23.130 0 88  GLU A CD  1 ? 
ATOM   692  O OE1 . GLU A 1 88  ? 4.666   1.377   10.828  1.000 29.960 0 88  GLU A OE1 1 ? 
ATOM   693  O OE2 . GLU A 1 88  ? 5.144   -0.609  10.157  1.000 23.960 0 88  GLU A OE2 1 ? 
ATOM   694  N N   . ILE A 1 89  ? 7.648   0.562   5.872   1.000 12.860 0 89  ILE A N   1 ? 
ATOM   695  C CA  . ILE A 1 89  ? 8.337   -0.687  5.567   1.000 13.000 0 89  ILE A CA  1 ? 
ATOM   696  C C   . ILE A 1 89  ? 8.961   -1.213  6.863   1.000 14.800 0 89  ILE A C   1 ? 
ATOM   697  O O   . ILE A 1 89  ? 9.782   -0.563  7.460   1.000 15.650 0 89  ILE A O   1 ? 
ATOM   698  C CB  . ILE A 1 89  ? 9.418   -0.516  4.479   1.000 13.120 0 89  ILE A CB  1 ? 
ATOM   699  C CG1 . ILE A 1 89  ? 8.866   0.009   3.149   1.000 12.520 0 89  ILE A CG1 1 ? 
ATOM   700  C CG2 . ILE A 1 89  ? 10.098  -1.841  4.242   1.000 14.500 0 89  ILE A CG2 1 ? 
ATOM   701  C CD1 . ILE A 1 89  ? 9.922   0.222   2.099   1.000 13.060 0 89  ILE A CD1 1 ? 
ATOM   702  N N   . GLU A 1 90  ? 8.617   -2.430  7.279   1.000 14.140 0 90  GLU A N   1 ? 
ATOM   703  C CA  . GLU A 1 90  ? 9.216   -3.025  8.461   1.000 15.990 0 90  GLU A CA  1 ? 
ATOM   704  C C   . GLU A 1 90  ? 10.055  -4.211  8.024   1.000 16.140 0 90  GLU A C   1 ? 
ATOM   705  O O   . GLU A 1 90  ? 9.571   -5.063  7.295   1.000 16.110 0 90  GLU A O   1 ? 
ATOM   706  C CB  . GLU A 1 90  ? 8.216   -3.560  9.458   1.000 15.720 0 90  GLU A CB  1 ? 
ATOM   707  C CG  . GLU A 1 90  ? 8.900   -4.224  10.624  1.000 18.160 0 90  GLU A CG  1 ? 
ATOM   708  C CD  . GLU A 1 90  ? 8.009   -4.504  11.822  1.000 21.770 0 90  GLU A CD  1 ? 
ATOM   709  O OE1 . GLU A 1 90  ? 6.802   -4.485  11.664  1.000 22.540 0 90  GLU A OE1 1 ? 
ATOM   710  O OE2 . GLU A 1 90  ? 8.569   -4.800  12.898  1.000 24.680 0 90  GLU A OE2 1 ? 
ATOM   711  N N   . LEU A 1 91  ? 11.317  -4.168  8.415   1.000 18.340 0 91  LEU A N   1 ? 
ATOM   712  C CA  . LEU A 1 91  ? 12.316  -5.171  8.080   1.000 19.270 0 91  LEU A CA  1 ? 
ATOM   713  C C   . LEU A 1 91  ? 12.320  -6.278  9.128   1.000 21.100 0 91  LEU A C   1 ? 
ATOM   714  O O   . LEU A 1 91  ? 11.806  -6.096  10.256  1.000 19.650 0 91  LEU A O   1 ? 
ATOM   715  C CB  . LEU A 1 91  ? 13.683  -4.498  8.049   1.000 21.640 0 91  LEU A CB  1 ? 
ATOM   716  C CG  . LEU A 1 91  ? 13.944  -3.653  6.799   1.000 27.840 0 91  LEU A CG  1 ? 
ATOM   717  C CD1 . LEU A 1 91  ? 15.013  -2.607  7.052   1.000 31.280 0 91  LEU A CD1 1 ? 
ATOM   718  C CD2 . LEU A 1 91  ? 14.347  -4.524  5.637   1.000 30.100 0 91  LEU A CD2 1 ? 
ATOM   719  N N   . PRO A 1 92  ? 12.976  -7.425  8.798   1.000 21.310 0 92  PRO A N   1 ? 
ATOM   720  C CA  . PRO A 1 92  ? 12.971  -8.629  9.640   1.000 21.480 0 92  PRO A CA  1 ? 
ATOM   721  C C   . PRO A 1 92  ? 13.430  -8.441  11.078  1.000 22.790 0 92  PRO A C   1 ? 
ATOM   722  O O   . PRO A 1 92  ? 13.097  -9.269  11.900  1.000 32.340 0 92  PRO A O   1 ? 
ATOM   723  C CB  . PRO A 1 92  ? 14.061  -9.503  8.990   1.000 18.400 0 92  PRO A CB  1 ? 
ATOM   724  C CG  . PRO A 1 92  ? 13.981  -9.164  7.547   1.000 18.740 0 92  PRO A CG  1 ? 
ATOM   725  C CD  . PRO A 1 92  ? 13.668  -7.672  7.516   1.000 21.780 0 92  PRO A CD  1 ? 
ATOM   726  N N   . ASP A 1 93  ? 14.305  -7.454  11.305  1.000 24.790 0 93  ASP A N   1 ? 
ATOM   727  C CA  . ASP A 1 93  ? 14.860  -7.147  12.621  1.000 23.400 0 93  ASP A CA  1 ? 
ATOM   728  C C   . ASP A 1 93  ? 13.970  -6.200  13.431  1.000 23.580 0 93  ASP A C   1 ? 
ATOM   729  O O   . ASP A 1 93  ? 14.345  -5.867  14.554  1.000 22.840 0 93  ASP A O   1 ? 
ATOM   730  C CB  . ASP A 1 93  ? 16.215  -6.454  12.493  1.000 22.610 0 93  ASP A CB  1 ? 
ATOM   731  C CG  . ASP A 1 93  ? 16.142  -5.009  11.983  1.000 25.830 0 93  ASP A CG  1 ? 
ATOM   732  O OD1 . ASP A 1 93  ? 15.111  -4.595  11.373  1.000 25.430 0 93  ASP A OD1 1 ? 
ATOM   733  O OD2 . ASP A 1 93  ? 17.125  -4.295  12.172  1.000 29.640 0 93  ASP A OD2 1 ? 
ATOM   734  N N   . GLY A 1 94  ? 12.858  -5.715  12.847  1.000 22.010 0 94  GLY A N   1 ? 
ATOM   735  C CA  . GLY A 1 94  ? 11.865  -4.918  13.555  1.000 22.750 0 94  GLY A CA  1 ? 
ATOM   736  C C   . GLY A 1 94  ? 12.017  -3.432  13.270  1.000 21.890 0 94  GLY A C   1 ? 
ATOM   737  O O   . GLY A 1 94  ? 11.081  -2.693  13.491  1.000 19.370 0 94  GLY A O   1 ? 
ATOM   738  N N   . SER A 1 95  ? 13.179  -3.067  12.714  1.000 20.490 0 95  SER A N   1 ? 
ATOM   739  C CA  . SER A 1 95  ? 13.473  -1.720  12.243  1.000 21.460 0 95  SER A CA  1 ? 
ATOM   740  C C   . SER A 1 95  ? 12.490  -1.296  11.153  1.000 19.760 0 95  SER A C   1 ? 
ATOM   741  O O   . SER A 1 95  ? 11.902  -2.136  10.478  1.000 18.580 0 95  SER A O   1 ? 
ATOM   742  C CB  . SER A 1 95  ? 14.904  -1.620  11.767  1.000 22.960 0 95  SER A CB  1 ? 
ATOM   743  O OG  . SER A 1 95  ? 15.172  -2.439  10.604  1.000 21.880 0 95  SER A OG  1 ? 
ATOM   744  N N   . LYS A 1 96  ? 12.304  0.025   10.983  1.000 18.950 0 96  LYS A N   1 ? 
ATOM   745  C CA  . LYS A 1 96  ? 11.308  0.507   10.038  1.000 18.900 0 96  LYS A CA  1 ? 
ATOM   746  C C   . LYS A 1 96  ? 11.784  1.764   9.323   1.000 16.820 0 96  LYS A C   1 ? 
ATOM   747  O O   . LYS A 1 96  ? 12.605  2.526   9.830   1.000 15.320 0 96  LYS A O   1 ? 
ATOM   748  C CB  . LYS A 1 96  ? 9.948   0.832   10.668  1.000 19.740 0 96  LYS A CB  1 ? 
ATOM   749  C CG  . LYS A 1 96  ? 9.314   -0.288  11.469  1.000 21.240 0 96  LYS A CG  1 ? 
ATOM   750  C CD  . LYS A 1 96  ? 8.137   0.150   12.311  1.000 22.380 0 96  LYS A CD  1 ? 
ATOM   751  C CE  . LYS A 1 96  ? 7.570   -1.035  13.068  1.000 25.460 0 96  LYS A CE  1 ? 
ATOM   752  N NZ  . LYS A 1 96  ? 6.224   -0.808  13.653  1.000 28.430 0 96  LYS A NZ  1 ? 
ATOM   753  N N   . GLN A 1 97  ? 11.323  1.836   8.073   1.000 16.120 0 97  GLN A N   1 ? 
ATOM   754  C CA  . GLN A 1 97  ? 11.256  3.077   7.307   1.000 15.280 0 97  GLN A CA  1 ? 
ATOM   755  C C   . GLN A 1 97  ? 9.852   3.644   7.541   1.000 13.740 0 97  GLN A C   1 ? 
ATOM   756  O O   . GLN A 1 97  ? 8.852   2.899   7.509   1.000 13.550 0 97  GLN A O   1 ? 
ATOM   757  C CB  . GLN A 1 97  ? 11.495  2.789   5.817   1.000 17.330 0 97  GLN A CB  1 ? 
ATOM   758  C CG  . GLN A 1 97  ? 12.797  2.059   5.542   1.000 16.070 0 97  GLN A CG  1 ? 
ATOM   759  C CD  . GLN A 1 97  ? 13.952  2.910   6.002   1.000 16.410 0 97  GLN A CD  1 ? 
ATOM   760  O OE1 . GLN A 1 97  ? 14.213  3.987   5.483   1.000 16.240 0 97  GLN A OE1 1 ? 
ATOM   761  N NE2 . GLN A 1 97  ? 14.603  2.457   7.054   1.000 20.030 0 97  GLN A NE2 1 ? 
ATOM   762  N N   . GLU A 1 98  ? 9.764   4.953   7.794   1.000 13.840 0 98  GLU A N   1 ? 
ATOM   763  C CA  . GLU A 1 98  ? 8.497   5.562   8.150   1.000 13.960 0 98  GLU A CA  1 ? 
ATOM   764  C C   . GLU A 1 98  ? 8.467   6.974   7.607   1.000 14.930 0 98  GLU A C   1 ? 
ATOM   765  O O   . GLU A 1 98  ? 9.364   7.760   7.927   1.000 13.720 0 98  GLU A O   1 ? 
ATOM   766  C CB  . GLU A 1 98  ? 8.344   5.692   9.669   1.000 14.820 0 98  GLU A CB  1 ? 
ATOM   767  C CG  . GLU A 1 98  ? 8.387   4.390   10.424  1.000 15.110 0 98  GLU A CG  1 ? 
ATOM   768  C CD  . GLU A 1 98  ? 7.986   4.449   11.881  1.000 15.770 0 98  GLU A CD  1 ? 
ATOM   769  O OE1 . GLU A 1 98  ? 8.890   4.317   12.700  1.000 16.560 0 98  GLU A OE1 1 ? 
ATOM   770  O OE2 . GLU A 1 98  ? 6.789   4.619   12.180  1.000 14.780 0 98  GLU A OE2 1 ? 
ATOM   771  N N   . SER A 1 99  ? 7.382   7.280   6.888   1.000 13.500 0 99  SER A N   1 ? 
ATOM   772  C CA  . SER A 1 99  ? 7.183   8.568   6.243   1.000 13.650 0 99  SER A CA  1 ? 
ATOM   773  C C   . SER A 1 99  ? 5.674   8.849   6.136   1.000 15.310 0 99  SER A C   1 ? 
ATOM   774  O O   . SER A 1 99  ? 4.856   8.029   6.547   1.000 12.550 0 99  SER A O   1 ? 
ATOM   775  C CB  . SER A 1 99  ? 7.910   8.606   4.945   1.000 14.030 0 99  SER A CB  1 ? 
ATOM   776  O OG  . SER A 1 99  ? 7.376   7.637   4.076   1.000 14.610 0 99  SER A OG  1 ? 
ATOM   777  N N   . GLN A 1 100 ? 5.289   10.030  5.638   1.000 16.070 0 100 GLN A N   1 ? 
ATOM   778  C CA  . GLN A 1 100 ? 3.871   10.382  5.617   1.000 18.100 0 100 GLN A CA  1 ? 
ATOM   779  C C   . GLN A 1 100 ? 3.582   11.300  4.422   1.000 20.310 0 100 GLN A C   1 ? 
ATOM   780  O O   . GLN A 1 100 ? 4.482   11.974  3.902   1.000 17.220 0 100 GLN A O   1 ? 
ATOM   781  C CB  . GLN A 1 100 ? 3.429   10.974  6.962   1.000 20.160 0 100 GLN A CB  1 ? 
ATOM   782  C CG  . GLN A 1 100 ? 4.349   12.048  7.514   1.000 19.210 0 100 GLN A CG  1 ? 
ATOM   783  C CD  . GLN A 1 100 ? 4.025   12.520  8.918   1.000 20.370 0 100 GLN A CD  1 ? 
ATOM   784  O OE1 . GLN A 1 100 ? 2.925   12.360  9.450   1.000 18.750 0 100 GLN A OE1 1 ? 
ATOM   785  N NE2 . GLN A 1 100 ? 5.036   13.059  9.566   1.000 19.270 0 100 GLN A NE2 1 ? 
ATOM   786  N N   . ILE A 1 101 ? 2.324   11.246  3.941   1.000 17.200 0 101 ILE A N   1 ? 
ATOM   787  C CA  . ILE A 1 101 ? 1.891   12.048  2.829   1.000 16.410 0 101 ILE A CA  1 ? 
ATOM   788  C C   . ILE A 1 101 ? 0.475   12.523  3.124   1.000 15.230 0 101 ILE A C   1 ? 
ATOM   789  O O   . ILE A 1 101 ? -0.263  11.835  3.807   1.000 13.030 0 101 ILE A O   1 ? 
ATOM   790  C CB  . ILE A 1 101 ? 1.998   11.270  1.497   1.000 19.450 0 101 ILE A CB  1 ? 
ATOM   791  C CG1 . ILE A 1 101 ? 1.588   12.159  0.319   1.000 19.910 0 101 ILE A CG1 1 ? 
ATOM   792  C CG2 . ILE A 1 101 ? 1.226   9.952   1.546   1.000 17.970 0 101 ILE A CG2 1 ? 
ATOM   793  C CD1 . ILE A 1 101 ? 1.707   11.499  -1.017  1.000 24.380 0 101 ILE A CD1 1 ? 
ATOM   794  N N   . VAL A 1 102 ? 0.142   13.712  2.620   1.000 15.140 0 102 VAL A N   1 ? 
ATOM   795  C CA  . VAL A 1 102 ? -1.200  14.292  2.722   1.000 13.710 0 102 VAL A CA  1 ? 
ATOM   796  C C   . VAL A 1 102 ? -1.854  14.249  1.340   1.000 16.110 0 102 VAL A C   1 ? 
ATOM   797  O O   . VAL A 1 102 ? -1.335  14.788  0.344   1.000 14.690 0 102 VAL A O   1 ? 
ATOM   798  C CB  . VAL A 1 102 ? -1.094  15.703  3.313   1.000 14.380 0 102 VAL A CB  1 ? 
ATOM   799  C CG1 . VAL A 1 102 ? -2.400  16.511  3.289   1.000 16.760 0 102 VAL A CG1 1 ? 
ATOM   800  C CG2 . VAL A 1 102 ? -0.520  15.637  4.721   1.000 12.770 0 102 VAL A CG2 1 ? 
ATOM   801  N N   . LEU A 1 103 ? -2.986  13.569  1.235   1.000 13.900 0 103 LEU A N   1 ? 
ATOM   802  C CA  . LEU A 1 103 ? -3.517  13.326  -0.112  1.000 16.390 0 103 LEU A CA  1 ? 
ATOM   803  C C   . LEU A 1 103 ? -4.570  14.360  -0.466  1.000 17.840 0 103 LEU A C   1 ? 
ATOM   804  O O   . LEU A 1 103 ? -4.960  14.435  -1.614  1.000 19.680 0 103 LEU A O   1 ? 
ATOM   805  C CB  . LEU A 1 103 ? -4.121  11.929  -0.197  1.000 16.790 0 103 LEU A CB  1 ? 
ATOM   806  C CG  . LEU A 1 103 ? -3.154  10.755  -0.017  1.000 18.510 0 103 LEU A CG  1 ? 
ATOM   807  C CD1 . LEU A 1 103 ? -3.879  9.437   -0.298  1.000 17.310 0 103 LEU A CD1 1 ? 
ATOM   808  C CD2 . LEU A 1 103 ? -1.945  10.876  -0.921  1.000 18.620 0 103 LEU A CD2 1 ? 
ATOM   809  N N   . ALA A 1 104 ? -5.050  15.099  0.527   1.000 18.920 0 104 ALA A N   1 ? 
ATOM   810  C CA  . ALA A 1 104 ? -6.060  16.139  0.361   1.000 23.380 0 104 ALA A CA  1 ? 
ATOM   811  C C   . ALA A 1 104 ? -5.766  17.088  -0.803  1.000 23.860 0 104 ALA A C   1 ? 
ATOM   812  O O   . ALA A 1 104 ? -6.678  17.606  -1.462  1.000 24.710 0 104 ALA A O   1 ? 
ATOM   813  C CB  . ALA A 1 104 ? -6.118  16.941  1.621   1.000 22.290 0 104 ALA A CB  1 ? 
ATOM   814  N N   . GLY A 1 105 ? -4.481  17.333  -1.038  1.000 26.210 0 105 GLY A N   1 ? 
ATOM   815  C CA  . GLY A 1 105 ? -4.064  18.185  -2.129  1.000 26.400 0 105 GLY A CA  1 ? 
ATOM   816  C C   . GLY A 1 105 ? -4.250  17.546  -3.510  1.000 29.670 0 105 GLY A C   1 ? 
ATOM   817  O O   . GLY A 1 105 ? -4.050  18.252  -4.521  1.000 26.250 0 105 GLY A O   1 ? 
ATOM   818  N N   . ARG A 1 106 ? -4.623  16.240  -3.574  1.000 28.440 0 106 ARG A N   1 ? 
ATOM   819  C CA  . ARG A 1 106 ? -4.531  15.527  -4.847  1.000 25.780 0 106 ARG A CA  1 ? 
ATOM   820  C C   . ARG A 1 106 ? -5.857  15.526  -5.624  1.000 25.230 0 106 ARG A C   1 ? 
ATOM   821  O O   . ARG A 1 106 ? -6.954  15.411  -5.075  1.000 25.700 0 106 ARG A O   1 ? 
ATOM   822  C CB  . ARG A 1 106 ? -4.121  14.064  -4.665  1.000 24.300 0 106 ARG A CB  1 ? 
ATOM   823  C CG  . ARG A 1 106 ? -2.692  13.852  -4.181  1.000 22.510 0 106 ARG A CG  1 ? 
ATOM   824  C CD  . ARG A 1 106 ? -1.700  13.833  -5.319  1.000 23.450 0 106 ARG A CD  1 ? 
ATOM   825  N NE  . ARG A 1 106 ? -0.399  13.874  -4.687  1.000 23.860 0 106 ARG A NE  1 ? 
ATOM   826  C CZ  . ARG A 1 106 ? 0.623   13.112  -5.037  1.000 25.470 0 106 ARG A CZ  1 ? 
ATOM   827  N NH1 . ARG A 1 106 ? 0.616   12.493  -6.205  1.000 22.610 0 106 ARG A NH1 1 ? 
ATOM   828  N NH2 . ARG A 1 106 ? 1.700   13.051  -4.273  1.000 28.600 0 106 ARG A NH2 1 ? 
ATOM   829  N N   . GLN A 1 107 ? -5.727  15.531  -6.951  1.000 22.270 0 107 GLN A N   1 ? 
ATOM   830  C CA  . GLN A 1 107 ? -6.888  15.500  -7.833  1.000 18.890 0 107 GLN A CA  1 ? 
ATOM   831  C C   . GLN A 1 107 ? -7.405  14.079  -7.948  1.000 19.330 0 107 GLN A C   1 ? 
ATOM   832  O O   . GLN A 1 107 ? -6.604  13.167  -8.006  1.000 18.100 0 107 GLN A O   1 ? 
ATOM   833  C CB  . GLN A 1 107 ? -6.510  15.860  -9.260  1.000 17.080 0 107 GLN A CB  1 ? 
ATOM   834  C CG  . GLN A 1 107 ? -6.133  17.299  -9.389  1.000 19.830 0 107 GLN A CG  1 ? 
ATOM   835  C CD  . GLN A 1 107 ? -7.359  18.152  -9.136  1.000 19.810 0 107 GLN A CD  1 ? 
ATOM   836  O OE1 . GLN A 1 107 ? -8.372  17.934  -9.766  1.000 17.680 0 107 GLN A OE1 1 ? 
ATOM   837  N NE2 . GLN A 1 107 ? -7.255  19.140  -8.272  1.000 22.550 0 107 GLN A NE2 1 ? 
ATOM   838  N N   . PRO A 1 108 ? -8.739  13.872  -7.999  1.000 16.900 0 108 PRO A N   1 ? 
ATOM   839  C CA  . PRO A 1 108 ? -9.311  12.538  -8.101  1.000 16.030 0 108 PRO A CA  1 ? 
ATOM   840  C C   . PRO A 1 108 ? -9.342  11.984  -9.528  1.000 17.260 0 108 PRO A C   1 ? 
ATOM   841  O O   . PRO A 1 108 ? -9.158  12.708  -10.525 1.000 19.570 0 108 PRO A O   1 ? 
ATOM   842  C CB  . PRO A 1 108 ? -10.721 12.782  -7.527  1.000 15.930 0 108 PRO A CB  1 ? 
ATOM   843  C CG  . PRO A 1 108 ? -11.074 14.176  -8.034  1.000 16.390 0 108 PRO A CG  1 ? 
ATOM   844  C CD  . PRO A 1 108 ? -9.767  14.932  -7.919  1.000 15.610 0 108 PRO A CD  1 ? 
ATOM   845  N N   . ASN A 1 109 ? -9.594  10.686  -9.553  1.000 15.910 0 109 ASN A N   1 ? 
ATOM   846  C CA  . ASN A 1 109 ? -9.856  9.864   -10.727 1.000 19.010 0 109 ASN A CA  1 ? 
ATOM   847  C C   . ASN A 1 109 ? -8.603  9.742   -11.551 1.000 16.760 0 109 ASN A C   1 ? 
ATOM   848  O O   . ASN A 1 109 ? -8.739  9.536   -12.743 1.000 22.560 0 109 ASN A O   1 ? 
ATOM   849  C CB  . ASN A 1 109 ? -10.989 10.393  -11.611 1.000 21.610 0 109 ASN A CB  1 ? 
ATOM   850  C CG  . ASN A 1 109 ? -12.273 10.482  -10.832 1.000 18.470 0 109 ASN A CG  1 ? 
ATOM   851  O OD1 . ASN A 1 109 ? -12.856 11.546  -10.708 1.000 22.260 0 109 ASN A OD1 1 ? 
ATOM   852  N ND2 . ASN A 1 109 ? -12.710 9.369   -10.293 1.000 18.350 0 109 ASN A ND2 1 ? 
ATOM   853  N N   . VAL A 1 110 ? -7.439  9.916   -10.914 1.000 18.120 0 110 VAL A N   1 ? 
ATOM   854  C CA  . VAL A 1 110 ? -6.162  9.805   -11.620 1.000 22.800 0 110 VAL A CA  1 ? 
ATOM   855  C C   . VAL A 1 110 ? -5.244  8.866   -10.825 1.000 20.060 0 110 VAL A C   1 ? 
ATOM   856  O O   . VAL A 1 110 ? -5.094  9.064   -9.606  1.000 17.300 0 110 VAL A O   1 ? 
ATOM   857  C CB  . VAL A 1 110 ? -5.556  11.213  -11.818 1.000 24.020 0 110 VAL A CB  1 ? 
ATOM   858  C CG1 . VAL A 1 110 ? -6.497  12.172  -12.554 1.000 25.900 0 110 VAL A CG1 1 ? 
ATOM   859  C CG2 . VAL A 1 110 ? -5.129  11.846  -10.500 1.000 28.030 0 110 VAL A CG2 1 ? 
ATOM   860  N N   . TRP A 1 111 ? -4.669  7.838   -11.482 1.000 24.470 0 111 TRP A N   1 ? 
ATOM   861  C CA  . TRP A 1 111 ? -3.756  6.924   -10.795 1.000 24.030 0 111 TRP A CA  1 ? 
ATOM   862  C C   . TRP A 1 111 ? -2.489  7.678   -10.445 1.000 21.960 0 111 TRP A C   1 ? 
ATOM   863  O O   . TRP A 1 111 ? -1.967  8.424   -11.257 1.000 20.390 0 111 TRP A O   1 ? 
ATOM   864  C CB  . TRP A 1 111 ? -3.430  5.651   -11.607 1.000 23.470 0 111 TRP A CB  1 ? 
ATOM   865  C CG  . TRP A 1 111 ? -4.602  4.734   -11.748 1.000 24.230 0 111 TRP A CG  1 ? 
ATOM   866  C CD1 . TRP A 1 111 ? -5.362  4.485   -12.861 1.000 25.860 0 111 TRP A CD1 1 ? 
ATOM   867  C CD2 . TRP A 1 111 ? -5.214  3.998   -10.682 1.000 24.030 0 111 TRP A CD2 1 ? 
ATOM   868  N NE1 . TRP A 1 111 ? -6.391  3.633   -12.557 1.000 26.360 0 111 TRP A NE1 1 ? 
ATOM   869  C CE2 . TRP A 1 111 ? -6.323  3.315   -11.225 1.000 23.090 0 111 TRP A CE2 1 ? 
ATOM   870  C CE3 . TRP A 1 111 ? -4.923  3.857   -9.326  1.000 19.870 0 111 TRP A CE3 1 ? 
ATOM   871  C CZ2 . TRP A 1 111 ? -7.157  2.523   -10.436 1.000 21.990 0 111 TRP A CZ2 1 ? 
ATOM   872  C CZ3 . TRP A 1 111 ? -5.736  3.059   -8.553  1.000 20.000 0 111 TRP A CZ3 1 ? 
ATOM   873  C CH2 . TRP A 1 111 ? -6.829  2.392   -9.099  1.000 21.280 0 111 TRP A CH2 1 ? 
ATOM   874  N N   . PHE A 1 112 ? -1.976  7.479   -9.235  1.000 22.330 0 112 PHE A N   1 ? 
ATOM   875  C CA  . PHE A 1 112 ? -0.682  8.043   -8.880  1.000 18.660 0 112 PHE A CA  1 ? 
ATOM   876  C C   . PHE A 1 112 ? 0.033   7.088   -7.917  1.000 17.190 0 112 PHE A C   1 ? 
ATOM   877  O O   . PHE A 1 112 ? -0.583  6.335   -7.184  1.000 17.350 0 112 PHE A O   1 ? 
ATOM   878  C CB  . PHE A 1 112 ? -0.847  9.456   -8.287  1.000 17.370 0 112 PHE A CB  1 ? 
ATOM   879  C CG  . PHE A 1 112 ? -1.664  9.587   -7.017  1.000 16.570 0 112 PHE A CG  1 ? 
ATOM   880  C CD1 . PHE A 1 112 ? -3.049  9.649   -7.050  1.000 15.700 0 112 PHE A CD1 1 ? 
ATOM   881  C CD2 . PHE A 1 112 ? -1.050  9.658   -5.783  1.000 16.920 0 112 PHE A CD2 1 ? 
ATOM   882  C CE1 . PHE A 1 112 ? -3.774  9.738   -5.883  1.000 15.110 0 112 PHE A CE1 1 ? 
ATOM   883  C CE2 . PHE A 1 112 ? -1.778  9.739   -4.611  1.000 17.010 0 112 PHE A CE2 1 ? 
ATOM   884  C CZ  . PHE A 1 112 ? -3.139  9.798   -4.676  1.000 17.040 0 112 PHE A CZ  1 ? 
ATOM   885  N N   . LYS A 1 113 ? 1.357   7.124   -7.925  1.000 17.870 0 113 LYS A N   1 ? 
ATOM   886  C CA  . LYS A 1 113 ? 2.156   6.243   -7.108  1.000 15.570 0 113 LYS A CA  1 ? 
ATOM   887  C C   . LYS A 1 113 ? 2.714   7.042   -5.949  1.000 17.630 0 113 LYS A C   1 ? 
ATOM   888  O O   . LYS A 1 113 ? 3.342   8.089   -6.116  1.000 15.670 0 113 LYS A O   1 ? 
ATOM   889  C CB  . LYS A 1 113 ? 3.242   5.586   -7.963  1.000 16.480 0 113 LYS A CB  1 ? 
ATOM   890  C CG  . LYS A 1 113 ? 2.658   4.722   -9.080  1.000 14.720 0 113 LYS A CG  1 ? 
ATOM   891  C CD  . LYS A 1 113 ? 3.673   4.212   -10.002 1.000 17.110 0 113 LYS A CD  1 ? 
ATOM   892  C CE  . LYS A 1 113 ? 3.094   3.683   -11.295 1.000 18.880 0 113 LYS A CE  1 ? 
ATOM   893  N NZ  . LYS A 1 113 ? 4.162   3.526   -12.300 1.000 21.730 0 113 LYS A NZ  1 ? 
ATOM   894  N N   . ILE A 1 114 ? 2.560   6.430   -4.781  1.000 15.440 0 114 ILE A N   1 ? 
ATOM   895  C CA  . ILE A 1 114 ? 3.140   6.930   -3.560  1.000 15.840 0 114 ILE A CA  1 ? 
ATOM   896  C C   . ILE A 1 114 ? 4.346   6.068   -3.222  1.000 15.430 0 114 ILE A C   1 ? 
ATOM   897  O O   . ILE A 1 114 ? 4.172   4.865   -3.012  1.000 12.540 0 114 ILE A O   1 ? 
ATOM   898  C CB  . ILE A 1 114 ? 2.074   6.860   -2.458  1.000 14.660 0 114 ILE A CB  1 ? 
ATOM   899  C CG1 . ILE A 1 114 ? 0.854   7.731   -2.801  1.000 15.560 0 114 ILE A CG1 1 ? 
ATOM   900  C CG2 . ILE A 1 114 ? 2.676   7.162   -1.093  1.000 15.690 0 114 ILE A CG2 1 ? 
ATOM   901  C CD1 . ILE A 1 114 ? -0.351  7.493   -1.920  1.000 16.750 0 114 ILE A CD1 1 ? 
ATOM   902  N N   . PRO A 1 115 ? 5.543   6.674   -3.101  1.000 16.850 0 115 PRO A N   1 ? 
ATOM   903  C CA  . PRO A 1 115 ? 6.733   5.987   -2.604  1.000 16.150 0 115 PRO A CA  1 ? 
ATOM   904  C C   . PRO A 1 115 ? 6.563   5.699   -1.113  1.000 15.110 0 115 PRO A C   1 ? 
ATOM   905  O O   . PRO A 1 115 ? 6.203   6.612   -0.380  1.000 14.480 0 115 PRO A O   1 ? 
ATOM   906  C CB  . PRO A 1 115 ? 7.860   6.998   -2.935  1.000 18.550 0 115 PRO A CB  1 ? 
ATOM   907  C CG  . PRO A 1 115 ? 7.183   8.350   -2.840  1.000 19.640 0 115 PRO A CG  1 ? 
ATOM   908  C CD  . PRO A 1 115 ? 5.755   8.122   -3.299  1.000 18.270 0 115 PRO A CD  1 ? 
ATOM   909  N N   . ILE A 1 116 ? 6.841   4.456   -0.630  1.000 12.150 0 116 ILE A N   1 ? 
ATOM   910  C CA  . ILE A 1 116 ? 6.698   4.196   0.813   1.000 14.070 0 116 ILE A CA  1 ? 
ATOM   911  C C   . ILE A 1 116 ? 8.028   3.890   1.517   1.000 13.840 0 116 ILE A C   1 ? 
ATOM   912  O O   . ILE A 1 116 ? 8.005   3.614   2.713   1.000 13.390 0 116 ILE A O   1 ? 
ATOM   913  C CB  . ILE A 1 116 ? 5.705   3.050   1.103   1.000 14.340 0 116 ILE A CB  1 ? 
ATOM   914  C CG1 . ILE A 1 116 ? 6.183   1.743   0.473   1.000 14.700 0 116 ILE A CG1 1 ? 
ATOM   915  C CG2 . ILE A 1 116 ? 4.317   3.419   0.646   1.000 15.680 0 116 ILE A CG2 1 ? 
ATOM   916  C CD1 . ILE A 1 116 ? 5.491   0.524   1.056   1.000 14.780 0 116 ILE A CD1 1 ? 
ATOM   917  N N   . GLY A 1 117 ? 9.179   3.977   0.811   1.000 13.930 0 117 GLY A N   1 ? 
ATOM   918  C CA  . GLY A 1 117 ? 10.470  3.658   1.411   1.000 13.590 0 117 GLY A CA  1 ? 
ATOM   919  C C   . GLY A 1 117 ? 11.392  2.904   0.452   1.000 13.960 0 117 GLY A C   1 ? 
ATOM   920  O O   . GLY A 1 117 ? 10.930  2.471   -0.601  1.000 14.730 0 117 GLY A O   1 ? 
ATOM   921  N N   . LYS A 1 118 ? 12.671  2.815   0.873   1.000 12.540 0 118 LYS A N   1 ? 
ATOM   922  C CA  . LYS A 1 118 ? 13.745  2.029   0.296   1.000 15.730 0 118 LYS A CA  1 ? 
ATOM   923  C C   . LYS A 1 118 ? 14.406  1.153   1.386   1.000 15.520 0 118 LYS A C   1 ? 
ATOM   924  O O   . LYS A 1 118 ? 14.383  1.361   2.620   1.000 15.400 0 118 LYS A O   1 ? 
ATOM   925  C CB  . LYS A 1 118 ? 14.643  2.947   -0.555  1.000 16.110 0 118 LYS A CB  1 ? 
ATOM   926  C CG  . LYS A 1 118 ? 15.265  4.182   0.097   1.000 19.380 0 118 LYS A CG  1 ? 
ATOM   927  C CD  . LYS A 1 118 ? 16.144  4.976   -0.937  1.000 21.490 0 118 LYS A CD  1 ? 
ATOM   928  C CE  . LYS A 1 118 ? 16.637  6.327   -0.452  1.000 24.610 0 118 LYS A CE  1 ? 
ATOM   929  N NZ  . LYS A 1 118 ? 17.624  6.189   0.649   1.000 25.940 0 118 LYS A NZ  1 ? 
ATOM   930  N N   . PHE A 1 119 ? 14.959  0.047   0.945   1.000 15.660 0 119 PHE A N   1 ? 
ATOM   931  C CA  . PHE A 1 119 ? 15.634  -0.877  1.836   1.000 15.480 0 119 PHE A CA  1 ? 
ATOM   932  C C   . PHE A 1 119 ? 16.696  -1.643  1.042   1.000 16.370 0 119 PHE A C   1 ? 
ATOM   933  O O   . PHE A 1 119 ? 16.655  -1.762  -0.188  1.000 14.900 0 119 PHE A O   1 ? 
ATOM   934  C CB  . PHE A 1 119 ? 14.628  -1.831  2.500   1.000 17.080 0 119 PHE A CB  1 ? 
ATOM   935  C CG  . PHE A 1 119 ? 13.843  -2.679  1.534   1.000 19.170 0 119 PHE A CG  1 ? 
ATOM   936  C CD1 . PHE A 1 119 ? 12.771  -2.156  0.842   1.000 21.470 0 119 PHE A CD1 1 ? 
ATOM   937  C CD2 . PHE A 1 119 ? 14.270  -3.963  1.208   1.000 21.800 0 119 PHE A CD2 1 ? 
ATOM   938  C CE1 . PHE A 1 119 ? 12.097  -2.910  -0.118  1.000 24.520 0 119 PHE A CE1 1 ? 
ATOM   939  C CE2 . PHE A 1 119 ? 13.591  -4.725  0.268   1.000 22.500 0 119 PHE A CE2 1 ? 
ATOM   940  C CZ  . PHE A 1 119 ? 12.514  -4.195  -0.410  1.000 22.990 0 119 PHE A CZ  1 ? 
ATOM   941  N N   . ILE A 1 120 ? 17.693  -2.102  1.780   1.000 18.060 0 120 ILE A N   1 ? 
ATOM   942  C CA  . ILE A 1 120 ? 18.701  -3.011  1.261   1.000 17.140 0 120 ILE A CA  1 ? 
ATOM   943  C C   . ILE A 1 120 ? 18.860  -4.161  2.262   1.000 18.320 0 120 ILE A C   1 ? 
ATOM   944  O O   . ILE A 1 120 ? 18.753  -3.968  3.482   1.000 18.560 0 120 ILE A O   1 ? 
ATOM   945  C CB  . ILE A 1 120 ? 20.060  -2.315  1.103   1.000 17.860 0 120 ILE A CB  1 ? 
ATOM   946  C CG1 . ILE A 1 120 ? 21.068  -3.287  0.470   1.000 21.190 0 120 ILE A CG1 1 ? 
ATOM   947  C CG2 . ILE A 1 120 ? 20.570  -1.775  2.443   1.000 17.420 0 120 ILE A CG2 1 ? 
ATOM   948  C CD1 . ILE A 1 120 ? 22.210  -2.610  -0.264  1.000 19.480 0 120 ILE A CD1 1 ? 
ATOM   949  N N   . LEU A 1 121 ? 19.158  -5.344  1.748   1.000 16.100 0 121 LEU A N   1 ? 
ATOM   950  C CA  . LEU A 1 121 ? 19.166  -6.506  2.615   1.000 19.550 0 121 LEU A CA  1 ? 
ATOM   951  C C   . LEU A 1 121 ? 20.587  -7.042  2.724   1.000 20.130 0 121 LEU A C   1 ? 
ATOM   952  O O   . LEU A 1 121 ? 21.174  -7.383  1.707   1.000 22.720 0 121 LEU A O   1 ? 
ATOM   953  C CB  . LEU A 1 121 ? 18.198  -7.538  2.039   1.000 19.380 0 121 LEU A CB  1 ? 
ATOM   954  C CG  . LEU A 1 121 ? 16.770  -7.039  1.819   1.000 22.540 0 121 LEU A CG  1 ? 
ATOM   955  C CD1 . LEU A 1 121 ? 15.922  -8.067  1.083   1.000 25.310 0 121 LEU A CD1 1 ? 
ATOM   956  C CD2 . LEU A 1 121 ? 16.065  -6.652  3.139   1.000 19.900 0 121 LEU A CD2 1 ? 
ATOM   957  N N   . ARG A 1 122 ? 21.104  -7.020  3.953   1.000 22.200 0 122 ARG A N   1 ? 
ATOM   958  C CA  . ARG A 1 122 ? 22.506  -7.425  4.198   1.000 23.670 0 122 ARG A CA  1 ? 
ATOM   959  C C   . ARG A 1 122 ? 22.545  -8.273  5.469   1.000 22.000 0 122 ARG A C   1 ? 
ATOM   960  O O   . ARG A 1 122 ? 21.745  -8.002  6.380   1.000 22.830 0 122 ARG A O   1 ? 
ATOM   961  C CB  . ARG A 1 122 ? 23.354  -6.159  4.362   1.000 22.310 0 122 ARG A CB  1 ? 
ATOM   962  C CG  . ARG A 1 122 ? 23.326  -5.220  3.165   1.000 21.000 0 122 ARG A CG  1 ? 
ATOM   963  C CD  . ARG A 1 122 ? 24.078  -3.938  3.463   1.000 23.010 0 122 ARG A CD  1 ? 
ATOM   964  N NE  . ARG A 1 122 ? 23.500  -3.218  4.588   1.000 27.420 0 122 ARG A NE  1 ? 
ATOM   965  C CZ  . ARG A 1 122 ? 24.199  -2.652  5.565   1.000 25.600 0 122 ARG A CZ  1 ? 
ATOM   966  N NH1 . ARG A 1 122 ? 25.513  -2.559  5.472   1.000 27.210 0 122 ARG A NH1 1 ? 
ATOM   967  N NH2 . ARG A 1 122 ? 23.582  -2.181  6.633   1.000 27.110 0 122 ARG A NH2 1 ? 
ATOM   968  N N   . GLY A 1 123 ? 23.381  -9.312  5.493   1.000 24.380 0 123 GLY A N   1 ? 
ATOM   969  C CA  . GLY A 1 123 ? 23.534  -10.090 6.734   1.000 24.780 0 123 GLY A CA  1 ? 
ATOM   970  C C   . GLY A 1 123 ? 22.220  -10.652 7.247   1.000 28.740 0 123 GLY A C   1 ? 
ATOM   971  O O   . GLY A 1 123 ? 21.489  -11.268 6.460   1.000 29.480 0 123 GLY A O   1 ? 
ATOM   972  N N   . SER A 1 124 ? 21.933  -10.431 8.529   1.000 29.820 0 124 SER A N   1 ? 
ATOM   973  C CA  . SER A 1 124 ? 20.717  -10.996 9.169   1.000 34.820 0 124 SER A CA  1 ? 
ATOM   974  C C   . SER A 1 124 ? 19.426  -10.658 8.423   1.000 38.560 0 124 SER A C   1 ? 
ATOM   975  O O   . SER A 1 124 ? 18.490  -11.470 8.501   1.000 44.030 0 124 SER A O   1 ? 
ATOM   976  C CB  . SER A 1 124 ? 20.614  -10.504 10.590  1.000 33.120 0 124 SER A CB  1 ? 
ATOM   977  O OG  . SER A 1 124 ? 19.298  -10.058 10.881  1.000 40.630 0 124 SER A OG  1 ? 
ATOM   978  N N   . LEU A 1 125 ? 19.362  -9.515  7.741   1.000 36.430 0 125 LEU A N   1 ? 
ATOM   979  C CA  . LEU A 1 125 ? 18.074  -9.114  7.178   1.000 32.490 0 125 LEU A CA  1 ? 
ATOM   980  C C   . LEU A 1 125 ? 17.782  -9.766  5.819   1.000 32.070 0 125 LEU A C   1 ? 
ATOM   981  O O   . LEU A 1 125 ? 16.756  -9.415  5.214   1.000 29.450 0 125 LEU A O   1 ? 
ATOM   982  C CB  . LEU A 1 125 ? 18.035  -7.585  7.025   1.000 34.680 0 125 LEU A CB  1 ? 
ATOM   983  C CG  . LEU A 1 125 ? 18.379  -6.743  8.254   1.000 38.650 0 125 LEU A CG  1 ? 
ATOM   984  C CD1 . LEU A 1 125 ? 18.138  -5.250  7.983   1.000 41.220 0 125 LEU A CD1 1 ? 
ATOM   985  C CD2 . LEU A 1 125 ? 17.592  -7.206  9.469   1.000 38.800 0 125 LEU A CD2 1 ? 
ATOM   986  N N   . THR A 1 126 ? 18.612  -10.726 5.342   1.000 26.660 0 126 THR A N   1 ? 
ATOM   987  C CA  . THR A 1 126 ? 18.382  -11.374 4.055   1.000 23.250 0 126 THR A CA  1 ? 
ATOM   988  C C   . THR A 1 126 ? 17.369  -12.542 4.118   1.000 24.560 0 126 THR A C   1 ? 
ATOM   989  O O   . THR A 1 126 ? 17.130  -13.227 3.115   1.000 26.500 0 126 THR A O   1 ? 
ATOM   990  C CB  . THR A 1 126 ? 19.715  -11.809 3.428   1.000 27.780 0 126 THR A CB  1 ? 
ATOM   991  O OG1 . THR A 1 126 ? 20.230  -12.891 4.209   1.000 24.660 0 126 THR A OG1 1 ? 
ATOM   992  C CG2 . THR A 1 126 ? 20.735  -10.689 3.348   1.000 30.350 0 126 THR A CG2 1 ? 
ATOM   993  N N   . SER A 1 127 ? 16.757  -12.777 5.282   1.000 22.420 0 127 SER A N   1 ? 
ATOM   994  C CA  . SER A 1 127 ? 15.652  -13.725 5.436   1.000 21.760 0 127 SER A CA  1 ? 
ATOM   995  C C   . SER A 1 127 ? 14.649  -13.235 6.489   1.000 20.210 0 127 SER A C   1 ? 
ATOM   996  O O   . SER A 1 127 ? 15.059  -12.647 7.458   1.000 21.390 0 127 SER A O   1 ? 
ATOM   997  C CB  . SER A 1 127 ? 16.220  -15.046 5.828   1.000 22.650 0 127 SER A CB  1 ? 
ATOM   998  O OG  . SER A 1 127 ? 15.336  -16.076 5.400   1.000 29.350 0 127 SER A OG  1 ? 
ATOM   999  N N   . GLY A 1 128 ? 13.345  -13.549 6.376   1.000 19.910 0 128 GLY A N   1 ? 
ATOM   1000 C CA  . GLY A 1 128 ? 12.359  -13.144 7.373   1.000 21.680 0 128 GLY A CA  1 ? 
ATOM   1001 C C   . GLY A 1 128 ? 11.387  -12.100 6.822   1.000 21.090 0 128 GLY A C   1 ? 
ATOM   1002 O O   . GLY A 1 128 ? 11.621  -11.502 5.785   1.000 19.360 0 128 GLY A O   1 ? 
ATOM   1003 N N   . THR A 1 129 ? 10.321  -11.826 7.569   1.000 22.970 0 129 THR A N   1 ? 
ATOM   1004 C CA  . THR A 1 129 ? 9.210   -11.096 6.997   1.000 19.300 0 129 THR A CA  1 ? 
ATOM   1005 C C   . THR A 1 129 ? 9.586   -9.634  6.783   1.000 19.450 0 129 THR A C   1 ? 
ATOM   1006 O O   . THR A 1 129 ? 10.172  -9.008  7.669   1.000 17.810 0 129 THR A O   1 ? 
ATOM   1007 C CB  . THR A 1 129 ? 7.990   -11.216 7.909   1.000 19.480 0 129 THR A CB  1 ? 
ATOM   1008 O OG1 . THR A 1 129 ? 7.854   -12.621 8.208   1.000 21.140 0 129 THR A OG1 1 ? 
ATOM   1009 C CG2 . THR A 1 129 ? 6.748   -10.643 7.263   1.000 18.000 0 129 THR A CG2 1 ? 
ATOM   1010 N N   . ILE A 1 130 ? 9.118   -9.083  5.657   1.000 18.950 0 130 ILE A N   1 ? 
ATOM   1011 C CA  . ILE A 1 130 ? 9.114   -7.643  5.412   1.000 19.260 0 130 ILE A CA  1 ? 
ATOM   1012 C C   . ILE A 1 130 ? 7.677   -7.165  5.230   1.000 19.550 0 130 ILE A C   1 ? 
ATOM   1013 O O   . ILE A 1 130 ? 6.951   -7.718  4.406   1.000 18.340 0 130 ILE A O   1 ? 
ATOM   1014 C CB  . ILE A 1 130 ? 9.943   -7.305  4.155   1.000 20.790 0 130 ILE A CB  1 ? 
ATOM   1015 C CG1 . ILE A 1 130 ? 11.400  -7.724  4.311   1.000 19.450 0 130 ILE A CG1 1 ? 
ATOM   1016 C CG2 . ILE A 1 130 ? 9.823   -5.831  3.815   1.000 18.160 0 130 ILE A CG2 1 ? 
ATOM   1017 C CD1 . ILE A 1 130 ? 12.268  -7.347  3.145   1.000 21.150 0 130 ILE A CD1 1 ? 
ATOM   1018 N N   . ARG A 1 131 ? 7.250   -6.160  6.007   1.000 18.000 0 131 ARG A N   1 ? 
ATOM   1019 C CA  . ARG A 1 131 ? 5.929   -5.597  5.836   1.000 16.920 0 131 ARG A CA  1 ? 
ATOM   1020 C C   . ARG A 1 131 ? 6.023   -4.298  5.050   1.000 16.170 0 131 ARG A C   1 ? 
ATOM   1021 O O   . ARG A 1 131 ? 6.877   -3.464  5.340   1.000 18.510 0 131 ARG A O   1 ? 
ATOM   1022 C CB  . ARG A 1 131 ? 5.274   -5.253  7.171   1.000 18.540 0 131 ARG A CB  1 ? 
ATOM   1023 C CG  . ARG A 1 131 ? 5.254   -6.447  8.108   1.000 22.450 0 131 ARG A CG  1 ? 
ATOM   1024 C CD  . ARG A 1 131 ? 4.562   -6.202  9.440   1.000 27.090 0 131 ARG A CD  1 ? 
ATOM   1025 N NE  . ARG A 1 131 ? 4.594   -7.430  10.226  1.000 32.650 0 131 ARG A NE  1 ? 
ATOM   1026 C CZ  . ARG A 1 131 ? 4.386   -7.507  11.545  1.000 40.530 0 131 ARG A CZ  1 ? 
ATOM   1027 N NH1 . ARG A 1 131 ? 4.394   -6.432  12.315  1.000 39.830 0 131 ARG A NH1 1 ? 
ATOM   1028 N NH2 . ARG A 1 131 ? 4.180   -8.684  12.101  1.000 42.600 0 131 ARG A NH2 1 ? 
ATOM   1029 N N   . PHE A 1 132 ? 5.091   -4.148  4.125   1.000 13.380 0 132 PHE A N   1 ? 
ATOM   1030 C CA  . PHE A 1 132 ? 4.873   -2.945  3.380   1.000 13.090 0 132 PHE A CA  1 ? 
ATOM   1031 C C   . PHE A 1 132 ? 3.449   -2.513  3.687   1.000 14.310 0 132 PHE A C   1 ? 
ATOM   1032 O O   . PHE A 1 132 ? 2.490   -3.297  3.561   1.000 15.920 0 132 PHE A O   1 ? 
ATOM   1033 C CB  . PHE A 1 132 ? 5.041   -3.194  1.886   1.000 12.470 0 132 PHE A CB  1 ? 
ATOM   1034 C CG  . PHE A 1 132 ? 6.370   -3.757  1.489   1.000 11.980 0 132 PHE A CG  1 ? 
ATOM   1035 C CD1 . PHE A 1 132 ? 7.487   -2.953  1.306   1.000 11.310 0 132 PHE A CD1 1 ? 
ATOM   1036 C CD2 . PHE A 1 132 ? 6.545   -5.115  1.402   1.000 12.910 0 132 PHE A CD2 1 ? 
ATOM   1037 C CE1 . PHE A 1 132 ? 8.706   -3.481  0.925   1.000 13.200 0 132 PHE A CE1 1 ? 
ATOM   1038 C CE2 . PHE A 1 132 ? 7.766   -5.638  1.008   1.000 12.290 0 132 PHE A CE2 1 ? 
ATOM   1039 C CZ  . PHE A 1 132 ? 8.841   -4.839  0.781   1.000 11.940 0 132 PHE A CZ  1 ? 
ATOM   1040 N N   . GLY A 1 133 ? 3.270   -1.240  4.004   1.000 16.270 0 133 GLY A N   1 ? 
ATOM   1041 C CA  . GLY A 1 133 ? 1.934   -0.832  4.423   1.000 16.170 0 133 GLY A CA  1 ? 
ATOM   1042 C C   . GLY A 1 133 ? 1.671   0.666   4.380   1.000 16.700 0 133 GLY A C   1 ? 
ATOM   1043 O O   . GLY A 1 133 ? 2.590   1.469   4.215   1.000 15.970 0 133 GLY A O   1 ? 
ATOM   1044 N N   . PHE A 1 134 ? 0.393   1.018   4.605   1.000 16.200 0 134 PHE A N   1 ? 
ATOM   1045 C CA  . PHE A 1 134 ? -0.014  2.391   4.868   1.000 14.520 0 134 PHE A CA  1 ? 
ATOM   1046 C C   . PHE A 1 134 ? -1.252  2.395   5.756   1.000 14.880 0 134 PHE A C   1 ? 
ATOM   1047 O O   . PHE A 1 134 ? -2.024  1.452   5.706   1.000 15.560 0 134 PHE A O   1 ? 
ATOM   1048 C CB  . PHE A 1 134 ? -0.192  3.220   3.595   1.000 16.310 0 134 PHE A CB  1 ? 
ATOM   1049 C CG  . PHE A 1 134 ? -1.223  2.674   2.628   1.000 16.130 0 134 PHE A CG  1 ? 
ATOM   1050 C CD1 . PHE A 1 134 ? -2.552  3.038   2.755   1.000 16.970 0 134 PHE A CD1 1 ? 
ATOM   1051 C CD2 . PHE A 1 134 ? -0.889  1.707   1.704   1.000 16.010 0 134 PHE A CD2 1 ? 
ATOM   1052 C CE1 . PHE A 1 134 ? -3.509  2.480   1.924   1.000 16.440 0 134 PHE A CE1 1 ? 
ATOM   1053 C CE2 . PHE A 1 134 ? -1.840  1.184   0.838   1.000 17.910 0 134 PHE A CE2 1 ? 
ATOM   1054 C CZ  . PHE A 1 134 ? -3.156  1.551   0.982   1.000 15.450 0 134 PHE A CZ  1 ? 
ATOM   1055 N N   . TYR A 1 135 ? -1.412  3.440   6.581   1.000 14.640 0 135 TYR A N   1 ? 
ATOM   1056 C CA  . TYR A 1 135 ? -2.480  3.520   7.573   1.000 14.700 0 135 TYR A CA  1 ? 
ATOM   1057 C C   . TYR A 1 135 ? -2.767  4.951   8.010   1.000 16.150 0 135 TYR A C   1 ? 
ATOM   1058 O O   . TYR A 1 135 ? -1.938  5.870   7.927   1.000 13.830 0 135 TYR A O   1 ? 
ATOM   1059 C CB  . TYR A 1 135 ? -2.164  2.649   8.801   1.000 15.200 0 135 TYR A CB  1 ? 
ATOM   1060 C CG  . TYR A 1 135 ? -0.970  3.058   9.629   1.000 14.390 0 135 TYR A CG  1 ? 
ATOM   1061 C CD1 . TYR A 1 135 ? 0.329   2.794   9.207   1.000 14.670 0 135 TYR A CD1 1 ? 
ATOM   1062 C CD2 . TYR A 1 135 ? -1.129  3.798   10.779  1.000 15.930 0 135 TYR A CD2 1 ? 
ATOM   1063 C CE1 . TYR A 1 135 ? 1.439   3.147   9.958   1.000 15.720 0 135 TYR A CE1 1 ? 
ATOM   1064 C CE2 . TYR A 1 135 ? -0.037  4.199   11.527  1.000 18.430 0 135 TYR A CE2 1 ? 
ATOM   1065 C CZ  . TYR A 1 135 ? 1.250   3.892   11.106  1.000 16.860 0 135 TYR A CZ  1 ? 
ATOM   1066 O OH  . TYR A 1 135 ? 2.338   4.334   11.808  1.000 14.730 0 135 TYR A OH  1 ? 
ATOM   1067 N N   . ASN A 1 136 ? -4.018  5.152   8.467   1.000 17.330 0 136 ASN A N   1 ? 
ATOM   1068 C CA  . ASN A 1 136 ? -4.403  6.293   9.289   1.000 16.720 0 136 ASN A CA  1 ? 
ATOM   1069 C C   . ASN A 1 136 ? -5.516  5.791   10.205  1.000 18.100 0 136 ASN A C   1 ? 
ATOM   1070 O O   . ASN A 1 136 ? -6.457  5.159   9.735   1.000 15.510 0 136 ASN A O   1 ? 
ATOM   1071 C CB  . ASN A 1 136 ? -4.863  7.545   8.513   1.000 16.480 0 136 ASN A CB  1 ? 
ATOM   1072 C CG  . ASN A 1 136 ? -5.131  8.743   9.420   1.000 17.250 0 136 ASN A CG  1 ? 
ATOM   1073 O OD1 . ASN A 1 136 ? -6.167  8.803   10.094  1.000 18.170 0 136 ASN A OD1 1 ? 
ATOM   1074 N ND2 . ASN A 1 136 ? -4.232  9.722   9.443   1.000 15.120 0 136 ASN A ND2 1 ? 
ATOM   1075 N N   . HIS A 1 137 ? -5.357  6.055   11.510  1.000 19.530 0 137 HIS A N   1 ? 
ATOM   1076 C CA  . HIS A 1 137 ? -6.204  5.517   12.551  1.000 17.250 0 137 HIS A CA  1 ? 
ATOM   1077 C C   . HIS A 1 137 ? -6.849  6.642   13.345  1.000 19.330 0 137 HIS A C   1 ? 
ATOM   1078 O O   . HIS A 1 137 ? -7.270  6.427   14.485  1.000 20.280 0 137 HIS A O   1 ? 
ATOM   1079 C CB  . HIS A 1 137 ? -5.334  4.692   13.498  1.000 18.750 0 137 HIS A CB  1 ? 
ATOM   1080 C CG  . HIS A 1 137 ? -4.633  3.484   12.902  1.000 17.070 0 137 HIS A CG  1 ? 
ATOM   1081 N ND1 . HIS A 1 137 ? -3.609  2.867   13.589  1.000 16.040 0 137 HIS A ND1 1 ? 
ATOM   1082 C CD2 . HIS A 1 137 ? -4.810  2.757   11.772  1.000 18.240 0 137 HIS A CD2 1 ? 
ATOM   1083 C CE1 . HIS A 1 137 ? -3.182  1.819   12.910  1.000 18.210 0 137 HIS A CE1 1 ? 
ATOM   1084 N NE2 . HIS A 1 137 ? -3.924  1.698   11.807  1.000 18.200 0 137 HIS A NE2 1 ? 
ATOM   1085 N N   . GLU A 1 138 ? -6.907  7.839   12.757  1.000 19.210 0 138 GLU A N   1 ? 
ATOM   1086 C CA  . GLU A 1 138 ? -7.589  8.960   13.377  1.000 18.120 0 138 GLU A CA  1 ? 
ATOM   1087 C C   . GLU A 1 138 ? -9.099  8.768   13.304  1.000 18.300 0 138 GLU A C   1 ? 
ATOM   1088 O O   . GLU A 1 138 ? -9.621  7.919   12.572  1.000 16.860 0 138 GLU A O   1 ? 
ATOM   1089 C CB  . GLU A 1 138 ? -7.169  10.283  12.739  1.000 17.990 0 138 GLU A CB  1 ? 
ATOM   1090 C CG  . GLU A 1 138 ? -5.726  10.626  13.021  1.000 19.470 0 138 GLU A CG  1 ? 
ATOM   1091 C CD  . GLU A 1 138 ? -5.265  11.897  12.337  1.000 18.530 0 138 GLU A CD  1 ? 
ATOM   1092 O OE1 . GLU A 1 138 ? -5.984  12.907  12.459  1.000 19.680 0 138 GLU A OE1 1 ? 
ATOM   1093 O OE2 . GLU A 1 138 ? -4.193  11.882  11.670  1.000 18.300 0 138 GLU A OE2 1 ? 
ATOM   1094 N N   . GLY A 1 139 ? -9.796  9.524   14.166  1.000 18.900 0 139 GLY A N   1 ? 
ATOM   1095 C CA  . GLY A 1 139 ? -11.239 9.386   14.294  1.000 22.380 0 139 GLY A CA  1 ? 
ATOM   1096 C C   . GLY A 1 139 ? -11.972 10.265  13.280  1.000 28.600 0 139 GLY A C   1 ? 
ATOM   1097 O O   . GLY A 1 139 ? -12.908 10.974  13.654  1.000 41.210 0 139 GLY A O   1 ? 
ATOM   1098 N N   . ASN A 1 140 ? -11.473 10.336  12.041  1.000 20.890 0 140 ASN A N   1 ? 
ATOM   1099 C CA  . ASN A 1 140 ? -12.159 11.081  10.994  1.000 22.640 0 140 ASN A CA  1 ? 
ATOM   1100 C C   . ASN A 1 140 ? -12.433 10.060  9.906   1.000 21.860 0 140 ASN A C   1 ? 
ATOM   1101 O O   . ASN A 1 140 ? -11.686 9.087   9.820   1.000 23.110 0 140 ASN A O   1 ? 
ATOM   1102 C CB  . ASN A 1 140 ? -11.379 12.299  10.451  1.000 22.610 0 140 ASN A CB  1 ? 
ATOM   1103 C CG  . ASN A 1 140 ? -10.185 11.922  9.570   1.000 26.020 0 140 ASN A CG  1 ? 
ATOM   1104 O OD1 . ASN A 1 140 ? -9.310  11.176  10.010  1.000 21.100 0 140 ASN A OD1 1 ? 
ATOM   1105 N ND2 . ASN A 1 140 ? -10.126 12.414  8.334   1.000 24.610 0 140 ASN A ND2 1 ? 
ATOM   1106 N N   . TRP A 1 141 ? -13.438 10.322  9.082   1.000 21.350 0 141 TRP A N   1 ? 
ATOM   1107 C CA  . TRP A 1 141 ? -13.843 9.425   8.003   1.000 20.030 0 141 TRP A CA  1 ? 
ATOM   1108 C C   . TRP A 1 141 ? -12.958 9.595   6.761   1.000 18.870 0 141 TRP A C   1 ? 
ATOM   1109 O O   . TRP A 1 141 ? -12.891 10.671  6.153   1.000 21.810 0 141 TRP A O   1 ? 
ATOM   1110 C CB  . TRP A 1 141 ? -15.309 9.661   7.653   1.000 22.050 0 141 TRP A CB  1 ? 
ATOM   1111 C CG  . TRP A 1 141 ? -16.263 9.069   8.638   1.000 23.700 0 141 TRP A CG  1 ? 
ATOM   1112 C CD1 . TRP A 1 141 ? -16.968 9.736   9.603   1.000 24.930 0 141 TRP A CD1 1 ? 
ATOM   1113 C CD2 . TRP A 1 141 ? -16.577 7.669   8.795   1.000 24.180 0 141 TRP A CD2 1 ? 
ATOM   1114 N NE1 . TRP A 1 141 ? -17.720 8.857   10.328  1.000 24.570 0 141 TRP A NE1 1 ? 
ATOM   1115 C CE2 . TRP A 1 141 ? -17.529 7.587   9.841   1.000 22.970 0 141 TRP A CE2 1 ? 
ATOM   1116 C CE3 . TRP A 1 141 ? -16.204 6.495   8.135   1.000 23.060 0 141 TRP A CE3 1 ? 
ATOM   1117 C CZ2 . TRP A 1 141 ? -18.085 6.377   10.251  1.000 20.730 0 141 TRP A CZ2 1 ? 
ATOM   1118 C CZ3 . TRP A 1 141 ? -16.748 5.295   8.546   1.000 22.400 0 141 TRP A CZ3 1 ? 
ATOM   1119 C CH2 . TRP A 1 141 ? -17.681 5.241   9.589   1.000 19.660 0 141 TRP A CH2 1 ? 
ATOM   1120 N N   . LYS A 1 142 ? -12.238 8.543   6.411   1.000 16.500 0 142 LYS A N   1 ? 
ATOM   1121 C CA  . LYS A 1 142 ? -11.496 8.478   5.153   1.000 14.520 0 142 LYS A CA  1 ? 
ATOM   1122 C C   . LYS A 1 142 ? -12.378 7.778   4.142   1.000 16.010 0 142 LYS A C   1 ? 
ATOM   1123 O O   . LYS A 1 142 ? -12.854 6.676   4.444   1.000 16.840 0 142 LYS A O   1 ? 
ATOM   1124 C CB  . LYS A 1 142 ? -10.202 7.682   5.269   1.000 12.690 0 142 LYS A CB  1 ? 
ATOM   1125 C CG  . LYS A 1 142 ? -9.017  8.489   5.771   1.000 13.480 0 142 LYS A CG  1 ? 
ATOM   1126 C CD  . LYS A 1 142 ? -9.126  8.934   7.215   1.000 14.840 0 142 LYS A CD  1 ? 
ATOM   1127 C CE  . LYS A 1 142 ? -8.963  7.764   8.189   1.000 15.950 0 142 LYS A CE  1 ? 
ATOM   1128 N NZ  . LYS A 1 142 ? -8.915  8.173   9.628   1.000 14.380 0 142 LYS A NZ  1 ? 
ATOM   1129 N N   . ARG A 1 143 ? -12.636 8.489   3.028   1.000 15.680 0 143 ARG A N   1 ? 
ATOM   1130 C CA  . ARG A 1 143 ? -13.523 8.048   1.970   1.000 16.940 0 143 ARG A CA  1 ? 
ATOM   1131 C C   . ARG A 1 143 ? -12.857 8.164   0.609   1.000 15.450 0 143 ARG A C   1 ? 
ATOM   1132 O O   . ARG A 1 143 ? -12.137 9.148   0.335   1.000 14.670 0 143 ARG A O   1 ? 
ATOM   1133 C CB  . ARG A 1 143 ? -14.789 8.927   1.908   1.000 19.660 0 143 ARG A CB  1 ? 
ATOM   1134 C CG  . ARG A 1 143 ? -15.350 9.339   3.267   1.000 23.820 0 143 ARG A CG  1 ? 
ATOM   1135 C CD  . ARG A 1 143 ? -16.839 9.584   3.169   1.000 26.440 0 143 ARG A CD  1 ? 
ATOM   1136 N NE  . ARG A 1 143 ? -17.440 9.870   4.446   1.000 31.510 0 143 ARG A NE  1 ? 
ATOM   1137 C CZ  . ARG A 1 143 ? -18.394 9.150   5.024   1.000 38.400 0 143 ARG A CZ  1 ? 
ATOM   1138 N NH1 . ARG A 1 143 ? -19.014 8.187   4.363   1.000 42.750 0 143 ARG A NH1 1 ? 
ATOM   1139 N NH2 . ARG A 1 143 ? -18.778 9.442   6.255   1.000 41.340 0 143 ARG A NH2 1 ? 
ATOM   1140 N N   . GLY A 1 144 ? -13.150 7.165   -0.248  1.000 15.680 0 144 GLY A N   1 ? 
ATOM   1141 C CA  . GLY A 1 144 ? -12.903 7.257   -1.677  1.000 16.210 0 144 GLY A CA  1 ? 
ATOM   1142 C C   . GLY A 1 144 ? -11.439 7.081   -2.092  1.000 17.910 0 144 GLY A C   1 ? 
ATOM   1143 O O   . GLY A 1 144 ? -10.887 7.938   -2.787  1.000 15.330 0 144 GLY A O   1 ? 
ATOM   1144 N N   . LEU A 1 145 ? -10.803 6.001   -1.611  1.000 16.100 0 145 LEU A N   1 ? 
ATOM   1145 C CA  . LEU A 1 145 ? -9.491  5.612   -2.070  1.000 16.900 0 145 LEU A CA  1 ? 
ATOM   1146 C C   . LEU A 1 145 ? -9.554  4.220   -2.682  1.000 16.810 0 145 LEU A C   1 ? 
ATOM   1147 O O   . LEU A 1 145 ? -9.995  3.301   -2.002  1.000 16.320 0 145 LEU A O   1 ? 
ATOM   1148 C CB  . LEU A 1 145 ? -8.505  5.604   -0.906  1.000 18.460 0 145 LEU A CB  1 ? 
ATOM   1149 C CG  . LEU A 1 145 ? -7.076  5.268   -1.353  1.000 18.100 0 145 LEU A CG  1 ? 
ATOM   1150 C CD1 . LEU A 1 145 ? -6.422  6.498   -2.019  1.000 17.050 0 145 LEU A CD1 1 ? 
ATOM   1151 C CD2 . LEU A 1 145 ? -6.275  4.729   -0.197  1.000 19.530 0 145 LEU A CD2 1 ? 
ATOM   1152 N N   . ASN A 1 146 ? -9.172  4.111   -3.961  1.000 17.300 0 146 ASN A N   1 ? 
ATOM   1153 C CA  . ASN A 1 146 ? -9.027  2.837   -4.648  1.000 16.480 0 146 ASN A CA  1 ? 
ATOM   1154 C C   . ASN A 1 146 ? -7.562  2.432   -4.714  1.000 15.650 0 146 ASN A C   1 ? 
ATOM   1155 O O   . ASN A 1 146 ? -6.737  3.262   -5.053  1.000 14.380 0 146 ASN A O   1 ? 
ATOM   1156 C CB  . ASN A 1 146 ? -9.576  2.940   -6.083  1.000 17.420 0 146 ASN A CB  1 ? 
ATOM   1157 C CG  . ASN A 1 146 ? -11.070 3.211   -6.111  1.000 16.990 0 146 ASN A CG  1 ? 
ATOM   1158 O OD1 . ASN A 1 146 ? -11.680 3.264   -5.047  1.000 15.670 0 146 ASN A OD1 1 ? 
ATOM   1159 N ND2 . ASN A 1 146 ? -11.677 3.242   -7.297  1.000 18.560 0 146 ASN A ND2 1 ? 
ATOM   1160 N N   . ILE A 1 147 ? -7.260  1.139   -4.433  1.000 14.550 0 147 ILE A N   1 ? 
ATOM   1161 C CA  . ILE A 1 147 ? -5.868  0.716   -4.364  1.000 16.400 0 147 ILE A CA  1 ? 
ATOM   1162 C C   . ILE A 1 147 ? -5.620  -0.271  -5.501  1.000 16.600 0 147 ILE A C   1 ? 
ATOM   1163 O O   . ILE A 1 147 ? -6.388  -1.225  -5.628  1.000 18.220 0 147 ILE A O   1 ? 
ATOM   1164 C CB  . ILE A 1 147 ? -5.519  0.096   -2.996  1.000 16.030 0 147 ILE A CB  1 ? 
ATOM   1165 C CG1 . ILE A 1 147 ? -5.968  0.973   -1.830  1.000 16.140 0 147 ILE A CG1 1 ? 
ATOM   1166 C CG2 . ILE A 1 147 ? -4.036  -0.260  -2.942  1.000 17.290 0 147 ILE A CG2 1 ? 
ATOM   1167 C CD1 . ILE A 1 147 ? -6.115  0.254   -0.518  1.000 16.780 0 147 ILE A CD1 1 ? 
ATOM   1168 N N   . ARG A 1 148 ? -4.602  -0.006  -6.342  1.000 16.800 0 148 ARG A N   1 ? 
ATOM   1169 C CA  . ARG A 1 148 ? -4.281  -0.837  -7.494  1.000 16.930 0 148 ARG A CA  1 ? 
ATOM   1170 C C   . ARG A 1 148 ? -3.237  -1.888  -7.129  1.000 15.970 0 148 ARG A C   1 ? 
ATOM   1171 O O   . ARG A 1 148 ? -3.491  -3.044  -7.361  1.000 16.480 0 148 ARG A O   1 ? 
ATOM   1172 C CB  . ARG A 1 148 ? -3.776  -0.031  -8.682  1.000 21.040 0 148 ARG A CB  1 ? 
ATOM   1173 C CG  . ARG A 1 148 ? -3.930  -0.686  -10.048 1.000 24.650 0 148 ARG A CG  1 ? 
ATOM   1174 C CD  . ARG A 1 148 ? -3.265  0.195   -11.103 1.000 27.970 0 148 ARG A CD  1 ? 
ATOM   1175 N NE  . ARG A 1 148 ? -4.062  0.292   -12.319 1.000 37.000 0 148 ARG A NE  1 ? 
ATOM   1176 C CZ  . ARG A 1 148 ? -3.782  1.096   -13.328 1.000 33.000 0 148 ARG A CZ  1 ? 
ATOM   1177 N NH1 . ARG A 1 148 ? -2.674  1.814   -13.308 1.000 36.270 0 148 ARG A NH1 1 ? 
ATOM   1178 N NH2 . ARG A 1 148 ? -4.605  1.186   -14.353 1.000 34.130 0 148 ARG A NH2 1 ? 
ATOM   1179 N N   . THR A 1 149 ? -2.068  -1.519  -6.596  1.000 13.050 0 149 THR A N   1 ? 
ATOM   1180 C CA  . THR A 1 149 ? -0.988  -2.493  -6.425  1.000 13.660 0 149 THR A CA  1 ? 
ATOM   1181 C C   . THR A 1 149 ? 0.145   -1.921  -5.554  1.000 12.950 0 149 THR A C   1 ? 
ATOM   1182 O O   . THR A 1 149 ? 0.421   -0.721  -5.599  1.000 13.170 0 149 THR A O   1 ? 
ATOM   1183 C CB  . THR A 1 149 ? -0.479  -2.947  -7.801  1.000 12.920 0 149 THR A CB  1 ? 
ATOM   1184 O OG1 . THR A 1 149 ? 0.361   -4.114  -7.668  1.000 17.190 0 149 THR A OG1 1 ? 
ATOM   1185 C CG2 . THR A 1 149 ? 0.267   -1.858  -8.549  1.000 13.450 0 149 THR A CG2 1 ? 
ATOM   1186 N N   . LEU A 1 150 ? 0.863   -2.822  -4.872  1.000 13.110 0 150 LEU A N   1 ? 
ATOM   1187 C CA  . LEU A 1 150 ? 2.211   -2.574  -4.373  1.000 14.880 0 150 LEU A CA  1 ? 
ATOM   1188 C C   . LEU A 1 150 ? 3.221   -2.949  -5.457  1.000 12.830 0 150 LEU A C   1 ? 
ATOM   1189 O O   . LEU A 1 150 ? 3.097   -4.004  -6.058  1.000 10.690 0 150 LEU A O   1 ? 
ATOM   1190 C CB  . LEU A 1 150 ? 2.458   -3.420  -3.113  1.000 14.340 0 150 LEU A CB  1 ? 
ATOM   1191 C CG  . LEU A 1 150 ? 3.871   -3.325  -2.543  1.000 13.550 0 150 LEU A CG  1 ? 
ATOM   1192 C CD1 . LEU A 1 150 ? 4.065   -1.961  -1.884  1.000 11.960 0 150 LEU A CD1 1 ? 
ATOM   1193 C CD2 . LEU A 1 150 ? 4.160   -4.469  -1.570  1.000 13.950 0 150 LEU A CD2 1 ? 
ATOM   1194 N N   . ALA A 1 151 ? 4.189   -2.054  -5.738  1.000 14.140 0 151 ALA A N   1 ? 
ATOM   1195 C CA  . ALA A 1 151 ? 5.247   -2.363  -6.690  1.000 15.210 0 151 ALA A CA  1 ? 
ATOM   1196 C C   . ALA A 1 151 ? 6.590   -2.249  -5.990  1.000 16.410 0 151 ALA A C   1 ? 
ATOM   1197 O O   . ALA A 1 151 ? 6.839   -1.244  -5.312  1.000 16.030 0 151 ALA A O   1 ? 
ATOM   1198 C CB  . ALA A 1 151 ? 5.129   -1.409  -7.848  1.000 15.010 0 151 ALA A CB  1 ? 
ATOM   1199 N N   . ILE A 1 152 ? 7.470   -3.244  -6.211  1.000 17.680 0 152 ILE A N   1 ? 
ATOM   1200 C CA  . ILE A 1 152 ? 8.815   -3.209  -5.675  1.000 17.470 0 152 ILE A CA  1 ? 
ATOM   1201 C C   . ILE A 1 152 ? 9.785   -3.206  -6.860  1.000 15.950 0 152 ILE A C   1 ? 
ATOM   1202 O O   . ILE A 1 152 ? 9.743   -4.109  -7.697  1.000 15.590 0 152 ILE A O   1 ? 
ATOM   1203 C CB  . ILE A 1 152 ? 9.009   -4.365  -4.675  1.000 20.170 0 152 ILE A CB  1 ? 
ATOM   1204 C CG1 . ILE A 1 152 ? 8.006   -4.249  -3.510  1.000 20.640 0 152 ILE A CG1 1 ? 
ATOM   1205 C CG2 . ILE A 1 152 ? 10.428  -4.428  -4.162  1.000 20.610 0 152 ILE A CG2 1 ? 
ATOM   1206 C CD1 . ILE A 1 152 ? 7.733   -5.562  -2.828  1.000 20.480 0 152 ILE A CD1 1 ? 
ATOM   1207 N N   . GLN A 1 153 ? 10.579  -2.129  -6.934  1.000 15.100 0 153 GLN A N   1 ? 
ATOM   1208 C CA  . GLN A 1 153 ? 11.535  -1.853  -8.000  1.000 16.710 0 153 GLN A CA  1 ? 
ATOM   1209 C C   . GLN A 1 153 ? 12.974  -1.883  -7.482  1.000 19.730 0 153 GLN A C   1 ? 
ATOM   1210 O O   . GLN A 1 153 ? 13.197  -1.586  -6.288  1.000 23.390 0 153 GLN A O   1 ? 
ATOM   1211 C CB  . GLN A 1 153 ? 11.406  -0.395  -8.463  1.000 20.170 0 153 GLN A CB  1 ? 
ATOM   1212 C CG  . GLN A 1 153 ? 10.149  -0.087  -9.226  1.000 23.120 0 153 GLN A CG  1 ? 
ATOM   1213 C CD  . GLN A 1 153 ? 9.015   0.374   -8.358  1.000 32.340 0 153 GLN A CD  1 ? 
ATOM   1214 O OE1 . GLN A 1 153 ? 9.082   0.424   -7.132  1.000 30.500 0 153 GLN A OE1 1 ? 
ATOM   1215 N NE2 . GLN A 1 153 ? 7.959   0.782   -9.028  1.000 42.820 0 153 GLN A NE2 1 ? 
ATOM   1216 N N   . ALA A 1 154 ? 13.947  -2.050  -8.392  1.000 17.460 0 154 ALA A N   1 ? 
ATOM   1217 C CA  . ALA A 1 154 ? 15.357  -1.915  -8.013  1.000 15.950 0 154 ALA A CA  1 ? 
ATOM   1218 C C   . ALA A 1 154 ? 16.245  -1.546  -9.209  1.000 23.040 0 154 ALA A C   1 ? 
ATOM   1219 O O   . ALA A 1 154 ? 15.784  -1.770  -10.385 1.000 31.510 0 154 ALA A O   1 ? 
ATOM   1220 C CB  . ALA A 1 154 ? 15.790  -3.183  -7.360  1.000 15.130 0 154 ALA A CB  1 ? 
HETATM 1221 O O   . HOH B 2 .   ? -14.213 3.898   -3.252  1.000 21.950 0 201 HOH A O   1 ? 
HETATM 1222 O O   . HOH B 2 .   ? 13.660  -17.059 4.106   1.000 31.350 0 202 HOH A O   1 ? 
HETATM 1223 O O   . HOH B 2 .   ? -9.070  14.964  -4.060  1.000 34.960 0 203 HOH A O   1 ? 
HETATM 1224 O O   . HOH B 2 .   ? 11.914  -17.941 1.981   1.000 19.130 0 204 HOH A O   1 ? 
HETATM 1225 O O   . HOH B 2 .   ? 6.778   2.929   -9.297  1.000 31.110 0 205 HOH A O   1 ? 
HETATM 1226 O O   . HOH B 2 .   ? -2.588  -10.540 8.165   1.000 35.520 0 206 HOH A O   1 ? 
HETATM 1227 O O   . HOH B 2 .   ? 13.408  4.428   3.154   1.000 17.280 0 207 HOH A O   1 ? 
HETATM 1228 O O   . HOH B 2 .   ? -9.032  -0.228  6.436   1.000 12.870 0 208 HOH A O   1 ? 
HETATM 1229 O O   . HOH B 2 .   ? 7.615   8.098   1.582   1.000 14.440 0 209 HOH A O   1 ? 
HETATM 1230 O O   . HOH B 2 .   ? -6.656  10.350  -8.056  1.000 20.730 0 210 HOH A O   1 ? 
HETATM 1231 O O   . HOH B 2 .   ? 2.777   12.204  12.011  1.000 27.780 0 211 HOH A O   1 ? 
HETATM 1232 O O   . HOH B 2 .   ? -0.977  -12.800 0.696   1.000 12.060 0 212 HOH A O   1 ? 
HETATM 1233 O O   . HOH B 2 .   ? 4.352   8.220   9.728   1.000 29.420 0 213 HOH A O   1 ? 
HETATM 1234 O O   . HOH B 2 .   ? -2.717  3.457   15.978  1.000 28.340 0 214 HOH A O   1 ? 
HETATM 1235 O O   . HOH B 2 .   ? 18.723  -1.033  -7.167  1.000 25.330 0 215 HOH A O   1 ? 
HETATM 1236 O O   . HOH B 2 .   ? 11.672  -5.867  -14.382 1.000 18.630 0 216 HOH A O   1 ? 
HETATM 1237 O O   . HOH B 2 .   ? 18.917  -5.951  -0.921  1.000 16.090 0 217 HOH A O   1 ? 
HETATM 1238 O O   . HOH B 2 .   ? 15.364  -4.000  16.103  1.000 31.040 0 218 HOH A O   1 ? 
HETATM 1239 O O   . HOH B 2 .   ? 13.698  1.869   -11.465 1.000 28.580 0 219 HOH A O   1 ? 
HETATM 1240 O O   . HOH B 2 .   ? 12.059  -16.682 -0.878  1.000 19.970 0 220 HOH A O   1 ? 
HETATM 1241 O O   . HOH B 2 .   ? 14.001  -14.884 -4.099  1.000 11.700 0 221 HOH A O   1 ? 
HETATM 1242 O O   . HOH B 2 .   ? -12.117 13.981  -11.555 1.000 17.470 0 222 HOH A O   1 ? 
HETATM 1243 O O   . HOH B 2 .   ? -10.860 -1.019  13.212  1.000 19.140 0 223 HOH A O   1 ? 
HETATM 1244 O O   . HOH B 2 .   ? 8.729   5.372   4.691   1.000 16.020 0 224 HOH A O   1 ? 
HETATM 1245 O O   . HOH B 2 .   ? -6.130  -7.714  -5.694  1.000 10.320 0 225 HOH A O   1 ? 
HETATM 1246 O O   . HOH B 2 .   ? 14.016  -8.826  -6.655  1.000 13.670 0 226 HOH A O   1 ? 
HETATM 1247 O O   . HOH B 2 .   ? -14.841 8.327   -8.883  1.000 27.110 0 227 HOH A O   1 ? 
HETATM 1248 O O   . HOH B 2 .   ? -3.540  11.711  3.570   1.000 21.880 0 228 HOH A O   1 ? 
HETATM 1249 O O   . HOH B 2 .   ? 10.382  -12.678 10.200  1.000 22.130 0 229 HOH A O   1 ? 
HETATM 1250 O O   . HOH B 2 .   ? -16.522 -7.605  -7.811  1.000 28.600 0 230 HOH A O   1 ? 
HETATM 1251 O O   . HOH B 2 .   ? -7.169  -7.934  1.003   1.000 20.360 0 231 HOH A O   1 ? 
HETATM 1252 O O   . HOH B 2 .   ? -15.313 -9.815  -2.444  1.000 29.250 0 232 HOH A O   1 ? 
HETATM 1253 O O   . HOH B 2 .   ? -6.683  -0.349  -13.097 1.000 26.060 0 233 HOH A O   1 ? 
HETATM 1254 O O   . HOH B 2 .   ? -22.004 -5.451  7.160   1.000 29.860 0 234 HOH A O   1 ? 
HETATM 1255 O O   . HOH B 2 .   ? -15.640 -6.074  1.046   1.000 22.410 0 235 HOH A O   1 ? 
HETATM 1256 O O   . HOH B 2 .   ? 17.395  -14.117 -2.330  1.000 23.360 0 236 HOH A O   1 ? 
HETATM 1257 O O   . HOH B 2 .   ? -7.758  -8.366  4.147   1.000 21.390 0 237 HOH A O   1 ? 
HETATM 1258 O O   . HOH B 2 .   ? 6.799   2.580   -11.643 1.000 20.980 0 238 HOH A O   1 ? 
HETATM 1259 O O   . HOH B 2 .   ? 21.560  -0.942  -5.259  1.000 20.800 0 239 HOH A O   1 ? 
HETATM 1260 O O   . HOH B 2 .   ? 4.741   5.460   9.002   1.000 16.390 0 240 HOH A O   1 ? 
HETATM 1261 O O   . HOH B 2 .   ? -4.333  18.933  4.973   1.000 28.020 0 241 HOH A O   1 ? 
HETATM 1262 O O   . HOH B 2 .   ? -2.403  9.827   12.620  1.000 20.000 0 242 HOH A O   1 ? 
HETATM 1263 O O   . HOH B 2 .   ? -9.143  -9.876  0.232   1.000 20.370 0 243 HOH A O   1 ? 
HETATM 1264 O O   . HOH B 2 .   ? -0.220  -1.932  8.804   1.000 23.210 0 244 HOH A O   1 ? 
HETATM 1265 O O   . HOH B 2 .   ? -10.953 -6.706  9.381   1.000 24.860 0 245 HOH A O   1 ? 
HETATM 1266 O O   . HOH B 2 .   ? -14.779 12.861  9.640   1.000 17.410 0 246 HOH A O   1 ? 
HETATM 1267 O O   . HOH B 2 .   ? -19.744 -2.224  -1.083  1.000 27.690 0 247 HOH A O   1 ? 
HETATM 1268 O O   . HOH B 2 .   ? 20.907  -4.502  5.436   1.000 28.350 0 248 HOH A O   1 ? 
HETATM 1269 O O   . HOH B 2 .   ? -2.781  7.169   12.358  1.000 9.590  0 249 HOH A O   1 ? 
HETATM 1270 O O   . HOH B 2 .   ? -15.721 6.064   -3.228  1.000 24.210 0 250 HOH A O   1 ? 
HETATM 1271 O O   . HOH B 2 .   ? 7.392   12.024  5.077   1.000 15.930 0 251 HOH A O   1 ? 
HETATM 1272 O O   . HOH B 2 .   ? -1.370  -8.381  7.961   1.000 33.740 0 252 HOH A O   1 ? 
HETATM 1273 O O   . HOH B 2 .   ? 1.349   -9.436  0.935   1.000 15.810 0 253 HOH A O   1 ? 
HETATM 1274 O O   . HOH B 2 .   ? -11.592 16.254  2.636   1.000 30.360 0 254 HOH A O   1 ? 
HETATM 1275 O O   . HOH B 2 .   ? -13.631 -7.225  7.060   1.000 30.360 0 255 HOH A O   1 ? 
HETATM 1276 O O   . HOH B 2 .   ? 1.835   -2.151  7.717   1.000 23.000 0 256 HOH A O   1 ? 
HETATM 1277 O O   . HOH B 2 .   ? -9.523  15.563  1.593   1.000 23.140 0 257 HOH A O   1 ? 
HETATM 1278 O O   . HOH B 2 .   ? 9.223   4.445   -4.433  1.000 22.520 0 258 HOH A O   1 ? 
HETATM 1279 O O   . HOH B 2 .   ? 15.350  -0.278  8.324   1.000 27.220 0 259 HOH A O   1 ? 
HETATM 1280 O O   . HOH B 2 .   ? 17.303  -1.499  4.834   1.000 20.290 0 260 HOH A O   1 ? 
HETATM 1281 O O   . HOH B 2 .   ? 11.084  -17.420 6.227   0.500 36.350 0 261 HOH A O   1 ? 
HETATM 1282 O O   . HOH B 2 .   ? 8.192   -7.693  9.794   1.000 32.140 0 262 HOH A O   1 ? 
HETATM 1283 O O   . HOH B 2 .   ? 13.870  -16.209 8.485   1.000 19.240 0 263 HOH A O   1 ? 
HETATM 1284 O O   . HOH B 2 .   ? -2.304  -6.262  9.232   1.000 21.070 0 264 HOH A O   1 ? 
HETATM 1285 O O   . HOH B 2 .   ? 15.416  2.167   -9.789  1.000 26.130 0 265 HOH A O   1 ? 
HETATM 1286 O O   . HOH B 2 .   ? -8.659  18.853  2.770   1.000 34.960 0 266 HOH A O   1 ? 
HETATM 1287 O O   . HOH B 2 .   ? -15.855 2.849   -5.312  1.000 28.600 0 267 HOH A O   1 ? 
# 
